data_8B4H
#
_entry.id   8B4H
#
_cell.length_a   1.00
_cell.length_b   1.00
_cell.length_c   1.00
_cell.angle_alpha   90.00
_cell.angle_beta   90.00
_cell.angle_gamma   90.00
#
_symmetry.space_group_name_H-M   'P 1'
#
loop_
_entity.id
_entity.type
_entity.pdbx_description
1 polymer 'Putative transposase for insertion sequence element IS5376'
2 polymer 'DNA (57-MER) / right IS21 transposon end (insertion sequence IS5376)'
3 polymer 'DNA (55-MER) / right IS21 transposon end (insertion sequence IS5376)'
4 non-polymer 'MAGNESIUM ION'
#
loop_
_entity_poly.entity_id
_entity_poly.type
_entity_poly.pdbx_seq_one_letter_code
_entity_poly.pdbx_strand_id
1 'polypeptide(L)'
;MITRGEFFMIKEMYERGMSISDIARELGIDRKTVRKYIHSPNPPSKSKRKQRKSKLDPFKPYLQKRMLEDGVFNSEKLFF
EIRQQGYTGGKTILKDYMKPFRETAKKKYTVRYETLPGEQMQVDWKEVGEVVIEGKKVKLSLFVATLGYSRMKYAVFTTS
QDQEHLMECLIQSFKYFGGVPKKVLFDNMKTVTDGREQGVVKWNQRFSEFASYYGFIPKVCRPYRAQTKGKVERAIQYIM
DHFYVGTAFESIEELNFLLHRWLDQVANRKPNATTGISPQERWAEESLKPLPLKDYDTSYLSYRKVHWDGSFSYKGEQWL
LSAEYAGKEILVKERLNGDIRLYFRGEEISHVDQQKKVISFAEKIKKKQTEMAATISPVSVEVDTRPLSVYDAFLRGESS
ENLYFQ
;
A,B,C,D
2 'polydeoxyribonucleotide'
;(DA)(DT)(DT)(DC)(DA)(DT)(DG)(DT)(DC)(DA)(DA)(DG)(DG)(DC)(DC)(DG)(DA)(DT)(DT)(DA)
(DT)(DT)(DT)(DT)(DT)(DT)(DC)(DC)(DC)(DC)(DA)(DA)(DA)(DA)(DT)(DC)(DG)(DC)(DC)(DG)
(DG)(DT)(DT)(DT)(DA)(DA)(DA)(DA)(DT)(DT)(DC)(DC)(DC)(DC)(DA)(DG)(DA)(DA)(DG)(DG)
;
E,G
3 'polydeoxyribonucleotide'
;(DC)(DC)(DT)(DT)(DC)(DT)(DG)(DG)(DG)(DG)(DA)(DA)(DT)(DT)(DT)(DT)(DA)(DA)(DA)(DC)
(DC)(DG)(DG)(DC)(DG)(DA)(DT)(DT)(DT)(DT)(DG)(DG)(DG)(DG)(DA)(DA)(DA)(DA)(DA)(DA)
(DT)(DA)(DA)(DT)(DC)(DG)(DG)(DC)(DC)(DT)(DT)(DG)(DA)(DC)(DA)
;
F,H
#
# COMPACT_ATOMS: atom_id res chain seq x y z
N MET A 1 1.17 21.85 -12.88
CA MET A 1 2.07 22.28 -11.78
C MET A 1 3.37 21.52 -11.80
N ILE A 2 4.47 22.24 -12.01
CA ILE A 2 5.78 21.59 -12.06
C ILE A 2 6.12 21.00 -10.70
N THR A 3 7.09 20.08 -10.70
CA THR A 3 7.47 19.37 -9.49
C THR A 3 8.64 20.07 -8.81
N ARG A 4 9.09 19.50 -7.69
CA ARG A 4 10.17 20.12 -6.92
C ARG A 4 11.46 20.18 -7.72
N GLY A 5 11.72 19.18 -8.55
CA GLY A 5 12.92 19.22 -9.37
C GLY A 5 12.96 20.42 -10.28
N GLU A 6 11.85 20.72 -10.94
CA GLU A 6 11.80 21.87 -11.85
C GLU A 6 11.95 23.18 -11.08
N PHE A 7 11.31 23.29 -9.91
CA PHE A 7 11.42 24.51 -9.13
C PHE A 7 12.86 24.74 -8.66
N PHE A 8 13.50 23.69 -8.16
CA PHE A 8 14.90 23.83 -7.76
C PHE A 8 15.78 24.16 -8.95
N MET A 9 15.50 23.56 -10.10
CA MET A 9 16.29 23.91 -11.28
C MET A 9 16.11 25.38 -11.61
N ILE A 10 14.89 25.88 -11.57
CA ILE A 10 14.62 27.28 -11.92
C ILE A 10 15.35 28.21 -10.96
N LYS A 11 15.29 27.90 -9.66
CA LYS A 11 15.99 28.72 -8.69
C LYS A 11 17.48 28.70 -8.97
N GLU A 12 18.03 27.52 -9.28
CA GLU A 12 19.43 27.42 -9.64
C GLU A 12 19.75 28.31 -10.84
N MET A 13 18.90 28.27 -11.87
CA MET A 13 19.23 28.96 -13.11
C MET A 13 19.22 30.46 -12.88
N TYR A 14 18.20 30.97 -12.17
CA TYR A 14 18.14 32.39 -11.87
C TYR A 14 19.30 32.82 -10.99
N GLU A 15 19.62 32.02 -9.97
CA GLU A 15 20.80 32.31 -9.16
C GLU A 15 22.06 32.30 -10.01
N ARG A 16 22.12 31.41 -11.00
CA ARG A 16 23.21 31.42 -11.97
C ARG A 16 23.19 32.66 -12.85
N GLY A 17 22.06 33.36 -12.92
CA GLY A 17 21.96 34.58 -13.69
C GLY A 17 21.41 34.43 -15.09
N MET A 18 20.85 33.27 -15.43
CA MET A 18 20.37 33.06 -16.79
C MET A 18 19.12 33.89 -17.06
N SER A 19 18.90 34.16 -18.35
CA SER A 19 17.70 34.87 -18.76
C SER A 19 16.46 34.00 -18.56
N ILE A 20 15.33 34.67 -18.31
CA ILE A 20 14.08 33.95 -18.11
C ILE A 20 13.72 33.14 -19.36
N SER A 21 13.93 33.73 -20.55
CA SER A 21 13.57 33.05 -21.78
C SER A 21 14.37 31.77 -21.97
N ASP A 22 15.67 31.81 -21.68
CA ASP A 22 16.50 30.61 -21.83
C ASP A 22 16.07 29.52 -20.85
N ILE A 23 15.72 29.91 -19.62
CA ILE A 23 15.20 28.94 -18.66
C ILE A 23 13.93 28.31 -19.21
N ALA A 24 13.04 29.13 -19.75
CA ALA A 24 11.79 28.61 -20.30
C ALA A 24 12.05 27.64 -21.44
N ARG A 25 12.98 27.98 -22.33
CA ARG A 25 13.28 27.10 -23.45
C ARG A 25 13.88 25.79 -22.98
N GLU A 26 14.84 25.84 -22.06
CA GLU A 26 15.55 24.64 -21.67
C GLU A 26 14.68 23.71 -20.84
N LEU A 27 13.89 24.26 -19.93
CA LEU A 27 13.03 23.45 -19.07
C LEU A 27 11.71 23.07 -19.74
N GLY A 28 11.42 23.61 -20.91
CA GLY A 28 10.13 23.36 -21.54
C GLY A 28 8.98 23.90 -20.72
N ILE A 29 9.14 25.10 -20.15
CA ILE A 29 8.14 25.73 -19.30
C ILE A 29 7.93 27.14 -19.81
N ASP A 30 6.70 27.65 -19.65
CA ASP A 30 6.41 29.00 -20.10
C ASP A 30 7.16 30.03 -19.25
N ARG A 31 7.39 31.19 -19.86
CA ARG A 31 8.15 32.25 -19.21
C ARG A 31 7.41 32.80 -18.00
N LYS A 32 6.09 32.89 -18.06
CA LYS A 32 5.32 33.41 -16.93
C LYS A 32 5.38 32.48 -15.74
N THR A 33 5.30 31.16 -15.97
CA THR A 33 5.46 30.21 -14.88
C THR A 33 6.85 30.32 -14.25
N VAL A 34 7.87 30.48 -15.09
CA VAL A 34 9.21 30.69 -14.58
C VAL A 34 9.23 31.92 -13.68
N ARG A 35 8.70 33.04 -14.18
CA ARG A 35 8.64 34.26 -13.38
C ARG A 35 7.97 34.02 -12.04
N LYS A 36 6.81 33.35 -12.07
CA LYS A 36 6.09 33.07 -10.84
C LYS A 36 6.96 32.29 -9.86
N TYR A 37 7.72 31.33 -10.36
CA TYR A 37 8.52 30.50 -9.46
C TYR A 37 9.86 31.12 -9.08
N ILE A 38 10.27 32.22 -9.73
CA ILE A 38 11.49 32.91 -9.28
C ILE A 38 11.30 33.43 -7.86
N HIS A 39 10.33 34.32 -7.68
CA HIS A 39 10.06 34.94 -6.39
C HIS A 39 8.89 34.20 -5.72
N SER A 40 9.20 33.02 -5.21
CA SER A 40 8.20 32.18 -4.54
C SER A 40 8.93 31.28 -3.54
N PRO A 41 9.02 31.69 -2.27
CA PRO A 41 9.67 30.82 -1.28
C PRO A 41 8.96 29.50 -1.08
N ASN A 42 7.68 29.40 -1.45
CA ASN A 42 6.94 28.16 -1.29
C ASN A 42 7.15 27.29 -2.52
N PRO A 43 7.76 26.11 -2.38
CA PRO A 43 7.97 25.25 -3.54
C PRO A 43 6.68 24.55 -3.93
N PRO A 44 6.65 23.87 -5.07
CA PRO A 44 5.44 23.12 -5.45
C PRO A 44 5.07 22.09 -4.40
N SER A 45 3.78 21.93 -4.16
CA SER A 45 3.29 21.02 -3.16
C SER A 45 1.87 20.59 -3.53
N LYS A 46 1.41 19.50 -2.90
CA LYS A 46 0.07 19.01 -3.16
C LYS A 46 -0.96 20.12 -3.00
N SER A 47 -0.83 20.92 -1.94
CA SER A 47 -1.71 22.06 -1.70
C SER A 47 -3.17 21.61 -1.70
N LYS A 48 -3.51 20.81 -0.70
CA LYS A 48 -4.88 20.35 -0.54
C LYS A 48 -5.82 21.54 -0.33
N ARG A 49 -6.94 21.55 -1.07
CA ARG A 49 -7.93 22.60 -0.93
C ARG A 49 -9.00 22.20 0.07
N LYS A 50 -10.04 23.03 0.18
CA LYS A 50 -11.13 22.81 1.11
C LYS A 50 -12.20 21.95 0.45
N GLN A 51 -12.70 20.96 1.20
CA GLN A 51 -13.78 20.12 0.70
C GLN A 51 -15.01 20.96 0.39
N ARG A 52 -15.61 20.72 -0.77
CA ARG A 52 -16.75 21.49 -1.23
C ARG A 52 -18.06 20.77 -0.86
N LYS A 53 -19.18 21.29 -1.32
CA LYS A 53 -20.47 20.70 -1.04
C LYS A 53 -20.64 19.40 -1.84
N SER A 54 -21.60 18.58 -1.40
CA SER A 54 -21.83 17.28 -2.02
C SER A 54 -23.32 16.96 -1.95
N LYS A 55 -23.76 16.09 -2.87
CA LYS A 55 -25.15 15.66 -2.87
C LYS A 55 -25.56 15.07 -1.53
N LEU A 56 -24.63 14.43 -0.83
CA LEU A 56 -24.95 13.76 0.43
C LEU A 56 -24.98 14.72 1.61
N ASP A 57 -24.48 15.95 1.45
CA ASP A 57 -24.40 16.87 2.58
C ASP A 57 -25.73 17.07 3.29
N PRO A 58 -26.83 17.39 2.61
CA PRO A 58 -28.10 17.60 3.34
C PRO A 58 -28.59 16.37 4.07
N PHE A 59 -28.16 15.17 3.67
CA PHE A 59 -28.58 13.94 4.33
C PHE A 59 -27.62 13.47 5.40
N LYS A 60 -26.44 14.11 5.53
CA LYS A 60 -25.45 13.62 6.47
C LYS A 60 -25.96 13.56 7.91
N PRO A 61 -26.71 14.53 8.42
CA PRO A 61 -27.23 14.39 9.79
C PRO A 61 -28.05 13.12 9.99
N TYR A 62 -28.89 12.77 9.01
CA TYR A 62 -29.67 11.54 9.11
C TYR A 62 -28.77 10.32 9.09
N LEU A 63 -27.73 10.35 8.24
CA LEU A 63 -26.79 9.24 8.21
C LEU A 63 -26.10 9.06 9.55
N GLN A 64 -25.68 10.17 10.17
CA GLN A 64 -25.04 10.08 11.48
C GLN A 64 -26.00 9.55 12.53
N LYS A 65 -27.26 10.00 12.48
CA LYS A 65 -28.25 9.49 13.42
C LYS A 65 -28.43 7.98 13.25
N ARG A 66 -28.51 7.51 12.00
CA ARG A 66 -28.64 6.08 11.76
C ARG A 66 -27.41 5.33 12.25
N MET A 67 -26.22 5.90 12.01
CA MET A 67 -24.98 5.19 12.32
C MET A 67 -24.77 5.06 13.82
N LEU A 68 -24.94 6.15 14.56
CA LEU A 68 -24.57 6.19 15.97
C LEU A 68 -25.70 5.70 16.87
N GLU A 69 -26.87 6.34 16.77
CA GLU A 69 -27.95 6.06 17.71
C GLU A 69 -28.62 4.72 17.40
N ASP A 70 -29.17 4.58 16.20
CA ASP A 70 -29.75 3.30 15.79
C ASP A 70 -28.67 2.24 15.65
N GLY A 71 -27.55 2.57 15.01
CA GLY A 71 -26.48 1.62 14.82
C GLY A 71 -26.56 0.88 13.49
N VAL A 72 -26.65 1.62 12.39
CA VAL A 72 -26.77 1.04 11.06
C VAL A 72 -25.52 1.37 10.27
N PHE A 73 -24.92 0.35 9.67
CA PHE A 73 -23.75 0.54 8.82
C PHE A 73 -23.85 -0.20 7.49
N ASN A 74 -25.03 -0.70 7.12
CA ASN A 74 -25.21 -1.31 5.81
C ASN A 74 -25.39 -0.22 4.77
N SER A 75 -24.54 -0.22 3.75
CA SER A 75 -24.56 0.85 2.76
C SER A 75 -25.90 0.91 2.04
N GLU A 76 -26.41 -0.24 1.59
CA GLU A 76 -27.59 -0.21 0.73
C GLU A 76 -28.85 0.12 1.53
N LYS A 77 -28.93 -0.29 2.79
CA LYS A 77 -30.11 0.04 3.57
C LYS A 77 -30.26 1.55 3.70
N LEU A 78 -29.16 2.23 4.06
CA LEU A 78 -29.19 3.68 4.17
C LEU A 78 -29.41 4.33 2.80
N PHE A 79 -28.81 3.76 1.75
CA PHE A 79 -29.06 4.27 0.41
C PHE A 79 -30.55 4.23 0.08
N PHE A 80 -31.20 3.10 0.34
CA PHE A 80 -32.63 2.97 0.09
C PHE A 80 -33.43 3.94 0.96
N GLU A 81 -33.04 4.08 2.23
CA GLU A 81 -33.78 4.96 3.13
C GLU A 81 -33.72 6.40 2.68
N ILE A 82 -32.53 6.86 2.25
CA ILE A 82 -32.37 8.25 1.86
C ILE A 82 -32.73 8.51 0.39
N ARG A 83 -32.91 7.46 -0.41
CA ARG A 83 -33.41 7.66 -1.76
C ARG A 83 -34.84 8.17 -1.74
N GLN A 84 -35.65 7.69 -0.80
CA GLN A 84 -37.01 8.17 -0.65
C GLN A 84 -37.07 9.61 -0.17
N GLN A 85 -35.96 10.13 0.37
CA GLN A 85 -35.91 11.48 0.91
C GLN A 85 -35.36 12.49 -0.10
N GLY A 86 -35.22 12.10 -1.35
CA GLY A 86 -34.75 13.00 -2.38
C GLY A 86 -33.30 12.84 -2.78
N TYR A 87 -32.59 11.85 -2.25
CA TYR A 87 -31.22 11.62 -2.67
C TYR A 87 -31.19 11.28 -4.16
N THR A 88 -30.36 11.99 -4.91
CA THR A 88 -30.21 11.78 -6.34
C THR A 88 -28.80 11.31 -6.67
N GLY A 89 -28.19 10.56 -5.75
CA GLY A 89 -26.82 10.13 -5.94
C GLY A 89 -26.65 8.62 -5.97
N GLY A 90 -25.39 8.18 -5.98
CA GLY A 90 -25.07 6.77 -6.05
C GLY A 90 -24.78 6.18 -4.68
N LYS A 91 -24.04 5.08 -4.70
CA LYS A 91 -23.75 4.31 -3.49
C LYS A 91 -22.30 4.43 -3.04
N THR A 92 -21.37 4.72 -3.96
CA THR A 92 -19.97 4.83 -3.58
C THR A 92 -19.76 5.99 -2.62
N ILE A 93 -20.49 7.09 -2.81
CA ILE A 93 -20.41 8.20 -1.87
C ILE A 93 -20.75 7.71 -0.48
N LEU A 94 -21.86 6.98 -0.36
CA LEU A 94 -22.34 6.56 0.94
C LEU A 94 -21.36 5.60 1.59
N LYS A 95 -20.81 4.68 0.81
CA LYS A 95 -19.81 3.76 1.35
C LYS A 95 -18.58 4.51 1.84
N ASP A 96 -18.09 5.46 1.04
CA ASP A 96 -16.89 6.21 1.42
C ASP A 96 -17.13 7.04 2.68
N TYR A 97 -18.29 7.72 2.74
CA TYR A 97 -18.60 8.55 3.88
C TYR A 97 -18.80 7.72 5.14
N MET A 98 -19.34 6.51 5.00
CA MET A 98 -19.62 5.65 6.13
C MET A 98 -18.42 4.82 6.57
N LYS A 99 -17.41 4.69 5.72
CA LYS A 99 -16.26 3.85 6.08
C LYS A 99 -15.63 4.28 7.39
N PRO A 100 -15.31 5.55 7.63
CA PRO A 100 -14.74 5.92 8.94
C PRO A 100 -15.64 5.58 10.11
N PHE A 101 -16.95 5.79 9.97
CA PHE A 101 -17.86 5.54 11.08
C PHE A 101 -17.92 4.06 11.42
N ARG A 102 -17.96 3.19 10.40
CA ARG A 102 -17.99 1.76 10.67
C ARG A 102 -16.64 1.27 11.19
N GLU A 103 -15.55 1.93 10.78
CA GLU A 103 -14.24 1.61 11.31
C GLU A 103 -14.07 2.08 12.75
N THR A 104 -14.85 3.07 13.18
CA THR A 104 -14.71 3.62 14.53
C THR A 104 -16.03 3.51 15.30
N ALA A 105 -16.66 2.35 15.25
CA ALA A 105 -17.93 2.10 15.91
C ALA A 105 -17.74 1.19 17.11
N LYS A 106 -18.67 1.31 18.07
CA LYS A 106 -18.65 0.49 19.27
C LYS A 106 -17.34 0.66 20.04
N LYS A 107 -16.82 1.89 20.04
CA LYS A 107 -15.58 2.21 20.74
C LYS A 107 -15.78 3.50 21.52
N LYS A 108 -15.88 3.38 22.84
CA LYS A 108 -16.04 4.53 23.72
C LYS A 108 -14.68 4.99 24.22
N TYR A 109 -14.67 5.92 25.15
CA TYR A 109 -13.45 6.34 25.83
C TYR A 109 -13.40 5.68 27.21
N THR A 110 -12.21 5.21 27.58
CA THR A 110 -12.03 4.49 28.83
C THR A 110 -10.91 5.12 29.65
N VAL A 111 -11.03 5.00 30.97
CA VAL A 111 -10.11 5.62 31.91
C VAL A 111 -9.19 4.55 32.45
N ARG A 112 -7.89 4.72 32.23
CA ARG A 112 -6.90 3.79 32.76
C ARG A 112 -6.67 4.06 34.24
N TYR A 113 -6.63 2.99 35.03
CA TYR A 113 -6.45 3.11 36.48
C TYR A 113 -5.53 2.01 36.99
N GLU A 114 -4.71 2.36 37.97
CA GLU A 114 -3.89 1.39 38.69
C GLU A 114 -4.20 1.54 40.18
N THR A 115 -4.22 0.43 40.89
CA THR A 115 -4.54 0.43 42.31
C THR A 115 -3.27 0.27 43.15
N LEU A 116 -3.44 0.35 44.46
CA LEU A 116 -2.34 0.27 45.40
C LEU A 116 -1.97 -1.17 45.67
N PRO A 117 -0.75 -1.42 46.15
CA PRO A 117 -0.34 -2.81 46.43
C PRO A 117 -1.27 -3.49 47.41
N GLY A 118 -1.60 -4.74 47.11
CA GLY A 118 -2.40 -5.54 48.02
C GLY A 118 -3.75 -4.95 48.36
N GLU A 119 -4.40 -4.31 47.38
CA GLU A 119 -5.74 -3.76 47.61
C GLU A 119 -6.68 -3.98 46.43
N GLN A 120 -6.33 -4.85 45.49
CA GLN A 120 -7.27 -5.23 44.43
C GLN A 120 -6.81 -6.56 43.86
N MET A 121 -7.61 -7.60 44.05
CA MET A 121 -7.36 -8.91 43.44
C MET A 121 -8.54 -9.20 42.52
N GLN A 122 -8.33 -9.07 41.21
CA GLN A 122 -9.38 -9.36 40.26
C GLN A 122 -9.51 -10.86 40.06
N VAL A 123 -10.74 -11.35 39.99
CA VAL A 123 -11.01 -12.78 39.87
C VAL A 123 -12.13 -12.98 38.86
N ASP A 124 -11.97 -14.00 38.02
CA ASP A 124 -12.96 -14.23 36.97
C ASP A 124 -12.98 -15.70 36.60
N TRP A 125 -14.09 -16.10 35.97
CA TRP A 125 -14.30 -17.44 35.44
C TRP A 125 -14.22 -17.43 33.92
N LYS A 126 -14.25 -18.63 33.35
CA LYS A 126 -14.39 -18.78 31.91
C LYS A 126 -14.75 -20.23 31.61
N GLU A 127 -15.80 -20.44 30.81
CA GLU A 127 -16.16 -21.77 30.35
C GLU A 127 -15.38 -22.03 29.07
N VAL A 128 -14.30 -22.81 29.17
CA VAL A 128 -13.39 -22.92 28.03
C VAL A 128 -14.06 -23.61 26.86
N GLY A 129 -14.86 -24.63 27.15
CA GLY A 129 -15.53 -25.39 26.11
C GLY A 129 -15.82 -26.79 26.59
N GLU A 130 -15.83 -27.73 25.64
CA GLU A 130 -16.11 -29.13 25.91
C GLU A 130 -14.87 -29.95 25.57
N VAL A 131 -14.44 -30.77 26.52
CA VAL A 131 -13.32 -31.68 26.32
C VAL A 131 -13.70 -33.05 26.86
N VAL A 132 -12.98 -34.07 26.39
CA VAL A 132 -13.25 -35.46 26.74
C VAL A 132 -12.06 -35.96 27.54
N ILE A 133 -12.33 -36.44 28.76
CA ILE A 133 -11.32 -37.01 29.64
C ILE A 133 -11.75 -38.44 29.97
N GLU A 134 -10.90 -39.41 29.63
CA GLU A 134 -11.19 -40.82 29.87
C GLU A 134 -12.50 -41.23 29.19
N GLY A 135 -12.82 -40.60 28.06
CA GLY A 135 -14.03 -40.93 27.33
C GLY A 135 -15.31 -40.32 27.85
N LYS A 136 -15.21 -39.39 28.81
CA LYS A 136 -16.37 -38.75 29.40
C LYS A 136 -16.25 -37.24 29.22
N LYS A 137 -17.31 -36.63 28.71
CA LYS A 137 -17.31 -35.18 28.47
C LYS A 137 -17.32 -34.41 29.78
N VAL A 138 -16.70 -33.24 29.76
CA VAL A 138 -16.67 -32.35 30.92
C VAL A 138 -16.59 -30.92 30.41
N LYS A 139 -17.33 -30.03 31.06
CA LYS A 139 -17.34 -28.61 30.70
C LYS A 139 -16.27 -27.91 31.54
N LEU A 140 -15.05 -27.88 31.01
CA LEU A 140 -13.93 -27.33 31.74
C LEU A 140 -14.04 -25.81 31.87
N SER A 141 -13.51 -25.28 32.96
CA SER A 141 -13.60 -23.85 33.24
C SER A 141 -12.31 -23.35 33.84
N LEU A 142 -11.77 -22.30 33.23
CA LEU A 142 -10.67 -21.56 33.84
C LEU A 142 -11.20 -20.71 34.99
N PHE A 143 -10.40 -20.62 36.05
CA PHE A 143 -10.58 -19.64 37.13
C PHE A 143 -9.27 -18.88 37.24
N VAL A 144 -9.33 -17.56 37.08
CA VAL A 144 -8.14 -16.72 36.98
C VAL A 144 -8.20 -15.65 38.06
N ALA A 145 -7.05 -15.41 38.69
CA ALA A 145 -6.89 -14.41 39.73
C ALA A 145 -5.64 -13.60 39.44
N THR A 146 -5.80 -12.29 39.29
CA THR A 146 -4.70 -11.38 38.99
C THR A 146 -4.62 -10.33 40.09
N LEU A 147 -3.45 -10.21 40.71
CA LEU A 147 -3.20 -9.14 41.67
C LEU A 147 -2.98 -7.84 40.91
N GLY A 148 -3.71 -6.80 41.33
CA GLY A 148 -3.72 -5.57 40.55
C GLY A 148 -2.35 -4.94 40.44
N TYR A 149 -1.64 -4.80 41.55
CA TYR A 149 -0.37 -4.10 41.54
C TYR A 149 0.71 -4.92 40.84
N SER A 150 0.82 -6.20 41.19
CA SER A 150 1.90 -7.04 40.68
C SER A 150 1.53 -7.76 39.39
N ARG A 151 0.24 -7.86 39.06
CA ARG A 151 -0.19 -8.60 37.87
C ARG A 151 0.21 -10.06 37.97
N MET A 152 0.26 -10.59 39.19
CA MET A 152 0.70 -11.96 39.46
C MET A 152 -0.43 -12.90 39.08
N LYS A 153 -0.42 -13.35 37.84
CA LYS A 153 -1.49 -14.21 37.35
C LYS A 153 -1.43 -15.59 38.01
N TYR A 154 -2.59 -16.09 38.39
CA TYR A 154 -2.77 -17.47 38.82
C TYR A 154 -4.00 -18.03 38.13
N ALA A 155 -3.94 -19.29 37.73
CA ALA A 155 -5.03 -19.91 37.00
C ALA A 155 -5.19 -21.36 37.44
N VAL A 156 -6.44 -21.84 37.40
CA VAL A 156 -6.74 -23.21 37.77
C VAL A 156 -7.92 -23.69 36.95
N PHE A 157 -7.82 -24.90 36.41
CA PHE A 157 -8.90 -25.51 35.66
C PHE A 157 -9.78 -26.34 36.59
N THR A 158 -11.09 -26.17 36.47
CA THR A 158 -12.07 -26.89 37.29
C THR A 158 -13.16 -27.46 36.39
N THR A 159 -13.93 -28.39 36.96
CA THR A 159 -15.03 -29.02 36.25
C THR A 159 -16.38 -28.36 36.54
N SER A 160 -16.48 -27.58 37.62
CA SER A 160 -17.71 -26.89 37.96
C SER A 160 -17.37 -25.56 38.61
N GLN A 161 -18.31 -24.63 38.55
CA GLN A 161 -18.16 -23.29 39.10
C GLN A 161 -19.05 -23.09 40.33
N ASP A 162 -19.22 -24.14 41.12
CA ASP A 162 -20.05 -24.05 42.31
C ASP A 162 -19.43 -23.08 43.32
N GLN A 163 -20.20 -22.77 44.36
CA GLN A 163 -19.69 -21.89 45.41
C GLN A 163 -18.49 -22.51 46.10
N GLU A 164 -18.56 -23.81 46.40
CA GLU A 164 -17.45 -24.48 47.06
C GLU A 164 -16.20 -24.46 46.18
N HIS A 165 -16.36 -24.73 44.89
CA HIS A 165 -15.21 -24.68 43.98
C HIS A 165 -14.65 -23.27 43.88
N LEU A 166 -15.53 -22.27 43.82
CA LEU A 166 -15.07 -20.89 43.80
C LEU A 166 -14.23 -20.57 45.03
N MET A 167 -14.72 -20.93 46.21
CA MET A 167 -13.98 -20.64 47.43
C MET A 167 -12.66 -21.41 47.48
N GLU A 168 -12.67 -22.68 47.03
CA GLU A 168 -11.44 -23.46 47.04
C GLU A 168 -10.40 -22.83 46.12
N CYS A 169 -10.80 -22.43 44.92
CA CYS A 169 -9.85 -21.81 44.00
C CYS A 169 -9.38 -20.46 44.54
N LEU A 170 -10.26 -19.71 45.19
CA LEU A 170 -9.85 -18.43 45.77
C LEU A 170 -8.80 -18.65 46.86
N ILE A 171 -9.00 -19.67 47.70
CA ILE A 171 -8.03 -19.96 48.74
C ILE A 171 -6.71 -20.43 48.13
N GLN A 172 -6.78 -21.25 47.08
CA GLN A 172 -5.57 -21.69 46.43
C GLN A 172 -4.78 -20.51 45.87
N SER A 173 -5.49 -19.56 45.24
CA SER A 173 -4.83 -18.36 44.75
C SER A 173 -4.23 -17.56 45.91
N PHE A 174 -4.96 -17.45 47.02
CA PHE A 174 -4.45 -16.71 48.16
C PHE A 174 -3.15 -17.30 48.68
N LYS A 175 -3.13 -18.62 48.92
CA LYS A 175 -1.92 -19.25 49.42
C LYS A 175 -0.81 -19.22 48.37
N TYR A 176 -1.18 -19.17 47.09
CA TYR A 176 -0.18 -18.97 46.05
C TYR A 176 0.47 -17.60 46.17
N PHE A 177 -0.34 -16.57 46.46
CA PHE A 177 0.20 -15.23 46.65
C PHE A 177 0.89 -15.09 48.00
N GLY A 178 0.36 -15.74 49.03
CA GLY A 178 0.87 -15.62 50.38
C GLY A 178 0.04 -14.73 51.29
N GLY A 179 -0.91 -13.99 50.74
CA GLY A 179 -1.75 -13.11 51.55
C GLY A 179 -3.05 -12.81 50.84
N VAL A 180 -4.01 -12.32 51.64
CA VAL A 180 -5.34 -11.98 51.14
C VAL A 180 -5.40 -10.47 50.96
N PRO A 181 -5.51 -9.96 49.73
CA PRO A 181 -5.72 -8.52 49.57
C PRO A 181 -7.07 -8.10 50.14
N LYS A 182 -7.12 -6.85 50.59
CA LYS A 182 -8.32 -6.38 51.29
C LYS A 182 -9.54 -6.39 50.37
N LYS A 183 -9.36 -5.98 49.11
CA LYS A 183 -10.47 -5.88 48.17
C LYS A 183 -10.30 -6.92 47.06
N VAL A 184 -11.34 -7.71 46.85
CA VAL A 184 -11.37 -8.72 45.80
C VAL A 184 -12.45 -8.32 44.81
N LEU A 185 -12.06 -8.13 43.55
CA LEU A 185 -12.98 -7.71 42.50
C LEU A 185 -13.54 -8.94 41.80
N PHE A 186 -14.87 -8.98 41.64
CA PHE A 186 -15.55 -10.09 40.99
C PHE A 186 -16.46 -9.58 39.89
N ASP A 187 -17.25 -10.48 39.30
CA ASP A 187 -18.27 -10.13 38.32
C ASP A 187 -19.65 -10.45 38.90
N ASN A 188 -20.68 -9.94 38.24
CA ASN A 188 -22.05 -10.17 38.68
C ASN A 188 -22.40 -11.63 38.48
N MET A 189 -22.41 -12.40 39.58
CA MET A 189 -22.77 -13.81 39.54
C MET A 189 -23.60 -14.13 40.77
N LYS A 190 -24.35 -15.23 40.67
CA LYS A 190 -25.24 -15.62 41.76
C LYS A 190 -24.48 -15.91 43.05
N THR A 191 -23.35 -16.62 42.93
CA THR A 191 -22.59 -16.98 44.12
C THR A 191 -22.05 -15.74 44.83
N VAL A 192 -21.44 -14.83 44.07
CA VAL A 192 -20.87 -13.63 44.68
C VAL A 192 -21.97 -12.69 45.17
N THR A 193 -23.03 -12.53 44.39
CA THR A 193 -24.11 -11.60 44.70
C THR A 193 -25.44 -12.33 44.59
N ASP A 194 -26.28 -12.20 45.63
CA ASP A 194 -27.62 -12.74 45.57
C ASP A 194 -28.45 -12.02 44.51
N GLY A 195 -28.31 -10.71 44.42
CA GLY A 195 -29.04 -9.92 43.44
C GLY A 195 -28.66 -8.46 43.49
N ARG A 196 -29.59 -7.59 43.09
CA ARG A 196 -29.39 -6.15 43.11
C ARG A 196 -30.57 -5.47 43.77
N GLU A 197 -30.30 -4.33 44.40
CA GLU A 197 -31.33 -3.56 45.11
C GLU A 197 -31.15 -2.09 44.73
N GLN A 198 -31.84 -1.67 43.66
CA GLN A 198 -31.82 -0.29 43.21
C GLN A 198 -30.39 0.22 43.05
N GLY A 199 -29.59 -0.54 42.31
CA GLY A 199 -28.20 -0.17 42.08
C GLY A 199 -27.34 -0.19 43.32
N VAL A 200 -27.59 -1.13 44.23
CA VAL A 200 -26.80 -1.30 45.44
C VAL A 200 -26.19 -2.70 45.41
N VAL A 201 -24.87 -2.76 45.56
CA VAL A 201 -24.18 -4.05 45.50
C VAL A 201 -24.62 -4.91 46.69
N LYS A 202 -24.97 -6.16 46.40
CA LYS A 202 -25.42 -7.10 47.41
C LYS A 202 -24.57 -8.37 47.32
N TRP A 203 -24.26 -8.94 48.49
CA TRP A 203 -23.42 -10.13 48.56
C TRP A 203 -24.12 -11.20 49.38
N ASN A 204 -23.86 -12.46 49.02
CA ASN A 204 -24.46 -13.57 49.73
C ASN A 204 -23.90 -13.68 51.15
N GLN A 205 -24.76 -14.16 52.06
CA GLN A 205 -24.33 -14.31 53.44
C GLN A 205 -23.17 -15.30 53.56
N ARG A 206 -23.24 -16.41 52.83
CA ARG A 206 -22.16 -17.40 52.87
C ARG A 206 -20.85 -16.77 52.43
N PHE A 207 -20.86 -16.07 51.29
CA PHE A 207 -19.63 -15.46 50.80
C PHE A 207 -19.16 -14.35 51.73
N SER A 208 -20.09 -13.60 52.31
CA SER A 208 -19.71 -12.54 53.24
C SER A 208 -19.00 -13.11 54.47
N GLU A 209 -19.55 -14.17 55.06
CA GLU A 209 -18.91 -14.77 56.22
C GLU A 209 -17.58 -15.42 55.84
N PHE A 210 -17.51 -16.02 54.64
CA PHE A 210 -16.25 -16.55 54.16
C PHE A 210 -15.18 -15.46 54.07
N ALA A 211 -15.53 -14.33 53.46
CA ALA A 211 -14.56 -13.25 53.32
C ALA A 211 -14.16 -12.68 54.68
N SER A 212 -15.13 -12.56 55.60
CA SER A 212 -14.80 -12.11 56.94
C SER A 212 -13.83 -13.07 57.62
N TYR A 213 -14.03 -14.37 57.42
CA TYR A 213 -13.10 -15.35 57.96
C TYR A 213 -11.72 -15.17 57.36
N TYR A 214 -11.64 -14.89 56.06
CA TYR A 214 -10.37 -14.65 55.39
C TYR A 214 -10.00 -13.18 55.27
N GLY A 215 -10.78 -12.28 55.85
CA GLY A 215 -10.36 -10.89 55.94
C GLY A 215 -10.19 -10.17 54.62
N PHE A 216 -11.12 -10.35 53.69
CA PHE A 216 -11.17 -9.55 52.48
C PHE A 216 -12.59 -9.09 52.25
N ILE A 217 -12.75 -8.13 51.35
CA ILE A 217 -14.06 -7.54 51.07
C ILE A 217 -14.33 -7.60 49.57
N PRO A 218 -15.48 -8.14 49.15
CA PRO A 218 -15.82 -8.07 47.72
C PRO A 218 -16.05 -6.64 47.27
N LYS A 219 -15.73 -6.39 46.00
CA LYS A 219 -15.84 -5.06 45.42
C LYS A 219 -16.42 -5.17 44.01
N VAL A 220 -17.51 -5.95 43.88
CA VAL A 220 -18.11 -6.19 42.58
C VAL A 220 -18.30 -4.87 41.83
N CYS A 221 -18.03 -4.90 40.53
CA CYS A 221 -18.06 -3.69 39.72
C CYS A 221 -19.50 -3.36 39.31
N ARG A 222 -19.63 -2.36 38.43
CA ARG A 222 -20.94 -1.95 37.97
C ARG A 222 -21.61 -3.09 37.20
N PRO A 223 -22.90 -3.33 37.38
CA PRO A 223 -23.56 -4.40 36.63
C PRO A 223 -23.50 -4.16 35.13
N TYR A 224 -23.28 -5.24 34.39
CA TYR A 224 -23.24 -5.22 32.93
C TYR A 224 -21.98 -4.55 32.39
N ARG A 225 -21.17 -3.97 33.27
CA ARG A 225 -19.89 -3.38 32.88
C ARG A 225 -18.78 -4.33 33.33
N ALA A 226 -18.53 -5.34 32.51
CA ALA A 226 -17.45 -6.28 32.77
C ALA A 226 -16.10 -5.78 32.28
N GLN A 227 -16.06 -4.60 31.64
CA GLN A 227 -14.79 -4.00 31.26
C GLN A 227 -13.98 -3.57 32.48
N THR A 228 -14.63 -3.41 33.63
CA THR A 228 -13.92 -2.91 34.82
C THR A 228 -12.78 -3.84 35.20
N LYS A 229 -13.00 -5.15 35.09
CA LYS A 229 -11.98 -6.14 35.45
C LYS A 229 -11.14 -6.52 34.23
N GLY A 230 -10.51 -5.49 33.65
CA GLY A 230 -9.70 -5.72 32.45
C GLY A 230 -8.52 -6.61 32.71
N LYS A 231 -7.90 -6.49 33.89
CA LYS A 231 -6.69 -7.25 34.18
C LYS A 231 -6.94 -8.74 34.08
N VAL A 232 -7.97 -9.24 34.76
CA VAL A 232 -8.23 -10.67 34.77
C VAL A 232 -8.69 -11.13 33.38
N GLU A 233 -9.48 -10.30 32.70
CA GLU A 233 -9.97 -10.69 31.38
C GLU A 233 -8.83 -10.85 30.39
N ARG A 234 -7.86 -9.95 30.41
CA ARG A 234 -6.72 -10.10 29.52
C ARG A 234 -5.76 -11.17 29.99
N ALA A 235 -5.68 -11.42 31.30
CA ALA A 235 -4.97 -12.61 31.78
C ALA A 235 -5.63 -13.89 31.31
N ILE A 236 -6.94 -13.85 31.03
CA ILE A 236 -7.65 -14.99 30.47
C ILE A 236 -7.48 -15.09 28.96
N GLN A 237 -7.26 -13.97 28.27
CA GLN A 237 -6.98 -14.02 26.84
C GLN A 237 -5.50 -14.27 26.56
N TYR A 238 -4.65 -14.19 27.59
CA TYR A 238 -3.27 -14.65 27.50
C TYR A 238 -3.13 -16.15 27.71
N ILE A 239 -3.79 -16.70 28.72
CA ILE A 239 -3.76 -18.14 28.94
C ILE A 239 -4.33 -18.88 27.75
N MET A 240 -5.46 -18.39 27.21
CA MET A 240 -6.10 -19.06 26.09
C MET A 240 -5.29 -18.93 24.80
N ASP A 241 -4.66 -17.79 24.57
CA ASP A 241 -3.95 -17.54 23.32
C ASP A 241 -2.47 -17.93 23.41
N HIS A 242 -2.02 -18.44 24.55
CA HIS A 242 -0.65 -18.91 24.69
C HIS A 242 -0.52 -20.34 25.17
N PHE A 243 -1.41 -20.83 26.03
CA PHE A 243 -1.23 -22.13 26.66
C PHE A 243 -2.23 -23.16 26.15
N TYR A 244 -3.53 -22.87 26.21
CA TYR A 244 -4.53 -23.87 25.86
C TYR A 244 -4.47 -24.21 24.37
N VAL A 245 -4.17 -23.22 23.52
CA VAL A 245 -4.11 -23.45 22.09
C VAL A 245 -2.85 -24.26 21.78
N GLY A 246 -3.01 -25.57 21.62
CA GLY A 246 -1.91 -26.47 21.42
C GLY A 246 -1.51 -27.28 22.65
N THR A 247 -2.40 -27.45 23.61
CA THR A 247 -2.10 -28.18 24.85
C THR A 247 -2.63 -29.60 24.74
N ALA A 248 -1.80 -30.56 25.12
CA ALA A 248 -2.18 -31.96 25.14
C ALA A 248 -2.26 -32.42 26.60
N PHE A 249 -3.43 -32.93 26.99
CA PHE A 249 -3.65 -33.33 28.37
C PHE A 249 -4.56 -34.55 28.40
N GLU A 250 -4.42 -35.35 29.46
CA GLU A 250 -5.27 -36.52 29.68
C GLU A 250 -5.93 -36.52 31.04
N SER A 251 -5.32 -35.94 32.06
CA SER A 251 -5.90 -35.86 33.39
C SER A 251 -5.95 -34.40 33.84
N ILE A 252 -6.97 -34.09 34.64
CA ILE A 252 -7.18 -32.71 35.09
C ILE A 252 -5.99 -32.23 35.93
N GLU A 253 -5.51 -33.09 36.83
CA GLU A 253 -4.34 -32.72 37.62
C GLU A 253 -3.15 -32.44 36.73
N GLU A 254 -2.97 -33.26 35.68
CA GLU A 254 -1.88 -33.02 34.74
C GLU A 254 -2.02 -31.66 34.09
N LEU A 255 -3.24 -31.30 33.66
CA LEU A 255 -3.42 -30.01 33.02
C LEU A 255 -3.14 -28.86 33.97
N ASN A 256 -3.62 -28.97 35.21
CA ASN A 256 -3.39 -27.90 36.19
C ASN A 256 -1.90 -27.76 36.49
N PHE A 257 -1.20 -28.89 36.58
CA PHE A 257 0.24 -28.87 36.82
C PHE A 257 1.00 -28.26 35.65
N LEU A 258 0.61 -28.62 34.43
CA LEU A 258 1.15 -27.96 33.23
C LEU A 258 0.94 -26.45 33.31
N LEU A 259 -0.28 -26.03 33.68
CA LEU A 259 -0.59 -24.61 33.71
C LEU A 259 0.24 -23.88 34.76
N HIS A 260 0.39 -24.48 35.94
CA HIS A 260 1.18 -23.82 36.99
C HIS A 260 2.65 -23.71 36.60
N ARG A 261 3.22 -24.77 36.01
CA ARG A 261 4.59 -24.64 35.50
C ARG A 261 4.69 -23.57 34.43
N TRP A 262 3.73 -23.52 33.51
CA TRP A 262 3.78 -22.49 32.48
C TRP A 262 3.71 -21.10 33.09
N LEU A 263 2.87 -20.93 34.11
CA LEU A 263 2.79 -19.66 34.82
C LEU A 263 4.16 -19.29 35.37
N ASP A 264 4.71 -20.14 36.23
CA ASP A 264 5.99 -19.84 36.85
C ASP A 264 7.09 -19.63 35.82
N GLN A 265 6.97 -20.23 34.63
CA GLN A 265 7.99 -20.04 33.61
C GLN A 265 7.87 -18.68 32.93
N VAL A 266 6.74 -18.40 32.28
CA VAL A 266 6.65 -17.22 31.42
C VAL A 266 5.56 -16.26 31.86
N ALA A 267 4.49 -16.77 32.48
CA ALA A 267 3.35 -15.91 32.73
C ALA A 267 3.56 -15.00 33.93
N ASN A 268 4.41 -15.38 34.88
CA ASN A 268 4.62 -14.61 36.09
C ASN A 268 5.94 -13.85 36.10
N ARG A 269 6.83 -14.07 35.12
CA ARG A 269 8.10 -13.38 35.06
C ARG A 269 8.34 -12.66 33.73
N LYS A 270 7.41 -12.72 32.80
CA LYS A 270 7.57 -11.97 31.56
C LYS A 270 7.35 -10.49 31.82
N PRO A 271 8.25 -9.60 31.39
CA PRO A 271 8.09 -8.18 31.71
C PRO A 271 6.81 -7.61 31.12
N ASN A 272 5.92 -7.18 32.01
CA ASN A 272 4.64 -6.61 31.58
C ASN A 272 4.88 -5.35 30.76
N ALA A 273 4.05 -5.15 29.73
CA ALA A 273 4.23 -4.00 28.85
C ALA A 273 3.95 -2.70 29.57
N THR A 274 2.82 -2.60 30.27
CA THR A 274 2.46 -1.34 30.92
C THR A 274 3.39 -1.05 32.09
N THR A 275 3.64 -2.03 32.94
CA THR A 275 4.48 -1.83 34.11
C THR A 275 5.97 -1.91 33.80
N GLY A 276 6.34 -2.66 32.77
CA GLY A 276 7.74 -2.79 32.41
C GLY A 276 8.58 -3.57 33.39
N ILE A 277 7.96 -4.24 34.36
CA ILE A 277 8.67 -4.97 35.39
C ILE A 277 8.06 -6.36 35.50
N SER A 278 8.90 -7.35 35.78
CA SER A 278 8.42 -8.72 35.89
C SER A 278 7.47 -8.85 37.08
N PRO A 279 6.37 -9.60 36.93
CA PRO A 279 5.44 -9.73 38.06
C PRO A 279 6.06 -10.33 39.30
N GLN A 280 7.02 -11.25 39.16
CA GLN A 280 7.56 -11.92 40.33
C GLN A 280 8.37 -10.97 41.20
N GLU A 281 9.03 -9.98 40.61
CA GLU A 281 9.83 -9.02 41.38
C GLU A 281 9.00 -7.84 41.88
N ARG A 282 7.69 -7.86 41.66
CA ARG A 282 6.77 -6.94 42.35
C ARG A 282 5.72 -7.70 43.16
N TRP A 283 5.77 -9.03 43.16
CA TRP A 283 4.87 -9.83 43.97
C TRP A 283 5.24 -9.80 45.45
N ALA A 284 6.43 -9.32 45.79
CA ALA A 284 6.87 -9.20 47.18
C ALA A 284 6.62 -7.82 47.75
N GLU A 285 6.01 -6.92 46.98
CA GLU A 285 5.71 -5.56 47.43
C GLU A 285 4.27 -5.41 47.91
N GLU A 286 3.54 -6.50 48.09
CA GLU A 286 2.14 -6.46 48.46
C GLU A 286 1.98 -7.03 49.87
N SER A 287 1.22 -6.32 50.71
CA SER A 287 1.01 -6.75 52.08
C SER A 287 0.27 -8.09 52.11
N LEU A 288 0.67 -8.96 53.03
CA LEU A 288 0.14 -10.31 53.13
C LEU A 288 -0.20 -10.65 54.58
N LYS A 289 -1.28 -11.43 54.75
CA LYS A 289 -1.70 -11.93 56.05
C LYS A 289 -2.55 -13.18 55.86
N PRO A 290 -1.97 -14.37 55.87
CA PRO A 290 -2.74 -15.59 55.60
C PRO A 290 -3.51 -16.06 56.83
N LEU A 291 -4.29 -17.12 56.63
CA LEU A 291 -5.05 -17.75 57.70
C LEU A 291 -5.29 -19.21 57.32
N PRO A 292 -5.60 -20.06 58.29
CA PRO A 292 -5.84 -21.48 58.01
C PRO A 292 -6.99 -21.67 57.03
N LEU A 293 -7.18 -22.93 56.64
CA LEU A 293 -8.14 -23.28 55.59
C LEU A 293 -9.36 -24.00 56.17
N LYS A 294 -10.49 -23.84 55.48
CA LYS A 294 -11.76 -24.43 55.87
C LYS A 294 -12.58 -24.69 54.62
N ASP A 295 -13.55 -25.60 54.74
CA ASP A 295 -14.38 -25.97 53.61
C ASP A 295 -15.70 -26.52 54.14
N TYR A 296 -16.68 -26.62 53.23
CA TYR A 296 -18.02 -27.09 53.57
C TYR A 296 -18.42 -28.26 52.69
N ASP A 297 -17.55 -29.25 52.54
CA ASP A 297 -17.82 -30.40 51.67
C ASP A 297 -18.98 -31.21 52.24
N THR A 298 -20.15 -31.09 51.61
CA THR A 298 -21.33 -31.84 52.03
C THR A 298 -22.18 -32.14 50.81
N SER A 299 -22.95 -33.22 50.89
CA SER A 299 -23.90 -33.60 49.84
C SER A 299 -25.16 -34.15 50.49
N TYR A 300 -26.31 -33.61 50.11
CA TYR A 300 -27.59 -34.10 50.61
C TYR A 300 -27.80 -35.54 50.14
N LEU A 301 -27.91 -36.47 51.07
CA LEU A 301 -27.88 -37.89 50.76
C LEU A 301 -28.85 -38.62 51.69
N SER A 302 -28.70 -39.94 51.78
CA SER A 302 -29.67 -40.78 52.48
C SER A 302 -29.63 -40.54 54.00
N TYR A 303 -30.71 -40.97 54.64
CA TYR A 303 -30.88 -40.87 56.09
C TYR A 303 -30.82 -42.25 56.73
N ARG A 304 -30.61 -42.24 58.04
CA ARG A 304 -30.63 -43.45 58.86
C ARG A 304 -31.23 -43.14 60.21
N LYS A 305 -32.13 -44.01 60.68
CA LYS A 305 -32.68 -43.84 62.01
C LYS A 305 -31.75 -44.48 63.04
N VAL A 306 -31.47 -43.74 64.11
CA VAL A 306 -30.57 -44.20 65.15
C VAL A 306 -31.36 -45.00 66.17
N HIS A 307 -30.88 -46.20 66.49
CA HIS A 307 -31.54 -47.04 67.47
C HIS A 307 -31.39 -46.43 68.86
N TRP A 308 -32.20 -46.95 69.80
CA TRP A 308 -32.20 -46.42 71.16
C TRP A 308 -30.86 -46.63 71.86
N ASP A 309 -30.04 -47.55 71.37
CA ASP A 309 -28.71 -47.79 71.93
C ASP A 309 -27.64 -46.89 71.33
N GLY A 310 -28.01 -46.01 70.40
CA GLY A 310 -27.06 -45.11 69.77
C GLY A 310 -26.33 -45.68 68.58
N SER A 311 -26.67 -46.90 68.15
CA SER A 311 -26.00 -47.56 67.04
C SER A 311 -26.90 -47.54 65.81
N PHE A 312 -26.30 -47.26 64.65
CA PHE A 312 -27.00 -47.33 63.38
C PHE A 312 -26.11 -47.99 62.34
N SER A 313 -26.74 -48.66 61.38
CA SER A 313 -26.06 -49.45 60.38
C SER A 313 -26.03 -48.72 59.06
N TYR A 314 -24.85 -48.64 58.44
CA TYR A 314 -24.67 -48.01 57.14
C TYR A 314 -23.73 -48.88 56.32
N LYS A 315 -24.22 -49.37 55.17
CA LYS A 315 -23.43 -50.21 54.28
C LYS A 315 -22.84 -51.40 55.03
N GLY A 316 -23.58 -51.93 56.01
CA GLY A 316 -23.15 -53.08 56.76
C GLY A 316 -22.24 -52.79 57.93
N GLU A 317 -21.83 -51.54 58.12
CA GLU A 317 -20.95 -51.15 59.22
C GLU A 317 -21.75 -50.47 60.32
N GLN A 318 -21.27 -50.62 61.55
CA GLN A 318 -21.96 -50.09 62.73
C GLN A 318 -21.32 -48.79 63.18
N TRP A 319 -22.15 -47.78 63.42
CA TRP A 319 -21.69 -46.46 63.83
C TRP A 319 -22.42 -46.06 65.11
N LEU A 320 -21.65 -45.64 66.11
CA LEU A 320 -22.17 -45.26 67.41
C LEU A 320 -22.08 -43.75 67.57
N LEU A 321 -23.14 -43.15 68.09
CA LEU A 321 -23.23 -41.73 68.35
C LEU A 321 -23.55 -41.49 69.82
N SER A 322 -23.52 -40.22 70.22
CA SER A 322 -23.88 -39.84 71.57
C SER A 322 -25.32 -40.23 71.87
N ALA A 323 -25.62 -40.48 73.14
CA ALA A 323 -26.96 -40.89 73.54
C ALA A 323 -28.00 -39.84 73.20
N GLU A 324 -27.60 -38.59 72.99
CA GLU A 324 -28.56 -37.55 72.63
C GLU A 324 -29.25 -37.84 71.31
N TYR A 325 -28.60 -38.58 70.42
CA TYR A 325 -29.15 -38.91 69.12
C TYR A 325 -29.95 -40.22 69.12
N ALA A 326 -30.05 -40.89 70.26
CA ALA A 326 -30.77 -42.16 70.32
C ALA A 326 -32.23 -41.96 69.94
N GLY A 327 -32.72 -42.82 69.04
CA GLY A 327 -34.09 -42.77 68.61
C GLY A 327 -34.42 -41.71 67.58
N LYS A 328 -33.43 -40.95 67.12
CA LYS A 328 -33.65 -39.87 66.17
C LYS A 328 -33.11 -40.25 64.79
N GLU A 329 -33.53 -39.50 63.80
CA GLU A 329 -33.14 -39.72 62.41
C GLU A 329 -32.01 -38.76 62.05
N ILE A 330 -30.96 -39.29 61.41
CA ILE A 330 -29.79 -38.52 61.03
C ILE A 330 -29.58 -38.64 59.53
N LEU A 331 -28.73 -37.76 59.01
CA LEU A 331 -28.39 -37.69 57.60
C LEU A 331 -26.95 -38.15 57.41
N VAL A 332 -26.75 -39.22 56.65
CA VAL A 332 -25.42 -39.73 56.36
C VAL A 332 -24.98 -39.18 55.01
N LYS A 333 -23.84 -38.52 54.98
CA LYS A 333 -23.33 -37.84 53.78
C LYS A 333 -22.05 -38.55 53.35
N GLU A 334 -22.14 -39.36 52.30
CA GLU A 334 -21.01 -40.11 51.78
C GLU A 334 -20.67 -39.57 50.39
N ARG A 335 -19.42 -39.16 50.21
CA ARG A 335 -18.94 -38.67 48.93
C ARG A 335 -18.31 -39.82 48.13
N LEU A 336 -18.05 -39.54 46.85
CA LEU A 336 -17.49 -40.56 45.97
C LEU A 336 -16.11 -41.01 46.43
N ASN A 337 -15.42 -40.21 47.23
CA ASN A 337 -14.09 -40.54 47.72
C ASN A 337 -14.11 -41.30 49.04
N GLY A 338 -15.30 -41.64 49.55
CA GLY A 338 -15.43 -42.39 50.77
C GLY A 338 -15.53 -41.56 52.04
N ASP A 339 -15.43 -40.23 51.93
CA ASP A 339 -15.58 -39.38 53.10
C ASP A 339 -17.02 -39.46 53.61
N ILE A 340 -17.18 -39.76 54.89
CA ILE A 340 -18.49 -39.95 55.50
C ILE A 340 -18.65 -38.94 56.62
N ARG A 341 -19.76 -38.20 56.58
CA ARG A 341 -20.15 -37.26 57.62
C ARG A 341 -21.55 -37.61 58.11
N LEU A 342 -21.88 -37.13 59.30
CA LEU A 342 -23.20 -37.33 59.88
C LEU A 342 -23.76 -35.99 60.34
N TYR A 343 -25.04 -35.75 60.06
CA TYR A 343 -25.70 -34.50 60.37
C TYR A 343 -27.03 -34.77 61.06
N PHE A 344 -27.44 -33.83 61.90
CA PHE A 344 -28.72 -33.90 62.59
C PHE A 344 -29.34 -32.51 62.59
N ARG A 345 -30.50 -32.39 61.93
CA ARG A 345 -31.20 -31.11 61.83
C ARG A 345 -30.30 -30.04 61.21
N GLY A 346 -29.45 -30.46 60.26
CA GLY A 346 -28.57 -29.55 59.56
C GLY A 346 -27.25 -29.28 60.24
N GLU A 347 -27.02 -29.82 61.44
CA GLU A 347 -25.79 -29.61 62.17
C GLU A 347 -24.92 -30.86 62.09
N GLU A 348 -23.65 -30.68 61.73
CA GLU A 348 -22.75 -31.81 61.59
C GLU A 348 -22.46 -32.44 62.94
N ILE A 349 -22.45 -33.77 62.99
CA ILE A 349 -22.10 -34.52 64.19
C ILE A 349 -20.59 -34.75 64.18
N SER A 350 -19.90 -34.19 65.17
CA SER A 350 -18.45 -34.26 65.21
C SER A 350 -17.92 -35.49 65.95
N HIS A 351 -18.75 -36.16 66.75
CA HIS A 351 -18.32 -37.31 67.54
C HIS A 351 -19.03 -38.55 66.99
N VAL A 352 -18.25 -39.46 66.39
CA VAL A 352 -18.77 -40.69 65.82
C VAL A 352 -17.74 -41.79 66.05
N ASP A 353 -18.22 -42.98 66.41
CA ASP A 353 -17.36 -44.14 66.60
C ASP A 353 -17.72 -45.21 65.58
N GLN A 354 -16.73 -45.70 64.85
CA GLN A 354 -16.93 -46.70 63.80
C GLN A 354 -16.52 -48.06 64.36
N GLN A 355 -17.52 -48.89 64.69
CA GLN A 355 -17.27 -50.23 65.20
C GLN A 355 -17.36 -51.21 64.03
N LYS A 356 -16.21 -51.73 63.60
CA LYS A 356 -16.14 -52.58 62.42
C LYS A 356 -16.57 -54.00 62.78
N LYS A 357 -17.86 -54.13 63.09
CA LYS A 357 -18.47 -55.44 63.34
C LYS A 357 -19.13 -55.93 62.05
N VAL A 358 -18.28 -56.31 61.10
CA VAL A 358 -18.73 -56.76 59.80
C VAL A 358 -19.08 -58.25 59.86
N MET B 1 22.73 -2.70 -10.98
CA MET B 1 21.94 -3.05 -12.20
C MET B 1 21.18 -1.85 -12.71
N ILE B 2 21.51 -1.42 -13.93
CA ILE B 2 20.84 -0.27 -14.52
C ILE B 2 19.36 -0.58 -14.75
N THR B 3 18.57 0.47 -14.92
CA THR B 3 17.14 0.34 -15.07
C THR B 3 16.76 0.28 -16.55
N ARG B 4 15.46 0.17 -16.82
CA ARG B 4 14.99 0.04 -18.20
C ARG B 4 15.33 1.27 -19.02
N GLY B 5 15.28 2.45 -18.41
CA GLY B 5 15.63 3.65 -19.14
C GLY B 5 17.05 3.62 -19.68
N GLU B 6 18.00 3.19 -18.85
CA GLU B 6 19.39 3.12 -19.29
C GLU B 6 19.58 2.07 -20.39
N PHE B 7 18.91 0.91 -20.26
CA PHE B 7 19.03 -0.12 -21.27
C PHE B 7 18.47 0.35 -22.61
N PHE B 8 17.29 0.98 -22.59
CA PHE B 8 16.73 1.52 -23.82
C PHE B 8 17.63 2.60 -24.40
N MET B 9 18.20 3.44 -23.54
CA MET B 9 19.12 4.45 -24.06
C MET B 9 20.30 3.79 -24.74
N ILE B 10 20.87 2.76 -24.13
CA ILE B 10 22.05 2.10 -24.69
C ILE B 10 21.71 1.48 -26.04
N LYS B 11 20.56 0.81 -26.12
CA LYS B 11 20.15 0.23 -27.39
C LYS B 11 19.99 1.31 -28.44
N GLU B 12 19.37 2.44 -28.06
CA GLU B 12 19.25 3.57 -28.97
C GLU B 12 20.61 4.03 -29.46
N MET B 13 21.57 4.16 -28.54
CA MET B 13 22.86 4.75 -28.90
C MET B 13 23.60 3.83 -29.86
N TYR B 14 23.61 2.53 -29.58
CA TYR B 14 24.27 1.58 -30.46
C TYR B 14 23.58 1.52 -31.81
N GLU B 15 22.24 1.52 -31.82
CA GLU B 15 21.52 1.59 -33.09
C GLU B 15 21.85 2.87 -33.83
N ARG B 16 22.05 3.97 -33.09
CA ARG B 16 22.52 5.21 -33.69
C ARG B 16 23.95 5.10 -34.20
N GLY B 17 24.70 4.10 -33.76
CA GLY B 17 26.05 3.88 -34.23
C GLY B 17 27.15 4.46 -33.38
N MET B 18 26.84 4.93 -32.18
CA MET B 18 27.85 5.57 -31.35
C MET B 18 28.87 4.56 -30.84
N SER B 19 30.06 5.05 -30.52
CA SER B 19 31.09 4.21 -29.95
C SER B 19 30.71 3.79 -28.53
N ILE B 20 31.20 2.61 -28.14
CA ILE B 20 30.92 2.09 -26.80
C ILE B 20 31.46 3.05 -25.74
N SER B 21 32.67 3.59 -25.97
CA SER B 21 33.27 4.47 -24.98
C SER B 21 32.44 5.73 -24.77
N ASP B 22 31.93 6.32 -25.84
CA ASP B 22 31.12 7.53 -25.70
C ASP B 22 29.82 7.24 -24.96
N ILE B 23 29.22 6.08 -25.23
CA ILE B 23 28.02 5.68 -24.48
C ILE B 23 28.36 5.57 -23.00
N ALA B 24 29.48 4.93 -22.70
CA ALA B 24 29.88 4.77 -21.30
C ALA B 24 30.09 6.12 -20.63
N ARG B 25 30.75 7.05 -21.32
CA ARG B 25 30.99 8.36 -20.74
C ARG B 25 29.70 9.12 -20.52
N GLU B 26 28.80 9.12 -21.50
CA GLU B 26 27.59 9.93 -21.41
C GLU B 26 26.62 9.38 -20.39
N LEU B 27 26.45 8.05 -20.34
CA LEU B 27 25.52 7.44 -19.41
C LEU B 27 26.12 7.23 -18.02
N GLY B 28 27.40 7.49 -17.84
CA GLY B 28 28.03 7.21 -16.56
C GLY B 28 28.02 5.74 -16.22
N ILE B 29 28.28 4.88 -17.21
CA ILE B 29 28.26 3.43 -17.04
C ILE B 29 29.56 2.89 -17.61
N ASP B 30 30.04 1.79 -17.03
CA ASP B 30 31.27 1.19 -17.52
C ASP B 30 31.08 0.60 -18.91
N ARG B 31 32.19 0.51 -19.65
CA ARG B 31 32.15 0.03 -21.02
C ARG B 31 31.75 -1.43 -21.09
N LYS B 32 32.17 -2.24 -20.13
CA LYS B 32 31.82 -3.66 -20.14
C LYS B 32 30.33 -3.87 -19.91
N THR B 33 29.73 -3.10 -19.00
CA THR B 33 28.28 -3.18 -18.80
C THR B 33 27.54 -2.77 -20.08
N VAL B 34 28.03 -1.73 -20.74
CA VAL B 34 27.45 -1.33 -22.01
C VAL B 34 27.50 -2.50 -22.99
N ARG B 35 28.68 -3.09 -23.14
CA ARG B 35 28.84 -4.24 -24.04
C ARG B 35 27.84 -5.33 -23.71
N LYS B 36 27.74 -5.68 -22.42
CA LYS B 36 26.81 -6.71 -22.00
C LYS B 36 25.39 -6.38 -22.43
N TYR B 37 24.99 -5.12 -22.30
CA TYR B 37 23.62 -4.76 -22.62
C TYR B 37 23.38 -4.49 -24.11
N ILE B 38 24.44 -4.41 -24.93
CA ILE B 38 24.22 -4.30 -26.37
C ILE B 38 23.51 -5.54 -26.89
N HIS B 39 24.15 -6.70 -26.74
CA HIS B 39 23.62 -7.96 -27.23
C HIS B 39 22.95 -8.69 -26.07
N SER B 40 21.77 -8.21 -25.71
CA SER B 40 20.99 -8.80 -24.61
C SER B 40 19.52 -8.49 -24.85
N PRO B 41 18.78 -9.42 -25.48
CA PRO B 41 17.35 -9.18 -25.69
C PRO B 41 16.56 -9.05 -24.40
N ASN B 42 17.09 -9.56 -23.29
CA ASN B 42 16.40 -9.47 -22.01
C ASN B 42 16.75 -8.14 -21.34
N PRO B 43 15.78 -7.25 -21.12
CA PRO B 43 16.08 -5.98 -20.47
C PRO B 43 16.26 -6.17 -18.98
N PRO B 44 16.72 -5.15 -18.26
CA PRO B 44 16.85 -5.27 -16.80
C PRO B 44 15.52 -5.59 -16.15
N SER B 45 15.55 -6.45 -15.14
CA SER B 45 14.36 -6.88 -14.46
C SER B 45 14.73 -7.30 -13.04
N LYS B 46 13.70 -7.40 -12.18
CA LYS B 46 13.92 -7.80 -10.80
C LYS B 46 14.72 -9.10 -10.73
N SER B 47 14.37 -10.07 -11.58
CA SER B 47 15.09 -11.34 -11.67
C SER B 47 15.17 -12.00 -10.29
N LYS B 48 14.01 -12.40 -9.79
CA LYS B 48 13.95 -13.09 -8.51
C LYS B 48 14.74 -14.39 -8.57
N ARG B 49 15.57 -14.63 -7.55
CA ARG B 49 16.35 -15.86 -7.48
C ARG B 49 15.60 -16.91 -6.66
N LYS B 50 16.28 -18.03 -6.41
CA LYS B 50 15.70 -19.15 -5.67
C LYS B 50 15.94 -18.96 -4.18
N GLN B 51 14.90 -19.20 -3.39
CA GLN B 51 15.02 -19.12 -1.94
C GLN B 51 16.06 -20.12 -1.44
N ARG B 52 16.94 -19.65 -0.56
CA ARG B 52 18.04 -20.47 -0.05
C ARG B 52 17.62 -21.11 1.28
N LYS B 53 18.57 -21.78 1.93
CA LYS B 53 18.31 -22.43 3.20
C LYS B 53 18.17 -21.38 4.31
N SER B 54 17.56 -21.81 5.42
CA SER B 54 17.30 -20.91 6.54
C SER B 54 17.42 -21.68 7.85
N LYS B 55 17.69 -20.95 8.93
CA LYS B 55 17.77 -21.58 10.24
C LYS B 55 16.49 -22.33 10.58
N LEU B 56 15.34 -21.86 10.10
CA LEU B 56 14.06 -22.47 10.43
C LEU B 56 13.76 -23.70 9.59
N ASP B 57 14.51 -23.94 8.51
CA ASP B 57 14.19 -25.04 7.61
C ASP B 57 14.10 -26.38 8.31
N PRO B 58 15.07 -26.81 9.13
CA PRO B 58 14.96 -28.12 9.78
C PRO B 58 13.78 -28.23 10.72
N PHE B 59 13.25 -27.12 11.21
CA PHE B 59 12.10 -27.14 12.12
C PHE B 59 10.77 -26.96 11.41
N LYS B 60 10.78 -26.66 10.11
CA LYS B 60 9.53 -26.38 9.42
C LYS B 60 8.53 -27.53 9.49
N PRO B 61 8.91 -28.79 9.35
CA PRO B 61 7.91 -29.86 9.49
C PRO B 61 7.19 -29.83 10.83
N TYR B 62 7.93 -29.57 11.92
CA TYR B 62 7.29 -29.47 13.23
C TYR B 62 6.35 -28.28 13.29
N LEU B 63 6.75 -27.15 12.70
CA LEU B 63 5.87 -25.99 12.67
C LEU B 63 4.59 -26.29 11.92
N GLN B 64 4.69 -26.99 10.78
CA GLN B 64 3.49 -27.34 10.03
C GLN B 64 2.61 -28.29 10.82
N LYS B 65 3.22 -29.25 11.51
CA LYS B 65 2.44 -30.16 12.34
C LYS B 65 1.70 -29.40 13.44
N ARG B 66 2.38 -28.44 14.08
CA ARG B 66 1.72 -27.64 15.10
C ARG B 66 0.59 -26.81 14.51
N MET B 67 0.83 -26.23 13.33
CA MET B 67 -0.13 -25.30 12.74
C MET B 67 -1.40 -26.02 12.29
N LEU B 68 -1.25 -27.13 11.58
CA LEU B 68 -2.39 -27.78 10.94
C LEU B 68 -3.08 -28.76 11.87
N GLU B 69 -2.35 -29.74 12.39
CA GLU B 69 -2.97 -30.82 13.15
C GLU B 69 -3.38 -30.35 14.54
N ASP B 70 -2.42 -29.88 15.34
CA ASP B 70 -2.76 -29.33 16.65
C ASP B 70 -3.55 -28.05 16.51
N GLY B 71 -3.13 -27.15 15.62
CA GLY B 71 -3.83 -25.90 15.43
C GLY B 71 -3.25 -24.76 16.26
N VAL B 72 -1.95 -24.53 16.16
CA VAL B 72 -1.26 -23.50 16.92
C VAL B 72 -0.77 -22.43 15.97
N PHE B 73 -1.08 -21.17 16.28
CA PHE B 73 -0.60 -20.05 15.49
C PHE B 73 -0.02 -18.92 16.34
N ASN B 74 0.24 -19.15 17.62
CA ASN B 74 0.91 -18.16 18.45
C ASN B 74 2.40 -18.20 18.18
N SER B 75 2.96 -17.06 17.78
CA SER B 75 4.37 -17.02 17.40
C SER B 75 5.28 -17.43 18.55
N GLU B 76 5.04 -16.89 19.74
CA GLU B 76 5.99 -17.09 20.82
C GLU B 76 5.90 -18.51 21.38
N LYS B 77 4.71 -19.11 21.39
CA LYS B 77 4.61 -20.47 21.88
C LYS B 77 5.46 -21.42 21.05
N LEU B 78 5.33 -21.32 19.72
CA LEU B 78 6.15 -22.15 18.84
C LEU B 78 7.62 -21.78 18.95
N PHE B 79 7.92 -20.49 19.09
CA PHE B 79 9.31 -20.08 19.31
C PHE B 79 9.90 -20.77 20.53
N PHE B 80 9.17 -20.74 21.65
CA PHE B 80 9.63 -21.40 22.87
C PHE B 80 9.75 -22.90 22.68
N GLU B 81 8.79 -23.51 21.99
CA GLU B 81 8.81 -24.96 21.80
C GLU B 81 10.01 -25.39 20.98
N ILE B 82 10.33 -24.64 19.91
CA ILE B 82 11.44 -25.02 19.04
C ILE B 82 12.79 -24.49 19.52
N ARG B 83 12.80 -23.57 20.48
CA ARG B 83 14.07 -23.16 21.07
C ARG B 83 14.70 -24.30 21.83
N GLN B 84 13.89 -25.11 22.51
CA GLN B 84 14.40 -26.27 23.21
C GLN B 84 14.93 -27.34 22.27
N GLN B 85 14.57 -27.27 20.98
CA GLN B 85 14.97 -28.25 20.00
C GLN B 85 16.21 -27.83 19.21
N GLY B 86 16.89 -26.78 19.64
CA GLY B 86 18.10 -26.33 19.00
C GLY B 86 17.96 -25.13 18.10
N TYR B 87 16.78 -24.52 18.03
CA TYR B 87 16.63 -23.30 17.24
C TYR B 87 17.54 -22.21 17.79
N THR B 88 18.34 -21.62 16.90
CA THR B 88 19.26 -20.56 17.27
C THR B 88 18.88 -19.26 16.57
N GLY B 89 17.59 -19.05 16.33
CA GLY B 89 17.13 -17.89 15.61
C GLY B 89 16.20 -17.00 16.40
N GLY B 90 15.63 -16.00 15.72
CA GLY B 90 14.75 -15.03 16.35
C GLY B 90 13.29 -15.38 16.15
N LYS B 91 12.45 -14.36 16.26
CA LYS B 91 11.00 -14.52 16.21
C LYS B 91 10.38 -13.98 14.93
N THR B 92 11.03 -13.00 14.28
CA THR B 92 10.47 -12.44 13.06
C THR B 92 10.40 -13.49 11.96
N ILE B 93 11.39 -14.38 11.90
CA ILE B 93 11.33 -15.47 10.93
C ILE B 93 10.06 -16.27 11.14
N LEU B 94 9.80 -16.64 12.40
CA LEU B 94 8.67 -17.51 12.70
C LEU B 94 7.36 -16.82 12.38
N LYS B 95 7.26 -15.54 12.72
CA LYS B 95 6.06 -14.78 12.38
C LYS B 95 5.84 -14.71 10.87
N ASP B 96 6.91 -14.42 10.12
CA ASP B 96 6.78 -14.30 8.67
C ASP B 96 6.40 -15.64 8.04
N TYR B 97 7.03 -16.73 8.49
CA TYR B 97 6.75 -18.04 7.94
C TYR B 97 5.34 -18.50 8.29
N MET B 98 4.85 -18.12 9.47
CA MET B 98 3.54 -18.53 9.92
C MET B 98 2.41 -17.65 9.41
N LYS B 99 2.73 -16.45 8.93
CA LYS B 99 1.67 -15.54 8.48
C LYS B 99 0.78 -16.17 7.43
N PRO B 100 1.30 -16.77 6.36
CA PRO B 100 0.40 -17.41 5.38
C PRO B 100 -0.48 -18.49 5.98
N PHE B 101 0.07 -19.31 6.88
CA PHE B 101 -0.71 -20.41 7.45
C PHE B 101 -1.84 -19.89 8.31
N ARG B 102 -1.59 -18.85 9.11
CA ARG B 102 -2.66 -18.30 9.94
C ARG B 102 -3.67 -17.55 9.09
N GLU B 103 -3.22 -16.97 7.97
CA GLU B 103 -4.14 -16.33 7.03
C GLU B 103 -4.99 -17.34 6.27
N THR B 104 -4.52 -18.59 6.15
CA THR B 104 -5.23 -19.60 5.38
C THR B 104 -5.57 -20.81 6.26
N ALA B 105 -6.08 -20.56 7.46
CA ALA B 105 -6.42 -21.61 8.41
C ALA B 105 -7.93 -21.76 8.52
N LYS B 106 -8.36 -22.96 8.91
CA LYS B 106 -9.78 -23.26 9.11
C LYS B 106 -10.57 -23.02 7.82
N LYS B 107 -9.95 -23.33 6.68
CA LYS B 107 -10.59 -23.17 5.38
C LYS B 107 -10.34 -24.43 4.56
N LYS B 108 -11.39 -25.23 4.39
CA LYS B 108 -11.32 -26.45 3.59
C LYS B 108 -11.75 -26.15 2.16
N TYR B 109 -11.89 -27.20 1.36
CA TYR B 109 -12.45 -27.08 0.01
C TYR B 109 -13.90 -27.55 0.04
N THR B 110 -14.75 -26.81 -0.66
CA THR B 110 -16.18 -27.08 -0.67
C THR B 110 -16.69 -27.23 -2.10
N VAL B 111 -17.73 -28.04 -2.26
CA VAL B 111 -18.28 -28.37 -3.56
C VAL B 111 -19.58 -27.59 -3.74
N ARG B 112 -19.62 -26.76 -4.78
CA ARG B 112 -20.82 -26.00 -5.09
C ARG B 112 -21.83 -26.89 -5.78
N TYR B 113 -23.09 -26.80 -5.36
CA TYR B 113 -24.16 -27.63 -5.93
C TYR B 113 -25.43 -26.81 -6.08
N GLU B 114 -26.16 -27.08 -7.15
CA GLU B 114 -27.50 -26.53 -7.36
C GLU B 114 -28.46 -27.70 -7.58
N THR B 115 -29.67 -27.57 -7.07
CA THR B 115 -30.66 -28.63 -7.17
C THR B 115 -31.70 -28.28 -8.24
N LEU B 116 -32.60 -29.22 -8.48
CA LEU B 116 -33.63 -29.08 -9.50
C LEU B 116 -34.80 -28.28 -8.97
N PRO B 117 -35.61 -27.70 -9.85
CA PRO B 117 -36.76 -26.91 -9.39
C PRO B 117 -37.69 -27.72 -8.52
N GLY B 118 -38.14 -27.10 -7.44
CA GLY B 118 -39.13 -27.73 -6.57
C GLY B 118 -38.69 -29.05 -5.99
N GLU B 119 -37.41 -29.18 -5.64
CA GLU B 119 -36.93 -30.42 -5.02
C GLU B 119 -35.94 -30.16 -3.89
N GLN B 120 -35.84 -28.93 -3.39
CA GLN B 120 -35.04 -28.66 -2.20
C GLN B 120 -35.53 -27.35 -1.60
N MET B 121 -36.12 -27.42 -0.41
CA MET B 121 -36.50 -26.23 0.35
C MET B 121 -35.70 -26.23 1.64
N GLN B 122 -34.68 -25.38 1.72
CA GLN B 122 -33.88 -25.30 2.93
C GLN B 122 -34.61 -24.48 3.98
N VAL B 123 -34.56 -24.94 5.23
CA VAL B 123 -35.27 -24.30 6.33
C VAL B 123 -34.36 -24.26 7.54
N ASP B 124 -34.37 -23.13 8.25
CA ASP B 124 -33.48 -22.97 9.40
C ASP B 124 -34.09 -22.01 10.39
N TRP B 125 -33.59 -22.09 11.62
CA TRP B 125 -33.96 -21.21 12.72
C TRP B 125 -32.82 -20.24 13.03
N LYS B 126 -33.11 -19.31 13.92
CA LYS B 126 -32.08 -18.44 14.47
C LYS B 126 -32.64 -17.73 15.70
N GLU B 127 -31.91 -17.78 16.82
CA GLU B 127 -32.28 -17.03 18.01
C GLU B 127 -31.66 -15.65 17.88
N VAL B 128 -32.47 -14.65 17.52
CA VAL B 128 -31.89 -13.35 17.17
C VAL B 128 -31.26 -12.70 18.38
N GLY B 129 -31.90 -12.83 19.54
CA GLY B 129 -31.42 -12.22 20.75
C GLY B 129 -32.57 -11.97 21.71
N GLU B 130 -32.42 -10.92 22.51
CA GLU B 130 -33.41 -10.53 23.51
C GLU B 130 -33.94 -9.15 23.15
N VAL B 131 -35.27 -9.04 23.10
CA VAL B 131 -35.94 -7.78 22.84
C VAL B 131 -37.08 -7.63 23.83
N VAL B 132 -37.52 -6.38 24.02
CA VAL B 132 -38.57 -6.05 24.98
C VAL B 132 -39.77 -5.55 24.19
N ILE B 133 -40.91 -6.21 24.39
CA ILE B 133 -42.17 -5.83 23.76
C ILE B 133 -43.18 -5.56 24.86
N GLU B 134 -43.72 -4.35 24.89
CA GLU B 134 -44.68 -3.94 25.91
C GLU B 134 -44.11 -4.11 27.31
N GLY B 135 -42.80 -3.95 27.45
CA GLY B 135 -42.15 -4.06 28.75
C GLY B 135 -41.87 -5.48 29.21
N LYS B 136 -42.05 -6.47 28.35
CA LYS B 136 -41.82 -7.87 28.69
C LYS B 136 -40.80 -8.46 27.72
N LYS B 137 -39.78 -9.11 28.28
CA LYS B 137 -38.73 -9.70 27.46
C LYS B 137 -39.25 -10.90 26.69
N VAL B 138 -38.67 -11.11 25.51
CA VAL B 138 -39.01 -12.26 24.66
C VAL B 138 -37.78 -12.63 23.85
N LYS B 139 -37.55 -13.93 23.72
CA LYS B 139 -36.41 -14.45 22.95
C LYS B 139 -36.88 -14.67 21.52
N LEU B 140 -36.76 -13.62 20.71
CA LEU B 140 -37.25 -13.66 19.34
C LEU B 140 -36.40 -14.59 18.48
N SER B 141 -37.03 -15.20 17.49
CA SER B 141 -36.35 -16.16 16.63
C SER B 141 -36.81 -16.00 15.19
N LEU B 142 -35.85 -15.84 14.30
CA LEU B 142 -36.12 -15.92 12.86
C LEU B 142 -36.35 -17.38 12.47
N PHE B 143 -37.29 -17.58 11.55
CA PHE B 143 -37.47 -18.84 10.83
C PHE B 143 -37.40 -18.51 9.35
N VAL B 144 -36.46 -19.12 8.63
CA VAL B 144 -36.17 -18.78 7.25
C VAL B 144 -36.33 -20.01 6.38
N ALA B 145 -36.94 -19.82 5.21
CA ALA B 145 -37.15 -20.87 4.23
C ALA B 145 -36.74 -20.35 2.87
N THR B 146 -35.80 -21.02 2.23
CA THR B 146 -35.28 -20.65 0.92
C THR B 146 -35.50 -21.81 -0.05
N LEU B 147 -36.18 -21.53 -1.16
CA LEU B 147 -36.31 -22.51 -2.22
C LEU B 147 -35.00 -22.59 -3.00
N GLY B 148 -34.51 -23.82 -3.18
CA GLY B 148 -33.17 -23.98 -3.72
C GLY B 148 -33.03 -23.40 -5.12
N TYR B 149 -33.97 -23.72 -6.01
CA TYR B 149 -33.84 -23.30 -7.40
C TYR B 149 -34.07 -21.80 -7.55
N SER B 150 -35.14 -21.29 -6.94
CA SER B 150 -35.52 -19.89 -7.12
C SER B 150 -34.89 -18.96 -6.09
N ARG B 151 -34.39 -19.49 -4.97
CA ARG B 151 -33.84 -18.66 -3.90
C ARG B 151 -34.90 -17.72 -3.35
N MET B 152 -36.15 -18.17 -3.36
CA MET B 152 -37.30 -17.35 -2.93
C MET B 152 -37.31 -17.33 -1.41
N LYS B 153 -36.64 -16.34 -0.84
CA LYS B 153 -36.53 -16.25 0.61
C LYS B 153 -37.88 -15.90 1.24
N TYR B 154 -38.20 -16.58 2.33
CA TYR B 154 -39.32 -16.25 3.19
C TYR B 154 -38.84 -16.28 4.63
N ALA B 155 -39.32 -15.35 5.45
CA ALA B 155 -38.88 -15.27 6.83
C ALA B 155 -40.05 -14.88 7.71
N VAL B 156 -40.01 -15.37 8.96
CA VAL B 156 -41.05 -15.07 9.93
C VAL B 156 -40.43 -15.05 11.32
N PHE B 157 -40.79 -14.04 12.11
CA PHE B 157 -40.33 -13.92 13.48
C PHE B 157 -41.32 -14.59 14.42
N THR B 158 -40.81 -15.40 15.34
CA THR B 158 -41.63 -16.13 16.31
C THR B 158 -41.03 -15.95 17.70
N THR B 159 -41.84 -16.28 18.71
CA THR B 159 -41.42 -16.20 20.10
C THR B 159 -40.91 -17.54 20.65
N SER B 160 -41.23 -18.65 19.99
CA SER B 160 -40.77 -19.96 20.42
C SER B 160 -40.54 -20.83 19.20
N GLN B 161 -39.70 -21.84 19.36
CA GLN B 161 -39.34 -22.77 18.30
C GLN B 161 -39.93 -24.16 18.55
N ASP B 162 -41.12 -24.20 19.12
CA ASP B 162 -41.77 -25.48 19.41
C ASP B 162 -42.10 -26.20 18.10
N GLN B 163 -42.51 -27.46 18.24
CA GLN B 163 -42.89 -28.25 17.07
C GLN B 163 -44.09 -27.61 16.36
N GLU B 164 -45.08 -27.17 17.13
CA GLU B 164 -46.26 -26.55 16.54
C GLU B 164 -45.88 -25.27 15.79
N HIS B 165 -45.03 -24.45 16.39
CA HIS B 165 -44.60 -23.22 15.71
C HIS B 165 -43.80 -23.55 14.47
N LEU B 166 -42.93 -24.56 14.54
CA LEU B 166 -42.18 -24.98 13.36
C LEU B 166 -43.13 -25.37 12.23
N MET B 167 -44.12 -26.20 12.53
CA MET B 167 -45.05 -26.64 11.49
C MET B 167 -45.87 -25.48 10.95
N GLU B 168 -46.30 -24.56 11.83
CA GLU B 168 -47.08 -23.41 11.37
C GLU B 168 -46.25 -22.55 10.43
N CYS B 169 -45.01 -22.27 10.78
CA CYS B 169 -44.16 -21.45 9.91
C CYS B 169 -43.87 -22.19 8.61
N LEU B 170 -43.69 -23.50 8.66
CA LEU B 170 -43.45 -24.26 7.44
C LEU B 170 -44.66 -24.17 6.51
N ILE B 171 -45.87 -24.28 7.07
CA ILE B 171 -47.06 -24.17 6.25
C ILE B 171 -47.21 -22.77 5.69
N GLN B 172 -46.89 -21.75 6.50
CA GLN B 172 -46.96 -20.39 6.00
C GLN B 172 -46.01 -20.18 4.83
N SER B 173 -44.79 -20.71 4.95
CA SER B 173 -43.85 -20.63 3.83
C SER B 173 -44.38 -21.38 2.62
N PHE B 174 -44.98 -22.55 2.84
CA PHE B 174 -45.52 -23.32 1.71
C PHE B 174 -46.59 -22.54 0.97
N LYS B 175 -47.57 -22.00 1.69
CA LYS B 175 -48.63 -21.24 1.03
C LYS B 175 -48.08 -19.94 0.44
N TYR B 176 -46.99 -19.41 1.00
CA TYR B 176 -46.33 -18.28 0.38
C TYR B 176 -45.74 -18.67 -0.98
N PHE B 177 -45.14 -19.87 -1.06
CA PHE B 177 -44.60 -20.33 -2.33
C PHE B 177 -45.70 -20.81 -3.27
N GLY B 178 -46.75 -21.42 -2.72
CA GLY B 178 -47.82 -21.99 -3.51
C GLY B 178 -47.77 -23.50 -3.64
N GLY B 179 -46.68 -24.13 -3.23
CA GLY B 179 -46.55 -25.58 -3.33
C GLY B 179 -45.52 -26.09 -2.37
N VAL B 180 -45.59 -27.41 -2.13
CA VAL B 180 -44.68 -28.09 -1.20
C VAL B 180 -43.62 -28.80 -2.03
N PRO B 181 -42.35 -28.38 -1.96
CA PRO B 181 -41.30 -29.15 -2.63
C PRO B 181 -41.15 -30.53 -2.00
N LYS B 182 -40.73 -31.48 -2.83
CA LYS B 182 -40.68 -32.87 -2.38
C LYS B 182 -39.69 -33.05 -1.23
N LYS B 183 -38.54 -32.39 -1.30
CA LYS B 183 -37.49 -32.54 -0.30
C LYS B 183 -37.33 -31.24 0.48
N VAL B 184 -37.39 -31.33 1.80
CA VAL B 184 -37.20 -30.19 2.69
C VAL B 184 -35.95 -30.45 3.51
N LEU B 185 -34.98 -29.55 3.40
CA LEU B 185 -33.71 -29.69 4.11
C LEU B 185 -33.79 -28.97 5.45
N PHE B 186 -33.36 -29.66 6.51
CA PHE B 186 -33.38 -29.11 7.86
C PHE B 186 -32.03 -29.26 8.51
N ASP B 187 -31.93 -28.92 9.79
CA ASP B 187 -30.74 -29.12 10.60
C ASP B 187 -31.03 -30.15 11.69
N ASN B 188 -29.98 -30.63 12.33
CA ASN B 188 -30.11 -31.62 13.39
C ASN B 188 -30.76 -30.96 14.60
N MET B 189 -32.06 -31.24 14.80
CA MET B 189 -32.80 -30.71 15.93
C MET B 189 -33.73 -31.79 16.46
N LYS B 190 -34.14 -31.62 17.71
CA LYS B 190 -34.98 -32.62 18.36
C LYS B 190 -36.32 -32.79 17.64
N THR B 191 -36.94 -31.67 17.25
CA THR B 191 -38.24 -31.74 16.60
C THR B 191 -38.15 -32.48 15.26
N VAL B 192 -37.17 -32.12 14.44
CA VAL B 192 -37.04 -32.76 13.13
C VAL B 192 -36.58 -34.21 13.27
N THR B 193 -35.63 -34.46 14.17
CA THR B 193 -35.04 -35.78 14.35
C THR B 193 -35.08 -36.15 15.82
N ASP B 194 -35.59 -37.35 16.12
CA ASP B 194 -35.55 -37.86 17.48
C ASP B 194 -34.10 -38.08 17.93
N GLY B 195 -33.27 -38.62 17.05
CA GLY B 195 -31.88 -38.87 17.37
C GLY B 195 -31.12 -39.43 16.18
N ARG B 196 -30.06 -40.20 16.46
CA ARG B 196 -29.25 -40.82 15.42
C ARG B 196 -29.05 -42.29 15.75
N GLU B 197 -28.90 -43.09 14.69
CA GLU B 197 -28.72 -44.54 14.83
C GLU B 197 -27.58 -44.96 13.90
N GLN B 198 -26.36 -44.94 14.43
CA GLN B 198 -25.18 -45.37 13.69
C GLN B 198 -25.09 -44.66 12.34
N GLY B 199 -25.20 -43.34 12.37
CA GLY B 199 -25.13 -42.55 11.15
C GLY B 199 -26.28 -42.76 10.21
N VAL B 200 -27.49 -42.98 10.75
CA VAL B 200 -28.70 -43.15 9.96
C VAL B 200 -29.67 -42.05 10.35
N VAL B 201 -30.14 -41.30 9.36
CA VAL B 201 -31.05 -40.19 9.62
C VAL B 201 -32.36 -40.73 10.19
N LYS B 202 -32.81 -40.13 11.29
CA LYS B 202 -34.04 -40.53 11.95
C LYS B 202 -34.95 -39.31 12.09
N TRP B 203 -36.26 -39.54 11.92
CA TRP B 203 -37.23 -38.46 11.99
C TRP B 203 -38.34 -38.83 12.97
N ASN B 204 -38.89 -37.81 13.62
CA ASN B 204 -39.96 -38.03 14.58
C ASN B 204 -41.23 -38.49 13.87
N GLN B 205 -42.01 -39.32 14.58
CA GLN B 205 -43.25 -39.82 14.01
C GLN B 205 -44.22 -38.68 13.71
N ARG B 206 -44.32 -37.71 14.61
CA ARG B 206 -45.22 -36.58 14.39
C ARG B 206 -44.82 -35.83 13.12
N PHE B 207 -43.53 -35.51 12.98
CA PHE B 207 -43.08 -34.77 11.80
C PHE B 207 -43.23 -35.63 10.55
N SER B 208 -42.99 -36.93 10.66
CA SER B 208 -43.14 -37.80 9.49
C SER B 208 -44.59 -37.82 9.01
N GLU B 209 -45.55 -37.97 9.92
CA GLU B 209 -46.94 -37.98 9.52
C GLU B 209 -47.37 -36.61 9.00
N PHE B 210 -46.84 -35.53 9.59
CA PHE B 210 -47.11 -34.20 9.08
C PHE B 210 -46.64 -34.05 7.63
N ALA B 211 -45.40 -34.49 7.37
CA ALA B 211 -44.87 -34.36 6.01
C ALA B 211 -45.65 -35.24 5.03
N SER B 212 -46.05 -36.44 5.46
CA SER B 212 -46.87 -37.29 4.61
C SER B 212 -48.19 -36.61 4.30
N TYR B 213 -48.79 -35.95 5.29
CA TYR B 213 -50.02 -35.20 5.05
C TYR B 213 -49.79 -34.10 4.03
N TYR B 214 -48.66 -33.41 4.13
CA TYR B 214 -48.31 -32.35 3.18
C TYR B 214 -47.42 -32.81 2.04
N GLY B 215 -47.12 -34.10 1.94
CA GLY B 215 -46.44 -34.61 0.76
C GLY B 215 -45.05 -34.08 0.51
N PHE B 216 -44.23 -33.98 1.56
CA PHE B 216 -42.81 -33.69 1.41
C PHE B 216 -42.02 -34.65 2.26
N ILE B 217 -40.71 -34.70 2.02
CA ILE B 217 -39.83 -35.62 2.72
C ILE B 217 -38.67 -34.84 3.34
N PRO B 218 -38.39 -35.02 4.63
CA PRO B 218 -37.19 -34.39 5.19
C PRO B 218 -35.93 -34.99 4.61
N LYS B 219 -34.89 -34.16 4.53
CA LYS B 219 -33.61 -34.55 3.95
C LYS B 219 -32.47 -34.00 4.80
N VAL B 220 -32.59 -34.17 6.13
CA VAL B 220 -31.60 -33.63 7.04
C VAL B 220 -30.19 -33.97 6.57
N CYS B 221 -29.29 -33.01 6.70
CA CYS B 221 -27.93 -33.15 6.19
C CYS B 221 -27.07 -33.95 7.18
N ARG B 222 -25.77 -34.01 6.89
CA ARG B 222 -24.85 -34.73 7.74
C ARG B 222 -24.80 -34.09 9.12
N PRO B 223 -24.78 -34.87 10.20
CA PRO B 223 -24.69 -34.26 11.54
C PRO B 223 -23.43 -33.43 11.71
N TYR B 224 -23.58 -32.29 12.38
CA TYR B 224 -22.47 -31.39 12.70
C TYR B 224 -21.96 -30.65 11.47
N ARG B 225 -22.47 -30.99 10.29
CA ARG B 225 -22.13 -30.27 9.06
C ARG B 225 -23.31 -29.39 8.68
N ALA B 226 -23.36 -28.21 9.31
CA ALA B 226 -24.39 -27.23 9.00
C ALA B 226 -24.04 -26.38 7.79
N GLN B 227 -22.85 -26.57 7.20
CA GLN B 227 -22.51 -25.88 5.97
C GLN B 227 -23.36 -26.35 4.80
N THR B 228 -23.98 -27.52 4.91
CA THR B 228 -24.75 -28.07 3.79
C THR B 228 -25.88 -27.13 3.39
N LYS B 229 -26.54 -26.52 4.38
CA LYS B 229 -27.66 -25.61 4.11
C LYS B 229 -27.17 -24.16 4.01
N GLY B 230 -26.26 -23.96 3.06
CA GLY B 230 -25.69 -22.63 2.87
C GLY B 230 -26.71 -21.60 2.45
N LYS B 231 -27.67 -22.01 1.62
CA LYS B 231 -28.65 -21.06 1.10
C LYS B 231 -29.42 -20.39 2.22
N VAL B 232 -29.99 -21.17 3.13
CA VAL B 232 -30.80 -20.59 4.20
C VAL B 232 -29.92 -19.80 5.16
N GLU B 233 -28.71 -20.29 5.42
CA GLU B 233 -27.83 -19.59 6.35
C GLU B 233 -27.46 -18.21 5.83
N ARG B 234 -27.16 -18.10 4.54
CA ARG B 234 -26.84 -16.79 3.99
C ARG B 234 -28.09 -15.94 3.79
N ALA B 235 -29.26 -16.56 3.56
CA ALA B 235 -30.50 -15.81 3.63
C ALA B 235 -30.77 -15.27 5.03
N ILE B 236 -30.21 -15.91 6.06
CA ILE B 236 -30.31 -15.42 7.43
C ILE B 236 -29.27 -14.35 7.73
N GLN B 237 -28.12 -14.37 7.05
CA GLN B 237 -27.14 -13.32 7.21
C GLN B 237 -27.44 -12.11 6.32
N TYR B 238 -28.37 -12.26 5.37
CA TYR B 238 -28.92 -11.13 4.63
C TYR B 238 -30.02 -10.40 5.38
N ILE B 239 -30.96 -11.13 5.97
CA ILE B 239 -32.01 -10.51 6.76
C ILE B 239 -31.41 -9.76 7.93
N MET B 240 -30.43 -10.37 8.62
CA MET B 240 -29.85 -9.73 9.79
C MET B 240 -28.99 -8.53 9.41
N ASP B 241 -28.27 -8.59 8.30
CA ASP B 241 -27.35 -7.53 7.92
C ASP B 241 -28.00 -6.48 7.01
N HIS B 242 -29.29 -6.64 6.70
CA HIS B 242 -30.01 -5.65 5.91
C HIS B 242 -31.28 -5.13 6.56
N PHE B 243 -32.01 -5.94 7.32
CA PHE B 243 -33.32 -5.55 7.82
C PHE B 243 -33.31 -5.32 9.33
N TYR B 244 -32.87 -6.29 10.12
CA TYR B 244 -32.97 -6.16 11.57
C TYR B 244 -32.06 -5.06 12.10
N VAL B 245 -30.90 -4.87 11.48
CA VAL B 245 -29.96 -3.84 11.92
C VAL B 245 -30.53 -2.48 11.54
N GLY B 246 -31.16 -1.80 12.49
CA GLY B 246 -31.83 -0.55 12.25
C GLY B 246 -33.34 -0.64 12.14
N THR B 247 -33.96 -1.68 12.68
CA THR B 247 -35.41 -1.87 12.59
C THR B 247 -36.06 -1.39 13.88
N ALA B 248 -37.13 -0.63 13.74
CA ALA B 248 -37.91 -0.15 14.88
C ALA B 248 -39.27 -0.85 14.86
N PHE B 249 -39.60 -1.53 15.95
CA PHE B 249 -40.83 -2.29 16.03
C PHE B 249 -41.37 -2.24 17.45
N GLU B 250 -42.69 -2.39 17.57
CA GLU B 250 -43.37 -2.43 18.86
C GLU B 250 -44.23 -3.66 19.04
N SER B 251 -44.80 -4.21 17.97
CA SER B 251 -45.62 -5.41 18.03
C SER B 251 -45.07 -6.46 17.08
N ILE B 252 -45.23 -7.73 17.47
CA ILE B 252 -44.68 -8.83 16.68
C ILE B 252 -45.32 -8.87 15.29
N GLU B 253 -46.64 -8.68 15.22
CA GLU B 253 -47.29 -8.63 13.92
C GLU B 253 -46.74 -7.51 13.07
N GLU B 254 -46.48 -6.35 13.68
CA GLU B 254 -45.89 -5.25 12.95
C GLU B 254 -44.54 -5.63 12.38
N LEU B 255 -43.70 -6.30 13.19
CA LEU B 255 -42.38 -6.68 12.71
C LEU B 255 -42.48 -7.68 11.57
N ASN B 256 -43.36 -8.67 11.69
CA ASN B 256 -43.51 -9.67 10.63
C ASN B 256 -44.01 -9.02 9.35
N PHE B 257 -44.94 -8.07 9.47
CA PHE B 257 -45.46 -7.35 8.31
C PHE B 257 -44.38 -6.49 7.65
N LEU B 258 -43.58 -5.80 8.47
CA LEU B 258 -42.41 -5.09 7.95
C LEU B 258 -41.50 -6.04 7.17
N LEU B 259 -41.23 -7.22 7.75
CA LEU B 259 -40.31 -8.16 7.12
C LEU B 259 -40.87 -8.66 5.79
N HIS B 260 -42.16 -8.98 5.75
CA HIS B 260 -42.75 -9.48 4.50
C HIS B 260 -42.74 -8.40 3.42
N ARG B 261 -43.06 -7.16 3.77
CA ARG B 261 -42.94 -6.08 2.78
C ARG B 261 -41.51 -5.92 2.32
N TRP B 262 -40.54 -5.97 3.24
CA TRP B 262 -39.15 -5.84 2.83
C TRP B 262 -38.76 -6.97 1.89
N LEU B 263 -39.21 -8.19 2.18
CA LEU B 263 -38.97 -9.31 1.29
C LEU B 263 -39.48 -9.01 -0.10
N ASP B 264 -40.79 -8.76 -0.22
CA ASP B 264 -41.38 -8.51 -1.52
C ASP B 264 -40.74 -7.33 -2.23
N GLN B 265 -40.18 -6.37 -1.48
CA GLN B 265 -39.54 -5.23 -2.12
C GLN B 265 -38.17 -5.59 -2.69
N VAL B 266 -37.24 -6.03 -1.84
CA VAL B 266 -35.86 -6.16 -2.28
C VAL B 266 -35.33 -7.59 -2.14
N ALA B 267 -35.85 -8.35 -1.17
CA ALA B 267 -35.24 -9.64 -0.90
C ALA B 267 -35.65 -10.71 -1.90
N ASN B 268 -36.81 -10.57 -2.54
CA ASN B 268 -37.30 -11.57 -3.47
C ASN B 268 -37.17 -11.16 -4.93
N ARG B 269 -36.77 -9.92 -5.22
CA ARG B 269 -36.62 -9.46 -6.59
C ARG B 269 -35.24 -8.88 -6.89
N LYS B 270 -34.34 -8.85 -5.92
CA LYS B 270 -32.98 -8.39 -6.19
C LYS B 270 -32.23 -9.44 -6.98
N PRO B 271 -31.59 -9.09 -8.10
CA PRO B 271 -30.92 -10.11 -8.92
C PRO B 271 -29.82 -10.82 -8.15
N ASN B 272 -30.02 -12.12 -7.96
CA ASN B 272 -29.04 -12.93 -7.23
C ASN B 272 -27.71 -12.94 -7.97
N ALA B 273 -26.61 -12.92 -7.22
CA ALA B 273 -25.28 -12.87 -7.83
C ALA B 273 -24.97 -14.14 -8.59
N THR B 274 -25.17 -15.30 -7.96
CA THR B 274 -24.81 -16.56 -8.61
C THR B 274 -25.74 -16.86 -9.78
N THR B 275 -27.05 -16.72 -9.58
CA THR B 275 -28.01 -17.02 -10.63
C THR B 275 -28.18 -15.88 -11.62
N GLY B 276 -27.95 -14.65 -11.20
CA GLY B 276 -28.09 -13.52 -12.10
C GLY B 276 -29.52 -13.19 -12.50
N ILE B 277 -30.50 -13.82 -11.86
CA ILE B 277 -31.90 -13.64 -12.20
C ILE B 277 -32.68 -13.36 -10.92
N SER B 278 -33.69 -12.51 -11.03
CA SER B 278 -34.49 -12.16 -9.87
C SER B 278 -35.24 -13.39 -9.36
N PRO B 279 -35.32 -13.59 -8.03
CA PRO B 279 -36.02 -14.77 -7.53
C PRO B 279 -37.48 -14.84 -7.94
N GLN B 280 -38.17 -13.70 -8.07
CA GLN B 280 -39.59 -13.73 -8.36
C GLN B 280 -39.87 -14.26 -9.76
N GLU B 281 -38.98 -14.00 -10.72
CA GLU B 281 -39.17 -14.48 -12.09
C GLU B 281 -38.63 -15.90 -12.30
N ARG B 282 -38.16 -16.55 -11.24
CA ARG B 282 -37.90 -17.99 -11.27
C ARG B 282 -38.72 -18.73 -10.22
N TRP B 283 -39.55 -18.02 -9.45
CA TRP B 283 -40.43 -18.65 -8.48
C TRP B 283 -41.61 -19.34 -9.14
N ALA B 284 -41.87 -19.07 -10.42
CA ALA B 284 -42.96 -19.71 -11.16
C ALA B 284 -42.49 -20.92 -11.96
N GLU B 285 -41.21 -21.28 -11.84
CA GLU B 285 -40.65 -22.43 -12.55
C GLU B 285 -40.57 -23.67 -11.67
N GLU B 286 -41.19 -23.66 -10.50
CA GLU B 286 -41.12 -24.76 -9.55
C GLU B 286 -42.49 -25.42 -9.44
N SER B 287 -42.50 -26.76 -9.49
CA SER B 287 -43.76 -27.49 -9.40
C SER B 287 -44.41 -27.27 -8.04
N LEU B 288 -45.74 -27.14 -8.05
CA LEU B 288 -46.50 -26.82 -6.85
C LEU B 288 -47.72 -27.74 -6.74
N LYS B 289 -48.06 -28.10 -5.50
CA LYS B 289 -49.25 -28.89 -5.19
C LYS B 289 -49.66 -28.64 -3.74
N PRO B 290 -50.54 -27.69 -3.46
CA PRO B 290 -50.88 -27.37 -2.07
C PRO B 290 -51.91 -28.33 -1.50
N LEU B 291 -52.21 -28.14 -0.22
CA LEU B 291 -53.23 -28.93 0.47
C LEU B 291 -53.77 -28.09 1.63
N PRO B 292 -54.94 -28.43 2.14
CA PRO B 292 -55.53 -27.68 3.25
C PRO B 292 -54.63 -27.69 4.48
N LEU B 293 -55.04 -26.92 5.49
CA LEU B 293 -54.24 -26.69 6.68
C LEU B 293 -54.82 -27.41 7.89
N LYS B 294 -53.93 -27.76 8.82
CA LYS B 294 -54.27 -28.46 10.05
C LYS B 294 -53.28 -28.07 11.13
N ASP B 295 -53.70 -28.27 12.38
CA ASP B 295 -52.87 -27.89 13.51
C ASP B 295 -53.28 -28.73 14.72
N TYR B 296 -52.41 -28.73 15.74
CA TYR B 296 -52.64 -29.50 16.96
C TYR B 296 -52.58 -28.61 18.19
N ASP B 297 -53.28 -27.48 18.16
CA ASP B 297 -53.25 -26.53 19.28
C ASP B 297 -53.89 -27.16 20.50
N THR B 298 -53.07 -27.56 21.47
CA THR B 298 -53.55 -28.14 22.72
C THR B 298 -52.60 -27.76 23.84
N SER B 299 -53.13 -27.73 25.06
CA SER B 299 -52.35 -27.47 26.26
C SER B 299 -52.87 -28.34 27.39
N TYR B 300 -51.97 -29.09 28.03
CA TYR B 300 -52.33 -29.92 29.18
C TYR B 300 -52.80 -29.03 30.32
N LEU B 301 -54.05 -29.18 30.74
CA LEU B 301 -54.68 -28.24 31.66
C LEU B 301 -55.59 -29.02 32.61
N SER B 302 -56.50 -28.31 33.26
CA SER B 302 -57.30 -28.89 34.33
C SER B 302 -58.32 -29.91 33.79
N TYR B 303 -58.81 -30.74 34.72
CA TYR B 303 -59.79 -31.77 34.43
C TYR B 303 -61.13 -31.41 35.06
N ARG B 304 -62.17 -32.08 34.57
CA ARG B 304 -63.52 -31.96 35.12
C ARG B 304 -64.21 -33.31 35.06
N LYS B 305 -64.87 -33.70 36.15
CA LYS B 305 -65.65 -34.92 36.15
C LYS B 305 -67.04 -34.65 35.58
N VAL B 306 -67.47 -35.51 34.65
CA VAL B 306 -68.75 -35.36 33.99
C VAL B 306 -69.82 -36.05 34.83
N HIS B 307 -70.90 -35.34 35.11
CA HIS B 307 -71.99 -35.90 35.88
C HIS B 307 -72.72 -36.96 35.06
N TRP B 308 -73.55 -37.76 35.76
CA TRP B 308 -74.25 -38.85 35.10
C TRP B 308 -75.24 -38.35 34.05
N ASP B 309 -75.63 -37.08 34.10
CA ASP B 309 -76.51 -36.50 33.10
C ASP B 309 -75.77 -35.94 31.90
N GLY B 310 -74.44 -36.06 31.87
CA GLY B 310 -73.65 -35.56 30.76
C GLY B 310 -73.27 -34.10 30.85
N SER B 311 -73.61 -33.43 31.95
CA SER B 311 -73.33 -32.01 32.11
C SER B 311 -72.16 -31.81 33.08
N PHE B 312 -71.26 -30.89 32.74
CA PHE B 312 -70.17 -30.52 33.62
C PHE B 312 -70.01 -29.00 33.60
N SER B 313 -69.53 -28.46 34.73
CA SER B 313 -69.42 -27.03 34.93
C SER B 313 -67.98 -26.59 34.79
N TYR B 314 -67.76 -25.54 34.00
CA TYR B 314 -66.43 -24.96 33.80
C TYR B 314 -66.56 -23.45 33.82
N LYS B 315 -65.87 -22.80 34.76
CA LYS B 315 -65.90 -21.35 34.89
C LYS B 315 -67.34 -20.83 34.98
N GLY B 316 -68.22 -21.60 35.63
CA GLY B 316 -69.59 -21.21 35.82
C GLY B 316 -70.52 -21.51 34.66
N GLU B 317 -70.00 -22.02 33.55
CA GLU B 317 -70.81 -22.35 32.38
C GLU B 317 -71.03 -23.85 32.30
N GLN B 318 -72.18 -24.24 31.73
CA GLN B 318 -72.58 -25.64 31.64
C GLN B 318 -72.29 -26.19 30.26
N TRP B 319 -71.65 -27.36 30.22
CA TRP B 319 -71.28 -28.01 28.97
C TRP B 319 -71.82 -29.43 28.97
N LEU B 320 -72.51 -29.79 27.88
CA LEU B 320 -73.14 -31.09 27.72
C LEU B 320 -72.37 -31.90 26.70
N LEU B 321 -72.14 -33.17 27.02
CA LEU B 321 -71.45 -34.11 26.16
C LEU B 321 -72.34 -35.32 25.89
N SER B 322 -71.87 -36.20 25.01
CA SER B 322 -72.59 -37.43 24.72
C SER B 322 -72.69 -38.28 25.98
N ALA B 323 -73.74 -39.11 26.03
CA ALA B 323 -73.96 -39.95 27.21
C ALA B 323 -72.82 -40.92 27.44
N GLU B 324 -71.99 -41.19 26.43
CA GLU B 324 -70.86 -42.09 26.61
C GLU B 324 -69.87 -41.56 27.64
N TYR B 325 -69.81 -40.24 27.81
CA TYR B 325 -68.88 -39.62 28.75
C TYR B 325 -69.49 -39.44 30.14
N ALA B 326 -70.74 -39.84 30.35
CA ALA B 326 -71.37 -39.66 31.64
C ALA B 326 -70.61 -40.42 32.72
N GLY B 327 -70.33 -39.73 33.83
CA GLY B 327 -69.65 -40.32 34.95
C GLY B 327 -68.15 -40.45 34.80
N LYS B 328 -67.58 -39.96 33.70
CA LYS B 328 -66.15 -40.07 33.45
C LYS B 328 -65.47 -38.72 33.61
N GLU B 329 -64.15 -38.75 33.71
CA GLU B 329 -63.34 -37.56 33.89
C GLU B 329 -62.75 -37.15 32.55
N ILE B 330 -62.84 -35.85 32.23
CA ILE B 330 -62.38 -35.30 30.97
C ILE B 330 -61.38 -34.20 31.25
N LEU B 331 -60.64 -33.82 30.20
CA LEU B 331 -59.61 -32.80 30.25
C LEU B 331 -60.09 -31.57 29.48
N VAL B 332 -60.22 -30.44 30.17
CA VAL B 332 -60.63 -29.20 29.53
C VAL B 332 -59.38 -28.39 29.20
N LYS B 333 -59.23 -28.02 27.94
CA LYS B 333 -58.04 -27.34 27.44
C LYS B 333 -58.45 -25.94 27.01
N GLU B 334 -58.13 -24.94 27.83
CA GLU B 334 -58.46 -23.55 27.55
C GLU B 334 -57.16 -22.78 27.30
N ARG B 335 -57.09 -22.12 26.15
CA ARG B 335 -55.94 -21.31 25.81
C ARG B 335 -56.17 -19.85 26.22
N LEU B 336 -55.10 -19.06 26.17
CA LEU B 336 -55.19 -17.66 26.58
C LEU B 336 -56.15 -16.87 25.70
N ASN B 337 -56.43 -17.35 24.49
CA ASN B 337 -57.33 -16.66 23.57
C ASN B 337 -58.78 -17.09 23.73
N GLY B 338 -59.08 -17.94 24.71
CA GLY B 338 -60.43 -18.38 24.95
C GLY B 338 -60.86 -19.64 24.22
N ASP B 339 -60.00 -20.19 23.37
CA ASP B 339 -60.32 -21.43 22.68
C ASP B 339 -60.42 -22.57 23.69
N ILE B 340 -61.53 -23.29 23.68
CA ILE B 340 -61.79 -24.36 24.64
C ILE B 340 -61.99 -25.66 23.87
N ARG B 341 -61.23 -26.68 24.28
CA ARG B 341 -61.36 -28.03 23.75
C ARG B 341 -61.60 -29.00 24.90
N LEU B 342 -62.13 -30.17 24.56
CA LEU B 342 -62.38 -31.22 25.54
C LEU B 342 -61.77 -32.52 25.04
N TYR B 343 -61.11 -33.25 25.94
CA TYR B 343 -60.42 -34.48 25.60
C TYR B 343 -60.79 -35.57 26.60
N PHE B 344 -60.74 -36.82 26.13
CA PHE B 344 -61.01 -37.98 26.97
C PHE B 344 -60.01 -39.07 26.61
N ARG B 345 -59.16 -39.43 27.57
CA ARG B 345 -58.13 -40.45 27.35
C ARG B 345 -57.23 -40.08 26.17
N GLY B 346 -56.97 -38.77 26.01
CA GLY B 346 -56.11 -38.28 24.97
C GLY B 346 -56.78 -38.03 23.64
N GLU B 347 -58.07 -38.34 23.50
CA GLU B 347 -58.80 -38.14 22.26
C GLU B 347 -59.70 -36.92 22.38
N GLU B 348 -59.63 -36.03 21.40
CA GLU B 348 -60.43 -34.82 21.44
C GLU B 348 -61.90 -35.14 21.26
N ILE B 349 -62.75 -34.47 22.06
CA ILE B 349 -64.19 -34.61 21.95
C ILE B 349 -64.69 -33.56 20.95
N SER B 350 -65.27 -34.03 19.85
CA SER B 350 -65.70 -33.14 18.79
C SER B 350 -67.13 -32.64 18.95
N HIS B 351 -67.94 -33.28 19.78
CA HIS B 351 -69.34 -32.91 19.97
C HIS B 351 -69.51 -32.36 21.39
N VAL B 352 -69.79 -31.07 21.49
CA VAL B 352 -69.98 -30.41 22.77
C VAL B 352 -71.07 -29.35 22.61
N ASP B 353 -71.95 -29.25 23.60
CA ASP B 353 -73.00 -28.25 23.61
C ASP B 353 -72.79 -27.30 24.78
N GLN B 354 -72.78 -26.00 24.50
CA GLN B 354 -72.55 -24.98 25.52
C GLN B 354 -73.89 -24.37 25.90
N GLN B 355 -74.41 -24.75 27.08
CA GLN B 355 -75.67 -24.21 27.57
C GLN B 355 -75.36 -23.06 28.52
N LYS B 356 -75.62 -21.83 28.07
CA LYS B 356 -75.27 -20.63 28.82
C LYS B 356 -76.30 -20.38 29.92
N LYS B 357 -76.30 -21.29 30.90
CA LYS B 357 -77.13 -21.14 32.09
C LYS B 357 -76.30 -20.51 33.21
N VAL B 358 -76.02 -19.23 33.02
CA VAL B 358 -75.20 -18.48 33.96
C VAL B 358 -76.06 -17.96 35.11
N MET C 1 46.17 40.13 -54.29
CA MET C 1 46.20 41.59 -54.01
C MET C 1 47.57 42.18 -54.35
N ILE C 2 47.69 43.51 -54.24
CA ILE C 2 48.93 44.21 -54.46
C ILE C 2 49.12 45.20 -53.33
N THR C 3 50.36 45.68 -53.19
CA THR C 3 50.71 46.56 -52.09
C THR C 3 49.76 47.76 -52.00
N ARG C 4 49.24 48.01 -50.79
CA ARG C 4 48.47 49.21 -50.51
C ARG C 4 49.28 50.49 -50.63
N GLY C 5 50.55 50.46 -50.21
CA GLY C 5 51.40 51.63 -50.38
C GLY C 5 51.53 52.01 -51.84
N GLU C 6 51.62 51.02 -52.72
CA GLU C 6 51.65 51.30 -54.16
C GLU C 6 50.38 52.00 -54.62
N PHE C 7 49.22 51.55 -54.13
CA PHE C 7 47.96 52.20 -54.51
C PHE C 7 47.94 53.64 -54.02
N PHE C 8 48.37 53.89 -52.79
CA PHE C 8 48.36 55.25 -52.28
C PHE C 8 49.33 56.14 -53.03
N MET C 9 50.52 55.62 -53.35
CA MET C 9 51.47 56.39 -54.14
C MET C 9 50.91 56.70 -55.52
N ILE C 10 50.22 55.72 -56.13
CA ILE C 10 49.63 55.95 -57.44
C ILE C 10 48.55 57.03 -57.36
N LYS C 11 47.72 56.99 -56.32
CA LYS C 11 46.69 58.01 -56.15
C LYS C 11 47.33 59.39 -56.01
N GLU C 12 48.37 59.50 -55.19
CA GLU C 12 49.04 60.79 -55.03
C GLU C 12 49.67 61.25 -56.33
N MET C 13 50.28 60.34 -57.08
CA MET C 13 50.95 60.71 -58.32
C MET C 13 49.94 61.16 -59.38
N TYR C 14 48.77 60.50 -59.43
CA TYR C 14 47.70 61.00 -60.29
C TYR C 14 47.25 62.39 -59.83
N GLU C 15 47.11 62.58 -58.53
CA GLU C 15 46.81 63.90 -57.98
C GLU C 15 48.01 64.84 -58.05
N ARG C 16 49.20 64.32 -58.36
CA ARG C 16 50.39 65.15 -58.51
C ARG C 16 50.46 65.84 -59.87
N GLY C 17 49.80 65.30 -60.89
CA GLY C 17 49.78 65.91 -62.20
C GLY C 17 50.32 65.01 -63.30
N MET C 18 50.25 63.70 -63.09
CA MET C 18 50.73 62.73 -64.06
C MET C 18 49.54 62.03 -64.71
N SER C 19 49.57 61.92 -66.03
CA SER C 19 48.48 61.27 -66.75
C SER C 19 48.38 59.81 -66.35
N ILE C 20 47.13 59.32 -66.31
CA ILE C 20 46.88 57.94 -65.90
C ILE C 20 47.55 56.96 -66.87
N SER C 21 47.50 57.24 -68.17
CA SER C 21 48.09 56.35 -69.15
C SER C 21 49.60 56.26 -68.97
N ASP C 22 50.26 57.39 -68.74
CA ASP C 22 51.70 57.37 -68.49
C ASP C 22 52.02 56.60 -67.22
N ILE C 23 51.18 56.74 -66.19
CA ILE C 23 51.38 55.97 -64.96
C ILE C 23 51.31 54.48 -65.25
N ALA C 24 50.32 54.07 -66.04
CA ALA C 24 50.18 52.67 -66.39
C ALA C 24 51.40 52.17 -67.15
N ARG C 25 51.87 52.95 -68.12
CA ARG C 25 53.05 52.55 -68.88
C ARG C 25 54.27 52.41 -67.98
N GLU C 26 54.46 53.37 -67.06
CA GLU C 26 55.65 53.36 -66.22
C GLU C 26 55.64 52.20 -65.23
N LEU C 27 54.50 51.97 -64.57
CA LEU C 27 54.42 50.97 -63.52
C LEU C 27 54.18 49.56 -64.03
N GLY C 28 53.98 49.38 -65.34
CA GLY C 28 53.66 48.06 -65.85
C GLY C 28 52.34 47.52 -65.38
N ILE C 29 51.45 48.39 -64.91
CA ILE C 29 50.13 48.01 -64.44
C ILE C 29 49.10 48.77 -65.27
N ASP C 30 48.01 48.09 -65.62
CA ASP C 30 47.00 48.71 -66.47
C ASP C 30 46.52 50.03 -65.88
N ARG C 31 46.07 50.91 -66.76
CA ARG C 31 45.55 52.21 -66.34
C ARG C 31 44.30 52.07 -65.47
N LYS C 32 43.60 50.95 -65.58
CA LYS C 32 42.29 50.82 -64.94
C LYS C 32 42.35 50.19 -63.56
N THR C 33 43.37 49.38 -63.27
CA THR C 33 43.68 49.09 -61.88
C THR C 33 44.06 50.36 -61.14
N VAL C 34 44.86 51.21 -61.78
CA VAL C 34 45.21 52.50 -61.21
C VAL C 34 43.95 53.32 -60.96
N ARG C 35 43.05 53.36 -61.94
CA ARG C 35 41.81 54.12 -61.78
C ARG C 35 40.96 53.56 -60.64
N LYS C 36 40.85 52.23 -60.56
CA LYS C 36 40.04 51.61 -59.53
C LYS C 36 40.58 51.92 -58.14
N TYR C 37 41.89 51.85 -57.96
CA TYR C 37 42.49 52.06 -56.64
C TYR C 37 42.76 53.53 -56.34
N ILE C 38 42.58 54.42 -57.32
CA ILE C 38 42.68 55.85 -57.03
C ILE C 38 41.51 56.31 -56.18
N HIS C 39 40.31 55.81 -56.46
CA HIS C 39 39.11 56.16 -55.72
C HIS C 39 38.90 55.30 -54.48
N SER C 40 39.95 54.66 -54.00
CA SER C 40 39.82 53.80 -52.82
C SER C 40 39.54 54.65 -51.60
N PRO C 41 38.43 54.45 -50.89
CA PRO C 41 38.17 55.28 -49.70
C PRO C 41 38.98 54.81 -48.50
N ASN C 42 39.18 53.50 -48.41
CA ASN C 42 39.92 52.84 -47.36
C ASN C 42 40.89 51.85 -47.98
N PRO C 43 41.96 51.51 -47.27
CA PRO C 43 42.96 50.58 -47.85
C PRO C 43 42.32 49.23 -48.17
N PRO C 44 42.79 48.54 -49.21
CA PRO C 44 42.26 47.21 -49.50
C PRO C 44 42.70 46.19 -48.46
N SER C 45 41.77 45.80 -47.60
CA SER C 45 42.04 44.80 -46.57
C SER C 45 41.61 43.42 -47.09
N LYS C 46 41.56 42.44 -46.20
CA LYS C 46 41.21 41.06 -46.56
C LYS C 46 40.02 41.04 -47.51
N SER C 47 40.18 40.30 -48.60
CA SER C 47 39.11 40.19 -49.60
C SER C 47 37.88 39.54 -48.97
N LYS C 48 36.70 40.08 -49.31
CA LYS C 48 35.44 39.57 -48.80
C LYS C 48 35.01 38.38 -49.67
N ARG C 49 35.47 37.19 -49.27
CA ARG C 49 35.08 35.96 -49.93
C ARG C 49 33.85 35.40 -49.21
N LYS C 50 32.83 35.05 -49.97
CA LYS C 50 31.51 34.73 -49.44
C LYS C 50 31.28 33.22 -49.43
N GLN C 51 31.46 32.61 -48.26
CA GLN C 51 31.02 31.25 -47.97
C GLN C 51 31.38 30.30 -49.12
N ARG C 52 32.69 30.12 -49.28
CA ARG C 52 33.21 29.18 -50.28
C ARG C 52 32.50 27.84 -50.18
N LYS C 53 31.90 27.41 -51.29
CA LYS C 53 31.15 26.17 -51.30
C LYS C 53 32.08 24.98 -51.09
N SER C 54 31.65 24.04 -50.26
CA SER C 54 32.42 22.85 -49.92
C SER C 54 31.87 21.64 -50.67
N LYS C 55 32.44 20.47 -50.37
CA LYS C 55 32.07 19.23 -51.03
C LYS C 55 31.11 18.39 -50.19
N LEU C 56 30.66 18.90 -49.05
CA LEU C 56 29.71 18.17 -48.23
C LEU C 56 28.60 19.07 -47.69
N ASP C 57 28.38 20.24 -48.31
CA ASP C 57 27.32 21.12 -47.85
C ASP C 57 25.95 20.45 -47.82
N PRO C 58 25.54 19.67 -48.82
CA PRO C 58 24.23 19.01 -48.73
C PRO C 58 24.08 18.10 -47.54
N PHE C 59 25.16 17.44 -47.11
CA PHE C 59 25.12 16.52 -45.99
C PHE C 59 25.37 17.18 -44.64
N LYS C 60 25.71 18.48 -44.63
CA LYS C 60 25.91 19.17 -43.36
C LYS C 60 24.72 19.04 -42.42
N PRO C 61 23.48 19.24 -42.86
CA PRO C 61 22.36 18.99 -41.93
C PRO C 61 22.33 17.57 -41.40
N TYR C 62 22.66 16.58 -42.25
CA TYR C 62 22.66 15.19 -41.80
C TYR C 62 23.75 14.95 -40.76
N LEU C 63 24.96 15.46 -41.01
CA LEU C 63 26.04 15.29 -40.07
C LEU C 63 25.74 15.99 -38.75
N GLN C 64 25.17 17.20 -38.81
CA GLN C 64 24.80 17.90 -37.58
C GLN C 64 23.74 17.13 -36.82
N LYS C 65 22.74 16.58 -37.53
CA LYS C 65 21.75 15.73 -36.87
C LYS C 65 22.43 14.58 -36.15
N ARG C 66 23.31 13.87 -36.87
CA ARG C 66 24.00 12.73 -36.26
C ARG C 66 24.74 13.15 -34.99
N MET C 67 25.56 14.19 -35.10
CA MET C 67 26.38 14.60 -33.95
C MET C 67 25.52 15.05 -32.78
N LEU C 68 24.50 15.87 -33.03
CA LEU C 68 23.80 16.56 -31.96
C LEU C 68 22.65 15.76 -31.36
N GLU C 69 22.13 14.77 -32.08
CA GLU C 69 21.11 13.88 -31.52
C GLU C 69 21.57 12.44 -31.48
N ASP C 70 22.07 11.89 -32.59
CA ASP C 70 22.55 10.51 -32.58
C ASP C 70 23.84 10.39 -31.76
N GLY C 71 24.62 11.46 -31.69
CA GLY C 71 25.84 11.46 -30.90
C GLY C 71 27.01 10.76 -31.51
N VAL C 72 26.94 10.37 -32.77
CA VAL C 72 28.03 9.65 -33.43
C VAL C 72 29.01 10.67 -33.97
N PHE C 73 30.28 10.54 -33.57
CA PHE C 73 31.33 11.46 -33.98
C PHE C 73 32.42 10.78 -34.82
N ASN C 74 32.34 9.46 -35.00
CA ASN C 74 33.34 8.78 -35.81
C ASN C 74 33.28 9.25 -37.26
N SER C 75 34.45 9.30 -37.89
CA SER C 75 34.57 9.71 -39.28
C SER C 75 34.64 8.52 -40.24
N GLU C 76 34.31 7.32 -39.76
CA GLU C 76 34.23 6.13 -40.61
C GLU C 76 32.80 5.64 -40.77
N LYS C 77 32.07 5.49 -39.67
CA LYS C 77 30.66 5.14 -39.76
C LYS C 77 29.91 6.15 -40.62
N LEU C 78 30.03 7.43 -40.29
CA LEU C 78 29.33 8.45 -41.07
C LEU C 78 29.93 8.61 -42.44
N PHE C 79 31.24 8.35 -42.60
CA PHE C 79 31.82 8.37 -43.94
C PHE C 79 31.16 7.34 -44.84
N PHE C 80 30.98 6.12 -44.34
CA PHE C 80 30.30 5.10 -45.12
C PHE C 80 28.84 5.46 -45.35
N GLU C 81 28.17 6.03 -44.35
CA GLU C 81 26.77 6.39 -44.51
C GLU C 81 26.61 7.44 -45.60
N ILE C 82 27.47 8.47 -45.59
CA ILE C 82 27.39 9.52 -46.61
C ILE C 82 27.83 9.00 -47.97
N ARG C 83 28.77 8.06 -48.00
CA ARG C 83 29.10 7.38 -49.25
C ARG C 83 27.86 6.70 -49.83
N GLN C 84 27.09 6.03 -48.97
CA GLN C 84 25.83 5.45 -49.41
C GLN C 84 24.89 6.54 -49.92
N GLN C 85 24.86 7.68 -49.23
CA GLN C 85 24.01 8.80 -49.61
C GLN C 85 24.59 9.64 -50.74
N GLY C 86 25.66 9.18 -51.41
CA GLY C 86 26.22 9.90 -52.53
C GLY C 86 27.22 10.97 -52.15
N TYR C 87 28.29 10.57 -51.48
CA TYR C 87 29.34 11.48 -51.01
C TYR C 87 30.60 11.24 -51.82
N THR C 88 31.07 12.29 -52.51
CA THR C 88 32.17 12.19 -53.46
C THR C 88 33.50 12.67 -52.89
N GLY C 89 33.53 13.14 -51.66
CA GLY C 89 34.74 13.65 -51.03
C GLY C 89 35.52 12.57 -50.32
N GLY C 90 36.26 12.99 -49.30
CA GLY C 90 37.13 12.08 -48.56
C GLY C 90 36.85 12.03 -47.07
N LYS C 91 37.92 11.93 -46.28
CA LYS C 91 37.84 11.76 -44.84
C LYS C 91 38.32 12.97 -44.06
N THR C 92 39.38 13.63 -44.54
CA THR C 92 39.92 14.79 -43.84
C THR C 92 38.85 15.85 -43.65
N ILE C 93 37.99 16.02 -44.65
CA ILE C 93 36.93 17.02 -44.56
C ILE C 93 36.05 16.73 -43.35
N LEU C 94 35.59 15.49 -43.24
CA LEU C 94 34.69 15.11 -42.16
C LEU C 94 35.40 15.24 -40.80
N LYS C 95 36.65 14.79 -40.72
CA LYS C 95 37.39 14.90 -39.47
C LYS C 95 37.50 16.34 -39.01
N ASP C 96 37.95 17.22 -39.92
CA ASP C 96 38.11 18.62 -39.56
C ASP C 96 36.78 19.27 -39.22
N TYR C 97 35.72 18.94 -39.96
CA TYR C 97 34.43 19.57 -39.72
C TYR C 97 33.83 19.14 -38.39
N MET C 98 34.07 17.89 -37.97
CA MET C 98 33.58 17.43 -36.67
C MET C 98 34.48 17.84 -35.52
N LYS C 99 35.75 18.18 -35.78
CA LYS C 99 36.67 18.47 -34.67
C LYS C 99 36.10 19.48 -33.68
N PRO C 100 35.49 20.59 -34.10
CA PRO C 100 34.86 21.48 -33.11
C PRO C 100 33.77 20.79 -32.29
N PHE C 101 32.84 20.10 -32.95
CA PHE C 101 31.80 19.39 -32.22
C PHE C 101 32.39 18.28 -31.36
N ARG C 102 33.41 17.60 -31.86
CA ARG C 102 34.05 16.53 -31.08
C ARG C 102 34.64 17.09 -29.79
N GLU C 103 35.37 18.20 -29.88
CA GLU C 103 35.96 18.78 -28.68
C GLU C 103 34.90 19.35 -27.76
N THR C 104 33.82 19.90 -28.32
CA THR C 104 32.72 20.38 -27.49
C THR C 104 32.10 19.24 -26.70
N ALA C 105 31.87 18.10 -27.34
CA ALA C 105 31.32 16.94 -26.65
C ALA C 105 32.29 16.43 -25.59
N LYS C 106 33.59 16.40 -25.92
CA LYS C 106 34.58 15.96 -24.95
C LYS C 106 34.60 16.87 -23.73
N LYS C 107 34.45 18.17 -23.93
CA LYS C 107 34.49 19.12 -22.83
C LYS C 107 33.37 18.87 -21.81
N LYS C 108 32.32 18.15 -22.21
CA LYS C 108 31.27 17.80 -21.26
C LYS C 108 31.78 16.93 -20.13
N TYR C 109 32.93 16.28 -20.32
CA TYR C 109 33.48 15.35 -19.33
C TYR C 109 34.74 15.85 -18.65
N THR C 110 35.39 16.88 -19.19
CA THR C 110 36.56 17.47 -18.54
C THR C 110 36.12 18.56 -17.57
N VAL C 111 35.50 18.11 -16.48
CA VAL C 111 34.97 19.02 -15.48
C VAL C 111 36.10 19.38 -14.52
N ARG C 112 36.89 20.38 -14.91
CA ARG C 112 38.02 20.86 -14.11
C ARG C 112 37.85 22.34 -13.80
N TYR C 113 36.61 22.75 -13.55
CA TYR C 113 36.31 24.13 -13.22
C TYR C 113 36.47 24.38 -11.72
N GLU C 114 36.74 25.63 -11.37
CA GLU C 114 36.89 26.03 -9.99
C GLU C 114 35.57 26.54 -9.44
N THR C 115 35.28 26.18 -8.19
CA THR C 115 34.10 26.69 -7.51
C THR C 115 34.37 28.11 -7.04
N LEU C 116 33.45 29.01 -7.34
CA LEU C 116 33.60 30.42 -7.00
C LEU C 116 32.93 30.72 -5.66
N PRO C 117 33.23 31.86 -5.06
CA PRO C 117 32.81 32.11 -3.67
C PRO C 117 31.32 31.88 -3.46
N GLY C 118 30.98 31.13 -2.41
CA GLY C 118 29.62 30.93 -2.00
C GLY C 118 28.81 29.99 -2.87
N GLU C 119 29.40 29.49 -3.95
CA GLU C 119 28.63 28.72 -4.93
C GLU C 119 28.04 27.45 -4.33
N GLN C 120 28.90 26.50 -3.97
CA GLN C 120 28.45 25.18 -3.54
C GLN C 120 29.11 24.76 -2.24
N MET C 121 28.38 23.99 -1.44
CA MET C 121 28.89 23.40 -0.22
C MET C 121 28.82 21.88 -0.34
N GLN C 122 29.98 21.23 -0.28
CA GLN C 122 30.09 19.78 -0.41
C GLN C 122 29.96 19.15 0.98
N VAL C 123 29.04 18.20 1.12
CA VAL C 123 28.79 17.57 2.41
C VAL C 123 29.07 16.09 2.31
N ASP C 124 29.71 15.53 3.34
CA ASP C 124 30.07 14.12 3.40
C ASP C 124 29.69 13.53 4.74
N TRP C 125 29.41 12.23 4.73
CA TRP C 125 29.03 11.45 5.90
C TRP C 125 30.13 10.45 6.24
N LYS C 126 29.99 9.81 7.40
CA LYS C 126 30.97 8.82 7.83
C LYS C 126 30.46 8.02 9.02
N GLU C 127 30.76 6.72 9.05
CA GLU C 127 30.60 5.90 10.25
C GLU C 127 31.91 5.95 11.02
N VAL C 128 31.93 6.68 12.15
CA VAL C 128 33.20 6.87 12.85
C VAL C 128 33.70 5.53 13.38
N GLY C 129 32.80 4.67 13.81
CA GLY C 129 33.13 3.41 14.39
C GLY C 129 32.01 2.95 15.31
N GLU C 130 32.39 2.37 16.44
CA GLU C 130 31.45 1.92 17.46
C GLU C 130 31.86 2.49 18.81
N VAL C 131 30.92 3.15 19.47
CA VAL C 131 31.13 3.72 20.79
C VAL C 131 29.97 3.31 21.69
N VAL C 132 30.19 3.40 23.00
CA VAL C 132 29.21 3.01 24.00
C VAL C 132 28.81 4.25 24.77
N ILE C 133 27.51 4.56 24.77
CA ILE C 133 26.95 5.68 25.51
C ILE C 133 25.90 5.12 26.46
N GLU C 134 26.09 5.36 27.76
CA GLU C 134 25.17 4.86 28.79
C GLU C 134 25.04 3.34 28.72
N GLY C 135 26.12 2.65 28.33
CA GLY C 135 26.11 1.21 28.28
C GLY C 135 25.48 0.61 27.05
N LYS C 136 25.12 1.41 26.05
CA LYS C 136 24.49 0.94 24.83
C LYS C 136 25.35 1.32 23.64
N LYS C 137 25.65 0.34 22.79
CA LYS C 137 26.44 0.60 21.59
C LYS C 137 25.67 1.48 20.62
N VAL C 138 26.41 2.25 19.84
CA VAL C 138 25.81 3.16 18.85
C VAL C 138 26.84 3.41 17.76
N LYS C 139 26.39 3.40 16.51
CA LYS C 139 27.26 3.67 15.38
C LYS C 139 27.24 5.17 15.10
N LEU C 140 28.04 5.89 15.88
CA LEU C 140 28.20 7.32 15.69
C LEU C 140 28.71 7.62 14.28
N SER C 141 28.38 8.81 13.78
CA SER C 141 28.70 9.20 12.43
C SER C 141 29.24 10.62 12.41
N LEU C 142 30.28 10.84 11.62
CA LEU C 142 30.77 12.19 11.40
C LEU C 142 30.11 12.82 10.18
N PHE C 143 29.86 14.11 10.29
CA PHE C 143 29.19 14.92 9.28
C PHE C 143 30.10 16.10 8.99
N VAL C 144 30.55 16.22 7.75
CA VAL C 144 31.58 17.20 7.38
C VAL C 144 31.05 18.03 6.21
N ALA C 145 30.80 19.31 6.45
CA ALA C 145 30.54 20.27 5.40
C ALA C 145 31.84 20.96 4.99
N THR C 146 31.92 21.31 3.71
CA THR C 146 33.14 21.85 3.13
C THR C 146 32.77 22.93 2.12
N LEU C 147 33.26 24.15 2.35
CA LEU C 147 33.04 25.23 1.40
C LEU C 147 33.89 25.01 0.16
N GLY C 148 33.27 25.14 -1.01
CA GLY C 148 33.97 24.89 -2.25
C GLY C 148 35.12 25.86 -2.48
N TYR C 149 34.92 27.12 -2.12
CA TYR C 149 35.93 28.16 -2.37
C TYR C 149 36.91 28.26 -1.20
N SER C 150 36.41 28.52 0.00
CA SER C 150 37.27 28.73 1.15
C SER C 150 37.91 27.44 1.65
N ARG C 151 37.35 26.29 1.29
CA ARG C 151 37.85 24.96 1.65
C ARG C 151 37.70 24.66 3.13
N MET C 152 37.10 25.55 3.92
CA MET C 152 36.95 25.27 5.34
C MET C 152 36.04 24.09 5.58
N LYS C 153 36.29 23.38 6.68
CA LYS C 153 35.58 22.17 7.04
C LYS C 153 34.89 22.35 8.38
N TYR C 154 33.59 22.10 8.42
CA TYR C 154 32.82 22.05 9.65
C TYR C 154 32.43 20.61 9.91
N ALA C 155 32.89 20.04 11.02
CA ALA C 155 32.72 18.64 11.32
C ALA C 155 32.00 18.47 12.65
N VAL C 156 31.10 17.48 12.71
CA VAL C 156 30.34 17.22 13.93
C VAL C 156 29.97 15.74 14.00
N PHE C 157 29.91 15.22 15.22
CA PHE C 157 29.49 13.86 15.49
C PHE C 157 28.00 13.82 15.80
N THR C 158 27.29 12.91 15.14
CA THR C 158 25.86 12.70 15.36
C THR C 158 25.58 11.21 15.42
N THR C 159 24.66 10.82 16.32
CA THR C 159 24.34 9.40 16.45
C THR C 159 23.73 8.83 15.17
N SER C 160 22.79 9.56 14.57
CA SER C 160 22.05 9.08 13.42
C SER C 160 22.26 9.99 12.23
N GLN C 161 22.24 9.40 11.03
CA GLN C 161 22.31 10.13 9.78
C GLN C 161 20.92 10.39 9.20
N ASP C 162 19.91 10.51 10.06
CA ASP C 162 18.55 10.71 9.60
C ASP C 162 18.39 12.13 9.06
N GLN C 163 17.21 12.40 8.50
CA GLN C 163 16.96 13.69 7.87
C GLN C 163 17.00 14.83 8.88
N GLU C 164 16.43 14.62 10.07
CA GLU C 164 16.39 15.68 11.07
C GLU C 164 17.80 16.05 11.53
N HIS C 165 18.65 15.05 11.79
CA HIS C 165 20.03 15.34 12.12
C HIS C 165 20.72 16.09 10.98
N LEU C 166 20.43 15.70 9.74
CA LEU C 166 21.00 16.39 8.59
C LEU C 166 20.62 17.85 8.59
N MET C 167 19.34 18.15 8.81
CA MET C 167 18.89 19.54 8.81
C MET C 167 19.50 20.32 9.97
N GLU C 168 19.56 19.72 11.15
CA GLU C 168 20.15 20.42 12.29
C GLU C 168 21.63 20.72 12.04
N CYS C 169 22.36 19.76 11.48
CA CYS C 169 23.77 19.98 11.21
C CYS C 169 23.96 21.01 10.11
N LEU C 170 23.07 21.05 9.12
CA LEU C 170 23.14 22.09 8.11
C LEU C 170 22.91 23.47 8.72
N ILE C 171 21.95 23.57 9.64
CA ILE C 171 21.71 24.83 10.33
C ILE C 171 22.96 25.25 11.11
N GLN C 172 23.56 24.29 11.82
CA GLN C 172 24.77 24.58 12.58
C GLN C 172 25.90 25.03 11.66
N SER C 173 26.04 24.36 10.51
CA SER C 173 27.09 24.74 9.56
C SER C 173 26.87 26.14 9.02
N PHE C 174 25.63 26.48 8.68
CA PHE C 174 25.35 27.82 8.19
C PHE C 174 25.64 28.86 9.27
N LYS C 175 25.28 28.57 10.52
CA LYS C 175 25.60 29.49 11.61
C LYS C 175 27.10 29.65 11.76
N TYR C 176 27.84 28.54 11.69
CA TYR C 176 29.30 28.60 11.86
C TYR C 176 29.95 29.40 10.75
N PHE C 177 29.51 29.19 9.51
CA PHE C 177 30.10 29.89 8.37
C PHE C 177 29.55 31.30 8.19
N GLY C 178 28.48 31.65 8.90
CA GLY C 178 27.92 32.99 8.81
C GLY C 178 27.20 33.25 7.50
N GLY C 179 26.13 32.51 7.25
CA GLY C 179 25.31 32.66 6.07
C GLY C 179 25.01 31.32 5.44
N VAL C 180 24.55 31.37 4.19
CA VAL C 180 24.17 30.17 3.45
C VAL C 180 24.78 30.23 2.05
N PRO C 181 25.15 29.11 1.45
CA PRO C 181 25.62 29.12 0.06
C PRO C 181 24.47 28.87 -0.92
N LYS C 182 24.77 29.11 -2.20
CA LYS C 182 23.75 29.00 -3.23
C LYS C 182 23.23 27.58 -3.34
N LYS C 183 24.14 26.61 -3.47
CA LYS C 183 23.77 25.22 -3.66
C LYS C 183 24.52 24.36 -2.64
N VAL C 184 23.86 23.28 -2.19
CA VAL C 184 24.46 22.35 -1.25
C VAL C 184 24.39 20.97 -1.88
N LEU C 185 25.54 20.33 -2.06
CA LEU C 185 25.60 19.05 -2.74
C LEU C 185 26.04 17.95 -1.78
N PHE C 186 25.33 16.84 -1.85
CA PHE C 186 25.47 15.69 -0.97
C PHE C 186 25.87 14.45 -1.78
N ASP C 187 25.91 13.31 -1.11
CA ASP C 187 26.02 12.01 -1.77
C ASP C 187 24.64 11.35 -1.81
N ASN C 188 24.38 10.61 -2.88
CA ASN C 188 23.09 9.97 -3.06
C ASN C 188 22.68 9.20 -1.81
N MET C 189 21.56 9.59 -1.21
CA MET C 189 21.10 8.98 0.03
C MET C 189 19.61 9.20 0.17
N LYS C 190 18.99 8.40 1.04
CA LYS C 190 17.53 8.37 1.13
C LYS C 190 16.97 9.67 1.72
N THR C 191 17.68 10.27 2.68
CA THR C 191 17.14 11.44 3.37
C THR C 191 17.00 12.64 2.46
N VAL C 192 17.63 12.62 1.28
CA VAL C 192 17.64 13.76 0.36
C VAL C 192 16.72 13.53 -0.83
N THR C 193 17.00 12.51 -1.63
CA THR C 193 16.24 12.21 -2.83
C THR C 193 15.68 10.79 -2.76
N ASP C 194 14.46 10.62 -3.27
CA ASP C 194 13.82 9.31 -3.30
C ASP C 194 14.14 8.60 -4.63
N GLY C 195 15.44 8.46 -4.89
CA GLY C 195 15.91 7.80 -6.08
C GLY C 195 16.19 8.76 -7.22
N ARG C 196 17.06 8.32 -8.13
CA ARG C 196 17.39 9.07 -9.32
C ARG C 196 17.44 8.12 -10.51
N GLU C 197 17.37 8.70 -11.71
CA GLU C 197 17.30 7.93 -12.95
C GLU C 197 18.29 8.48 -13.98
N GLN C 198 19.53 8.69 -13.55
CA GLN C 198 20.63 9.06 -14.45
C GLN C 198 20.32 10.36 -15.20
N GLY C 199 20.22 11.45 -14.43
CA GLY C 199 20.03 12.76 -15.01
C GLY C 199 18.98 13.58 -14.32
N VAL C 200 18.00 12.91 -13.70
CA VAL C 200 16.91 13.58 -13.00
C VAL C 200 16.79 12.98 -11.62
N VAL C 201 16.32 13.79 -10.67
CA VAL C 201 16.28 13.44 -9.25
C VAL C 201 14.93 13.83 -8.68
N LYS C 202 14.42 12.99 -7.79
CA LYS C 202 13.13 13.22 -7.13
C LYS C 202 13.42 13.68 -5.70
N TRP C 203 13.33 14.99 -5.49
CA TRP C 203 13.64 15.57 -4.19
C TRP C 203 12.55 15.26 -3.17
N ASN C 204 12.94 15.28 -1.91
CA ASN C 204 12.01 15.05 -0.81
C ASN C 204 11.20 16.32 -0.53
N GLN C 205 10.10 16.14 0.19
CA GLN C 205 9.21 17.26 0.50
C GLN C 205 9.75 18.11 1.64
N ARG C 206 9.97 17.48 2.80
CA ARG C 206 10.50 18.23 3.94
C ARG C 206 11.86 18.82 3.64
N PHE C 207 12.73 18.05 2.97
CA PHE C 207 14.06 18.56 2.63
C PHE C 207 13.94 19.77 1.73
N SER C 208 13.02 19.74 0.76
CA SER C 208 12.86 20.88 -0.14
C SER C 208 12.32 22.09 0.58
N GLU C 209 11.38 21.88 1.50
CA GLU C 209 10.87 22.99 2.31
C GLU C 209 11.99 23.62 3.11
N PHE C 210 12.83 22.78 3.73
CA PHE C 210 13.97 23.27 4.49
C PHE C 210 14.92 24.06 3.60
N ALA C 211 15.23 23.52 2.43
CA ALA C 211 16.18 24.16 1.52
C ALA C 211 15.67 25.51 1.06
N SER C 212 14.39 25.61 0.71
CA SER C 212 13.82 26.88 0.27
C SER C 212 13.53 27.81 1.43
N TYR C 213 13.53 27.33 2.66
CA TYR C 213 13.46 28.20 3.82
C TYR C 213 14.81 28.83 4.14
N TYR C 214 15.89 28.08 3.97
CA TYR C 214 17.24 28.61 4.15
C TYR C 214 17.87 29.06 2.84
N GLY C 215 17.11 29.09 1.75
CA GLY C 215 17.57 29.68 0.51
C GLY C 215 18.76 28.98 -0.13
N PHE C 216 18.79 27.65 -0.10
CA PHE C 216 19.76 26.87 -0.84
C PHE C 216 19.03 25.77 -1.60
N ILE C 217 19.74 25.13 -2.53
CA ILE C 217 19.17 24.13 -3.42
C ILE C 217 19.97 22.84 -3.23
N PRO C 218 19.31 21.70 -3.00
CA PRO C 218 20.05 20.43 -2.90
C PRO C 218 20.59 19.98 -4.24
N LYS C 219 21.64 19.15 -4.18
CA LYS C 219 22.20 18.55 -5.39
C LYS C 219 22.90 17.25 -5.00
N VAL C 220 22.29 16.13 -5.37
CA VAL C 220 22.95 14.83 -5.24
C VAL C 220 23.57 14.48 -6.59
N CYS C 221 24.89 14.51 -6.65
CA CYS C 221 25.64 14.29 -7.89
C CYS C 221 26.47 13.03 -7.75
N ARG C 222 26.32 12.12 -8.72
CA ARG C 222 27.01 10.83 -8.70
C ARG C 222 26.97 10.19 -7.31
N ARG C 234 37.38 11.87 1.88
CA ARG C 234 38.75 12.38 1.85
C ARG C 234 39.01 13.33 3.01
N ALA C 235 38.31 14.46 3.00
CA ALA C 235 38.34 15.35 4.17
C ALA C 235 37.97 14.57 5.42
N ILE C 236 36.98 13.68 5.30
CA ILE C 236 36.59 12.82 6.41
C ILE C 236 37.77 12.02 6.90
N GLN C 237 38.49 11.38 5.97
CA GLN C 237 39.57 10.49 6.37
C GLN C 237 40.70 11.27 7.01
N TYR C 238 40.97 12.48 6.50
CA TYR C 238 41.98 13.32 7.12
C TYR C 238 41.58 13.71 8.55
N ILE C 239 40.32 14.11 8.74
CA ILE C 239 39.86 14.46 10.08
C ILE C 239 40.02 13.27 11.02
N MET C 240 39.62 12.08 10.57
CA MET C 240 39.71 10.92 11.43
C MET C 240 41.16 10.56 11.75
N ASP C 241 42.06 10.71 10.77
CA ASP C 241 43.46 10.37 10.99
C ASP C 241 44.20 11.40 11.83
N HIS C 242 43.76 12.65 11.85
CA HIS C 242 44.48 13.70 12.55
C HIS C 242 43.87 14.10 13.88
N PHE C 243 42.59 13.83 14.11
CA PHE C 243 41.93 14.22 15.35
C PHE C 243 41.40 13.02 16.13
N TYR C 244 40.61 12.16 15.50
CA TYR C 244 39.93 11.09 16.24
C TYR C 244 40.93 10.07 16.78
N VAL C 245 41.96 9.74 16.00
CA VAL C 245 42.92 8.74 16.44
C VAL C 245 43.66 9.27 17.66
N GLY C 246 43.73 8.47 18.71
CA GLY C 246 44.39 8.88 19.93
C GLY C 246 43.75 10.07 20.63
N THR C 247 42.41 10.09 20.68
CA THR C 247 41.68 11.16 21.34
C THR C 247 40.96 10.61 22.56
N ALA C 248 40.98 11.37 23.65
CA ALA C 248 40.34 10.98 24.89
C ALA C 248 39.04 11.74 25.06
N PHE C 249 37.95 11.01 25.30
CA PHE C 249 36.64 11.63 25.49
C PHE C 249 35.70 10.59 26.08
N GLU C 250 34.80 11.05 26.95
CA GLU C 250 33.75 10.22 27.51
C GLU C 250 32.36 10.76 27.25
N SER C 251 32.24 11.92 26.61
CA SER C 251 30.96 12.52 26.29
C SER C 251 30.94 12.95 24.83
N ILE C 252 29.76 12.84 24.21
CA ILE C 252 29.61 13.26 22.83
C ILE C 252 29.68 14.79 22.72
N GLU C 253 29.05 15.50 23.65
CA GLU C 253 29.11 16.96 23.62
C GLU C 253 30.55 17.44 23.80
N GLU C 254 31.29 16.83 24.72
CA GLU C 254 32.68 17.21 24.91
C GLU C 254 33.50 16.91 23.67
N LEU C 255 33.22 15.78 23.01
CA LEU C 255 33.95 15.44 21.79
C LEU C 255 33.67 16.47 20.70
N ASN C 256 32.41 16.89 20.55
CA ASN C 256 32.08 17.91 19.56
C ASN C 256 32.76 19.23 19.90
N PHE C 257 32.80 19.59 21.19
CA PHE C 257 33.49 20.80 21.60
C PHE C 257 34.97 20.73 21.22
N LEU C 258 35.61 19.60 21.49
CA LEU C 258 37.02 19.45 21.16
C LEU C 258 37.24 19.51 19.65
N LEU C 259 36.35 18.89 18.88
CA LEU C 259 36.48 18.92 17.43
C LEU C 259 36.35 20.35 16.90
N HIS C 260 35.37 21.11 17.40
CA HIS C 260 35.22 22.49 16.96
C HIS C 260 36.41 23.34 17.37
N ARG C 261 36.96 23.10 18.57
CA ARG C 261 38.15 23.83 18.99
C ARG C 261 39.33 23.52 18.08
N TRP C 262 39.54 22.24 17.76
CA TRP C 262 40.61 21.86 16.85
C TRP C 262 40.40 22.48 15.48
N LEU C 263 39.16 22.50 14.99
CA LEU C 263 38.87 23.11 13.71
C LEU C 263 39.18 24.59 13.72
N ASP C 264 38.82 25.28 14.80
CA ASP C 264 39.09 26.70 14.89
C ASP C 264 40.58 26.99 14.99
N GLN C 265 41.36 26.08 15.59
CA GLN C 265 42.76 26.38 15.84
C GLN C 265 43.68 25.94 14.70
N VAL C 266 43.69 24.64 14.37
CA VAL C 266 44.71 24.10 13.47
C VAL C 266 44.12 23.30 12.31
N ALA C 267 42.85 23.53 11.97
CA ALA C 267 42.28 22.93 10.78
C ALA C 267 41.80 23.98 9.79
N ASN C 268 41.06 24.98 10.25
CA ASN C 268 40.64 26.09 9.42
C ASN C 268 41.68 27.20 9.35
N ARG C 269 42.77 27.09 10.10
CA ARG C 269 43.86 28.05 10.07
C ARG C 269 45.17 27.36 9.67
N LYS C 270 45.07 26.31 8.86
CA LYS C 270 46.23 25.56 8.39
C LYS C 270 46.49 25.91 6.94
N PRO C 271 47.49 26.74 6.63
CA PRO C 271 47.70 27.16 5.24
C PRO C 271 47.98 25.97 4.33
N ASN C 272 47.44 26.05 3.12
CA ASN C 272 47.75 25.06 2.10
C ASN C 272 49.13 25.35 1.51
N ALA C 273 49.87 24.28 1.23
CA ALA C 273 51.25 24.44 0.75
C ALA C 273 51.29 25.20 -0.56
N THR C 274 50.37 24.88 -1.48
CA THR C 274 50.38 25.52 -2.79
C THR C 274 49.94 26.98 -2.70
N THR C 275 48.72 27.21 -2.23
CA THR C 275 48.20 28.58 -2.15
C THR C 275 48.99 29.41 -1.16
N GLY C 276 49.34 28.83 -0.01
CA GLY C 276 50.01 29.57 1.03
C GLY C 276 49.12 30.48 1.86
N ILE C 277 47.80 30.31 1.77
CA ILE C 277 46.84 31.12 2.48
C ILE C 277 46.00 30.23 3.38
N SER C 278 45.71 30.70 4.59
CA SER C 278 44.86 29.95 5.50
C SER C 278 43.41 30.03 5.05
N PRO C 279 42.58 29.03 5.39
CA PRO C 279 41.17 29.08 5.01
C PRO C 279 40.42 30.29 5.56
N GLN C 280 40.90 30.88 6.67
CA GLN C 280 40.16 31.96 7.30
C GLN C 280 40.02 33.16 6.36
N GLU C 281 41.11 33.56 5.71
CA GLU C 281 41.04 34.70 4.80
C GLU C 281 40.16 34.39 3.59
N ARG C 282 40.28 33.17 3.05
CA ARG C 282 39.44 32.78 1.93
C ARG C 282 37.97 32.87 2.28
N TRP C 283 37.61 32.43 3.49
CA TRP C 283 36.24 32.58 3.97
C TRP C 283 35.87 34.05 4.11
N ALA C 284 36.77 34.85 4.67
CA ALA C 284 36.50 36.27 4.82
C ALA C 284 36.14 36.90 3.48
N GLU C 285 36.82 36.50 2.42
CA GLU C 285 36.49 36.95 1.07
C GLU C 285 35.48 36.02 0.40
N GLU C 286 34.37 35.75 1.08
CA GLU C 286 33.35 34.85 0.60
C GLU C 286 31.98 35.49 0.72
N SER C 287 31.06 35.04 -0.13
CA SER C 287 29.72 35.62 -0.25
C SER C 287 28.67 34.57 0.10
N LEU C 288 28.20 34.59 1.33
CA LEU C 288 27.09 33.75 1.78
C LEU C 288 25.86 34.61 2.00
N LYS C 289 24.74 34.21 1.41
CA LYS C 289 23.50 34.95 1.58
C LYS C 289 23.05 34.87 3.04
N PRO C 290 22.36 35.90 3.54
CA PRO C 290 21.98 35.92 4.96
C PRO C 290 21.16 34.71 5.39
N LEU C 291 21.08 34.49 6.70
CA LEU C 291 20.33 33.41 7.31
C LEU C 291 19.05 33.96 7.94
N PRO C 292 17.91 33.28 7.76
CA PRO C 292 16.64 33.80 8.28
C PRO C 292 16.72 34.12 9.77
N LEU C 293 15.85 35.03 10.20
CA LEU C 293 15.86 35.46 11.60
C LEU C 293 15.61 34.29 12.54
N LYS C 294 14.66 33.42 12.20
CA LYS C 294 14.33 32.25 13.00
C LYS C 294 14.85 31.00 12.32
N ASP C 295 14.78 29.88 13.04
CA ASP C 295 15.30 28.60 12.59
C ASP C 295 14.16 27.65 12.27
N TYR C 296 14.42 26.73 11.34
CA TYR C 296 13.44 25.73 10.98
C TYR C 296 13.21 24.75 12.13
N ASP C 297 12.00 24.19 12.18
CA ASP C 297 11.63 23.21 13.19
C ASP C 297 11.97 21.83 12.65
N THR C 298 13.13 21.30 13.04
CA THR C 298 13.59 19.99 12.60
C THR C 298 13.15 18.88 13.55
N SER C 299 12.05 19.08 14.27
CA SER C 299 11.53 18.09 15.18
C SER C 299 11.03 16.89 14.39
N TYR C 300 11.39 15.69 14.82
CA TYR C 300 10.87 14.47 14.21
C TYR C 300 9.36 14.58 14.09
N LEU C 301 8.86 14.45 12.85
CA LEU C 301 7.44 14.52 12.54
C LEU C 301 6.92 13.10 12.44
N SER C 302 6.02 12.72 13.36
CA SER C 302 5.50 11.36 13.44
C SER C 302 4.03 11.41 13.77
N TYR C 303 3.20 10.83 12.91
CA TYR C 303 1.79 10.69 13.20
C TYR C 303 1.56 9.43 14.03
N ARG C 304 0.77 9.59 15.10
CA ARG C 304 0.54 8.51 16.05
C ARG C 304 -0.96 8.43 16.33
N LYS C 305 -1.53 7.24 16.14
CA LYS C 305 -2.91 7.01 16.52
C LYS C 305 -3.02 6.87 18.03
N VAL C 306 -3.96 7.61 18.62
CA VAL C 306 -4.20 7.55 20.05
C VAL C 306 -5.30 6.54 20.31
N HIS C 307 -4.98 5.48 21.05
CA HIS C 307 -5.97 4.48 21.40
C HIS C 307 -7.12 5.12 22.15
N TRP C 308 -8.25 4.40 22.18
CA TRP C 308 -9.47 4.95 22.78
C TRP C 308 -9.37 5.12 24.28
N ASP C 309 -8.31 4.59 24.91
CA ASP C 309 -8.04 4.85 26.32
C ASP C 309 -7.10 6.04 26.50
N GLY C 310 -6.70 6.70 25.41
CA GLY C 310 -5.81 7.83 25.47
C GLY C 310 -4.34 7.48 25.47
N SER C 311 -3.99 6.20 25.49
CA SER C 311 -2.61 5.76 25.57
C SER C 311 -2.03 5.65 24.17
N PHE C 312 -1.17 6.60 23.81
CA PHE C 312 -0.44 6.55 22.55
C PHE C 312 1.05 6.46 22.83
N SER C 313 1.73 5.61 22.08
CA SER C 313 3.12 5.25 22.35
C SER C 313 4.05 5.88 21.33
N TYR C 314 5.17 6.39 21.81
CA TYR C 314 6.20 6.98 20.98
C TYR C 314 7.56 6.54 21.49
N LYS C 315 8.31 5.82 20.66
CA LYS C 315 9.65 5.34 20.98
C LYS C 315 9.69 4.70 22.38
N GLY C 316 8.69 3.86 22.64
CA GLY C 316 8.65 3.09 23.86
C GLY C 316 8.03 3.79 25.05
N GLU C 317 7.66 5.06 24.92
CA GLU C 317 7.05 5.82 26.00
C GLU C 317 5.56 5.99 25.70
N GLN C 318 4.72 5.51 26.60
CA GLN C 318 3.27 5.55 26.43
C GLN C 318 2.70 6.73 27.21
N TRP C 319 2.24 7.75 26.47
CA TRP C 319 1.64 8.92 27.07
C TRP C 319 0.12 8.81 27.06
N LEU C 320 -0.50 9.40 28.07
CA LEU C 320 -1.95 9.41 28.23
C LEU C 320 -2.47 10.83 27.99
N LEU C 321 -3.54 10.94 27.22
CA LEU C 321 -4.18 12.21 26.92
C LEU C 321 -5.62 12.19 27.43
N SER C 322 -6.33 13.27 27.17
CA SER C 322 -7.71 13.41 27.62
C SER C 322 -8.67 12.87 26.56
N ALA C 323 -9.93 12.68 26.97
CA ALA C 323 -10.94 12.10 26.09
C ALA C 323 -11.22 12.98 24.89
N GLU C 324 -10.87 14.27 24.95
CA GLU C 324 -11.17 15.17 23.85
C GLU C 324 -10.48 14.72 22.56
N TYR C 325 -9.28 14.17 22.68
CA TYR C 325 -8.49 13.78 21.51
C TYR C 325 -8.25 12.27 21.46
N ALA C 326 -9.09 11.48 22.11
CA ALA C 326 -8.95 10.03 22.09
C ALA C 326 -9.50 9.47 20.77
N GLY C 327 -8.79 8.49 20.23
CA GLY C 327 -9.18 7.84 19.01
C GLY C 327 -8.71 8.52 17.74
N LYS C 328 -8.09 9.70 17.85
CA LYS C 328 -7.60 10.44 16.70
C LYS C 328 -6.11 10.25 16.53
N GLU C 329 -5.60 10.68 15.39
CA GLU C 329 -4.18 10.63 15.08
C GLU C 329 -3.59 12.03 15.25
N ILE C 330 -2.47 12.12 15.96
CA ILE C 330 -1.85 13.41 16.27
C ILE C 330 -0.42 13.41 15.79
N LEU C 331 0.08 14.60 15.45
CA LEU C 331 1.46 14.79 15.03
C LEU C 331 2.31 15.09 16.26
N VAL C 332 3.27 14.22 16.54
CA VAL C 332 4.11 14.33 17.72
C VAL C 332 5.47 14.84 17.25
N LYS C 333 5.65 16.17 17.28
CA LYS C 333 6.92 16.76 16.88
C LYS C 333 7.89 16.65 18.05
N GLU C 334 8.99 15.93 17.83
CA GLU C 334 10.01 15.74 18.87
C GLU C 334 11.22 16.59 18.54
N ARG C 335 11.47 17.62 19.34
CA ARG C 335 12.68 18.40 19.19
C ARG C 335 13.90 17.56 19.56
N LEU C 336 15.02 17.85 18.89
CA LEU C 336 16.23 17.08 19.12
C LEU C 336 16.67 17.12 20.58
N ASN C 337 16.34 18.20 21.29
CA ASN C 337 16.68 18.28 22.71
C ASN C 337 16.00 17.18 23.50
N GLY C 338 14.73 16.91 23.18
CA GLY C 338 13.99 15.86 23.86
C GLY C 338 12.54 16.23 24.12
N ASP C 339 12.23 17.52 24.02
CA ASP C 339 10.87 17.98 24.26
C ASP C 339 9.93 17.45 23.20
N ILE C 340 8.71 17.11 23.61
CA ILE C 340 7.68 16.55 22.74
C ILE C 340 6.52 17.53 22.68
N ARG C 341 6.08 17.86 21.48
CA ARG C 341 4.94 18.76 21.27
C ARG C 341 3.90 18.04 20.44
N LEU C 342 2.68 17.94 20.97
CA LEU C 342 1.59 17.23 20.32
C LEU C 342 0.66 18.21 19.64
N TYR C 343 0.43 18.02 18.35
CA TYR C 343 -0.47 18.85 17.57
C TYR C 343 -1.61 17.98 17.03
N PHE C 344 -2.84 18.37 17.31
CA PHE C 344 -4.03 17.65 16.87
C PHE C 344 -4.75 18.52 15.84
N ARG C 345 -4.61 18.18 14.57
CA ARG C 345 -5.28 18.90 13.49
C ARG C 345 -4.94 20.38 13.53
N GLY C 346 -3.68 20.69 13.84
CA GLY C 346 -3.20 22.05 13.92
C GLY C 346 -3.32 22.69 15.29
N GLU C 347 -4.33 22.30 16.07
CA GLU C 347 -4.55 22.85 17.39
C GLU C 347 -3.61 22.16 18.38
N GLU C 348 -2.59 22.87 18.84
CA GLU C 348 -1.64 22.30 19.78
C GLU C 348 -2.33 21.96 21.09
N ILE C 349 -1.92 20.85 21.69
CA ILE C 349 -2.48 20.39 22.96
C ILE C 349 -1.47 20.69 24.06
N SER C 350 -1.97 20.78 25.29
CA SER C 350 -1.12 21.09 26.44
C SER C 350 0.06 20.13 26.51
N HIS C 351 1.25 20.69 26.71
CA HIS C 351 2.47 19.89 26.77
C HIS C 351 2.44 19.02 28.02
N VAL C 352 2.23 17.72 27.84
CA VAL C 352 2.16 16.78 28.95
C VAL C 352 3.54 16.64 29.58
N ASP C 353 3.61 16.02 30.74
CA ASP C 353 4.87 15.87 31.45
C ASP C 353 5.93 15.23 30.54
N GLN C 354 7.11 15.82 30.52
CA GLN C 354 8.20 15.38 29.67
C GLN C 354 9.50 15.30 30.47
N GLN C 355 9.43 14.67 31.65
CA GLN C 355 10.64 14.42 32.41
C GLN C 355 11.51 13.41 31.66
N LYS C 356 12.80 13.73 31.55
CA LYS C 356 13.73 12.92 30.76
C LYS C 356 14.22 11.72 31.57
N LYS C 357 13.25 10.91 32.00
CA LYS C 357 13.52 9.65 32.70
C LYS C 357 12.40 8.69 32.33
N VAL C 358 12.70 7.72 31.46
CA VAL C 358 11.71 6.77 31.00
C VAL C 358 11.06 6.11 32.22
N ILE C 359 9.74 6.24 32.34
CA ILE C 359 9.00 5.77 33.50
C ILE C 359 7.91 4.82 33.02
N SER C 360 7.55 3.88 33.89
CA SER C 360 6.58 2.85 33.53
C SER C 360 5.20 3.47 33.30
N PHE C 361 4.40 2.81 32.45
CA PHE C 361 3.09 3.33 32.10
C PHE C 361 2.15 3.37 33.29
N ALA C 362 2.29 2.43 34.23
CA ALA C 362 1.44 2.45 35.42
C ALA C 362 1.66 3.72 36.23
N GLU C 363 2.89 4.24 36.25
CA GLU C 363 3.16 5.49 36.94
C GLU C 363 2.38 6.63 36.29
N LYS C 364 2.32 6.67 34.96
CA LYS C 364 1.54 7.70 34.29
C LYS C 364 0.04 7.51 34.52
N ILE C 365 -0.42 6.26 34.58
CA ILE C 365 -1.80 6.00 34.95
C ILE C 365 -2.11 6.61 36.30
N LYS C 366 -1.24 6.35 37.29
CA LYS C 366 -1.44 6.92 38.62
C LYS C 366 -1.41 8.43 38.58
N LYS C 367 -0.47 9.00 37.83
CA LYS C 367 -0.33 10.45 37.75
C LYS C 367 -1.61 11.08 37.24
N LYS C 368 -2.11 10.58 36.11
CA LYS C 368 -3.34 11.14 35.55
C LYS C 368 -4.55 10.88 36.46
N GLN C 369 -4.60 9.70 37.08
CA GLN C 369 -5.72 9.38 37.95
C GLN C 369 -5.79 10.33 39.13
N THR C 370 -4.64 10.66 39.71
CA THR C 370 -4.63 11.60 40.83
C THR C 370 -4.81 13.04 40.36
N GLU C 371 -4.31 13.39 39.17
CA GLU C 371 -4.42 14.75 38.69
C GLU C 371 -5.88 15.09 38.34
N MET C 372 -6.59 14.17 37.69
CA MET C 372 -7.96 14.46 37.28
C MET C 372 -8.85 14.70 38.48
N ALA C 373 -8.67 13.92 39.54
CA ALA C 373 -9.48 14.05 40.74
C ALA C 373 -8.75 14.92 41.78
N MET D 1 54.30 40.34 -45.99
CA MET D 1 54.97 39.44 -46.97
C MET D 1 55.24 40.16 -48.28
N ILE D 2 55.94 39.49 -49.19
CA ILE D 2 56.24 40.03 -50.51
C ILE D 2 55.94 38.94 -51.53
N THR D 3 55.83 39.36 -52.79
CA THR D 3 55.44 38.45 -53.87
C THR D 3 56.34 37.22 -53.89
N ARG D 4 55.70 36.05 -53.94
CA ARG D 4 56.39 34.78 -54.16
C ARG D 4 57.06 34.71 -55.52
N GLY D 5 56.43 35.22 -56.57
CA GLY D 5 57.07 35.24 -57.87
C GLY D 5 58.37 36.01 -57.86
N GLU D 6 58.41 37.11 -57.09
CA GLU D 6 59.65 37.85 -56.95
C GLU D 6 60.74 37.00 -56.30
N PHE D 7 60.38 36.23 -55.25
CA PHE D 7 61.35 35.37 -54.62
C PHE D 7 61.88 34.31 -55.58
N PHE D 8 60.98 33.70 -56.36
CA PHE D 8 61.42 32.68 -57.31
C PHE D 8 62.31 33.28 -58.39
N MET D 9 61.95 34.46 -58.90
CA MET D 9 62.78 35.11 -59.90
C MET D 9 64.15 35.46 -59.32
N ILE D 10 64.18 35.91 -58.07
CA ILE D 10 65.46 36.23 -57.43
C ILE D 10 66.31 34.97 -57.28
N LYS D 11 65.69 33.86 -56.89
CA LYS D 11 66.44 32.60 -56.78
C LYS D 11 67.02 32.19 -58.13
N GLU D 12 66.21 32.27 -59.18
CA GLU D 12 66.69 31.92 -60.51
C GLU D 12 67.82 32.85 -60.95
N MET D 13 67.69 34.15 -60.67
CA MET D 13 68.70 35.11 -61.10
C MET D 13 70.01 34.91 -60.34
N TYR D 14 69.93 34.57 -59.06
CA TYR D 14 71.14 34.18 -58.34
C TYR D 14 71.75 32.93 -58.94
N GLU D 15 70.91 31.95 -59.27
CA GLU D 15 71.37 30.76 -59.99
C GLU D 15 71.69 31.04 -61.44
N ARG D 16 71.34 32.22 -61.95
CA ARG D 16 71.67 32.61 -63.32
C ARG D 16 73.10 33.12 -63.46
N GLY D 17 73.70 33.62 -62.37
CA GLY D 17 75.06 34.08 -62.41
C GLY D 17 75.22 35.54 -62.01
N MET D 18 74.29 36.05 -61.22
CA MET D 18 74.31 37.43 -60.75
C MET D 18 74.66 37.46 -59.28
N SER D 19 75.60 38.33 -58.91
CA SER D 19 76.01 38.44 -57.51
C SER D 19 74.84 38.88 -56.63
N ILE D 20 74.81 38.35 -55.42
CA ILE D 20 73.73 38.67 -54.48
C ILE D 20 73.70 40.15 -54.17
N SER D 21 74.87 40.76 -53.97
CA SER D 21 74.93 42.19 -53.64
C SER D 21 74.37 43.05 -54.78
N ASP D 22 74.72 42.72 -56.02
CA ASP D 22 74.17 43.45 -57.15
C ASP D 22 72.67 43.27 -57.24
N ILE D 23 72.18 42.07 -56.94
CA ILE D 23 70.73 41.84 -56.93
C ILE D 23 70.07 42.74 -55.90
N ALA D 24 70.66 42.82 -54.70
CA ALA D 24 70.10 43.68 -53.66
C ALA D 24 70.08 45.13 -54.10
N ARG D 25 71.17 45.60 -54.70
CA ARG D 25 71.21 46.99 -55.15
C ARG D 25 70.16 47.25 -56.22
N GLU D 26 70.00 46.33 -57.17
CA GLU D 26 69.07 46.54 -58.28
C GLU D 26 67.62 46.52 -57.80
N LEU D 27 67.26 45.56 -56.95
CA LEU D 27 65.87 45.38 -56.55
C LEU D 27 65.46 46.26 -55.39
N GLY D 28 66.39 47.03 -54.81
CA GLY D 28 66.05 47.83 -53.64
C GLY D 28 65.68 47.02 -52.43
N ILE D 29 66.07 45.74 -52.40
CA ILE D 29 65.81 44.85 -51.28
C ILE D 29 67.15 44.34 -50.76
N ASP D 30 67.26 44.23 -49.44
CA ASP D 30 68.53 43.82 -48.84
C ASP D 30 68.99 42.50 -49.42
N ARG D 31 70.31 42.30 -49.40
CA ARG D 31 70.90 41.07 -49.89
C ARG D 31 70.46 39.85 -49.08
N LYS D 32 70.03 40.06 -47.84
CA LYS D 32 69.78 38.95 -46.93
C LYS D 32 68.35 38.48 -46.93
N THR D 33 67.39 39.34 -47.29
CA THR D 33 66.07 38.83 -47.67
C THR D 33 66.20 37.96 -48.92
N VAL D 34 67.01 38.40 -49.88
CA VAL D 34 67.28 37.60 -51.07
C VAL D 34 67.89 36.26 -50.67
N ARG D 35 68.88 36.28 -49.79
CA ARG D 35 69.52 35.05 -49.35
C ARG D 35 68.52 34.13 -48.64
N LYS D 36 67.68 34.69 -47.77
CA LYS D 36 66.71 33.89 -47.03
C LYS D 36 65.72 33.22 -47.97
N TYR D 37 65.22 33.96 -48.96
CA TYR D 37 64.22 33.41 -49.86
C TYR D 37 64.82 32.63 -51.03
N ILE D 38 66.14 32.65 -51.20
CA ILE D 38 66.77 31.81 -52.21
C ILE D 38 66.67 30.34 -51.81
N HIS D 39 66.89 30.04 -50.53
CA HIS D 39 66.82 28.68 -50.01
C HIS D 39 65.41 28.26 -49.64
N SER D 40 64.40 28.94 -50.15
CA SER D 40 63.03 28.58 -49.83
C SER D 40 62.69 27.22 -50.44
N PRO D 41 62.29 26.22 -49.65
CA PRO D 41 61.96 24.93 -50.25
C PRO D 41 60.57 24.92 -50.86
N ASN D 42 59.67 25.67 -50.24
CA ASN D 42 58.28 25.81 -50.66
C ASN D 42 57.91 27.29 -50.64
N PRO D 43 56.91 27.68 -51.42
CA PRO D 43 56.54 29.12 -51.46
C PRO D 43 56.13 29.61 -50.10
N PRO D 44 56.37 30.89 -49.78
CA PRO D 44 55.92 31.43 -48.49
C PRO D 44 54.41 31.59 -48.46
N SER D 45 53.73 30.70 -47.74
CA SER D 45 52.28 30.76 -47.59
C SER D 45 51.95 31.51 -46.30
N LYS D 46 50.69 31.45 -45.89
CA LYS D 46 50.22 32.17 -44.69
C LYS D 46 51.20 32.03 -43.54
N SER D 47 51.55 33.17 -42.94
CA SER D 47 52.49 33.17 -41.83
C SER D 47 51.93 32.39 -40.66
N LYS D 48 52.79 31.61 -40.02
CA LYS D 48 52.39 30.79 -38.87
C LYS D 48 52.44 31.66 -37.62
N ARG D 49 51.30 32.30 -37.35
CA ARG D 49 51.14 33.10 -36.14
C ARG D 49 50.55 32.21 -35.05
N LYS D 50 51.16 32.24 -33.87
CA LYS D 50 50.89 31.27 -32.82
C LYS D 50 50.02 31.90 -31.73
N GLN D 51 48.72 31.62 -31.78
CA GLN D 51 47.79 31.88 -30.68
C GLN D 51 47.99 33.28 -30.11
N ARG D 52 47.68 34.27 -30.94
CA ARG D 52 47.75 35.66 -30.53
C ARG D 52 47.04 35.86 -29.21
N LYS D 53 47.75 36.39 -28.22
CA LYS D 53 47.19 36.59 -26.89
C LYS D 53 46.08 37.63 -26.94
N SER D 54 44.98 37.35 -26.25
CA SER D 54 43.82 38.22 -26.19
C SER D 54 43.79 38.96 -24.85
N LYS D 55 42.72 39.73 -24.64
CA LYS D 55 42.55 40.54 -23.45
C LYS D 55 41.63 39.88 -22.42
N LEU D 56 41.19 38.64 -22.67
CA LEU D 56 40.35 37.95 -21.71
C LEU D 56 40.76 36.48 -21.55
N ASP D 57 41.99 36.14 -21.93
CA ASP D 57 42.43 34.75 -21.78
C ASP D 57 42.33 34.25 -20.34
N PRO D 58 42.72 35.01 -19.32
CA PRO D 58 42.57 34.50 -17.94
C PRO D 58 41.15 34.15 -17.58
N PHE D 59 40.17 34.89 -18.10
CA PHE D 59 38.76 34.66 -17.79
C PHE D 59 38.10 33.64 -18.70
N LYS D 60 38.78 33.19 -19.75
CA LYS D 60 38.20 32.18 -20.64
C LYS D 60 37.70 30.95 -19.88
N PRO D 61 38.44 30.36 -18.96
CA PRO D 61 37.86 29.25 -18.17
C PRO D 61 36.61 29.65 -17.43
N TYR D 62 36.57 30.86 -16.87
CA TYR D 62 35.38 31.30 -16.14
C TYR D 62 34.20 31.46 -17.08
N LEU D 63 34.41 32.08 -18.23
CA LEU D 63 33.31 32.26 -19.19
C LEU D 63 32.81 30.91 -19.70
N GLN D 64 33.73 29.98 -19.99
CA GLN D 64 33.31 28.66 -20.43
C GLN D 64 32.53 27.94 -19.34
N LYS D 65 32.98 28.04 -18.09
CA LYS D 65 32.21 27.48 -16.99
C LYS D 65 30.79 28.06 -16.97
N ARG D 66 30.69 29.39 -17.04
CA ARG D 66 29.37 30.03 -17.02
C ARG D 66 28.50 29.48 -18.14
N MET D 67 29.00 29.52 -19.37
CA MET D 67 28.20 29.11 -20.51
C MET D 67 27.78 27.65 -20.43
N LEU D 68 28.72 26.76 -20.09
CA LEU D 68 28.49 25.33 -20.24
C LEU D 68 27.83 24.68 -19.03
N GLU D 69 27.90 25.30 -17.86
CA GLU D 69 27.18 24.81 -16.68
C GLU D 69 26.16 25.80 -16.17
N ASP D 70 26.55 27.06 -15.95
CA ASP D 70 25.59 28.05 -15.48
C ASP D 70 24.59 28.40 -16.58
N GLY D 71 25.00 28.28 -17.84
CA GLY D 71 24.11 28.53 -18.95
C GLY D 71 23.85 29.99 -19.27
N VAL D 72 24.59 30.91 -18.66
CA VAL D 72 24.39 32.33 -18.89
C VAL D 72 25.18 32.74 -20.12
N PHE D 73 24.48 33.33 -21.10
CA PHE D 73 25.11 33.75 -22.35
C PHE D 73 25.07 35.26 -22.55
N ASN D 74 24.43 36.00 -21.66
CA ASN D 74 24.37 37.45 -21.80
C ASN D 74 25.77 38.06 -21.69
N SER D 75 25.99 39.12 -22.44
CA SER D 75 27.27 39.83 -22.44
C SER D 75 27.26 41.06 -21.54
N GLU D 76 26.24 41.19 -20.68
CA GLU D 76 26.19 42.26 -19.70
C GLU D 76 26.35 41.75 -18.27
N LYS D 77 25.60 40.71 -17.90
CA LYS D 77 25.81 40.08 -16.59
C LYS D 77 27.25 39.64 -16.43
N LEU D 78 27.74 38.85 -17.38
CA LEU D 78 29.12 38.37 -17.28
C LEU D 78 30.12 39.49 -17.49
N PHE D 79 29.76 40.52 -18.28
CA PHE D 79 30.65 41.67 -18.41
C PHE D 79 30.86 42.34 -17.07
N PHE D 80 29.78 42.55 -16.32
CA PHE D 80 29.91 43.14 -14.99
C PHE D 80 30.67 42.21 -14.05
N GLU D 81 30.41 40.90 -14.13
CA GLU D 81 31.10 39.96 -13.25
C GLU D 81 32.61 39.98 -13.50
N ILE D 82 33.01 39.97 -14.78
CA ILE D 82 34.43 40.00 -15.11
C ILE D 82 35.04 41.36 -14.79
N ARG D 83 34.26 42.44 -14.93
CA ARG D 83 34.72 43.74 -14.46
C ARG D 83 35.04 43.69 -12.97
N GLN D 84 34.17 43.05 -12.19
CA GLN D 84 34.46 42.85 -10.78
C GLN D 84 35.73 42.02 -10.60
N GLN D 85 35.91 41.00 -11.43
CA GLN D 85 37.09 40.14 -11.37
C GLN D 85 38.32 40.76 -12.04
N GLY D 86 38.28 42.03 -12.42
CA GLY D 86 39.43 42.69 -13.00
C GLY D 86 39.55 42.51 -14.50
N TYR D 87 38.54 42.96 -15.24
CA TYR D 87 38.49 42.84 -16.69
C TYR D 87 38.65 44.23 -17.30
N THR D 88 39.68 44.39 -18.12
CA THR D 88 40.09 45.68 -18.67
C THR D 88 39.63 45.90 -20.10
N GLY D 89 38.97 44.93 -20.71
CA GLY D 89 38.51 45.03 -22.09
C GLY D 89 37.13 45.62 -22.20
N GLY D 90 36.43 45.24 -23.27
CA GLY D 90 35.12 45.78 -23.55
C GLY D 90 34.02 44.75 -23.67
N LYS D 91 33.11 44.96 -24.61
CA LYS D 91 31.93 44.12 -24.80
C LYS D 91 31.96 43.32 -26.10
N THR D 92 32.46 43.92 -27.18
CA THR D 92 32.51 43.22 -28.46
C THR D 92 33.27 41.91 -28.34
N ILE D 93 34.34 41.92 -27.55
CA ILE D 93 35.13 40.69 -27.37
C ILE D 93 34.27 39.58 -26.82
N LEU D 94 33.52 39.87 -25.75
CA LEU D 94 32.69 38.87 -25.11
C LEU D 94 31.59 38.40 -26.06
N LYS D 95 30.94 39.34 -26.75
CA LYS D 95 29.88 38.99 -27.67
C LYS D 95 30.39 38.03 -28.74
N ASP D 96 31.49 38.40 -29.40
CA ASP D 96 32.04 37.57 -30.47
C ASP D 96 32.49 36.21 -29.93
N TYR D 97 33.10 36.20 -28.75
CA TYR D 97 33.62 34.94 -28.22
C TYR D 97 32.50 34.00 -27.82
N MET D 98 31.36 34.53 -27.34
CA MET D 98 30.23 33.67 -27.02
C MET D 98 29.37 33.31 -28.22
N LYS D 99 29.47 34.07 -29.33
CA LYS D 99 28.59 33.80 -30.47
C LYS D 99 28.59 32.34 -30.90
N PRO D 100 29.73 31.66 -31.00
CA PRO D 100 29.67 30.21 -31.31
C PRO D 100 28.90 29.41 -30.27
N PHE D 101 29.20 29.60 -28.99
CA PHE D 101 28.47 28.89 -27.95
C PHE D 101 27.00 29.29 -27.94
N ARG D 102 26.72 30.57 -28.17
CA ARG D 102 25.34 31.03 -28.20
C ARG D 102 24.55 30.32 -29.29
N GLU D 103 25.12 30.25 -30.50
CA GLU D 103 24.42 29.59 -31.59
C GLU D 103 24.32 28.09 -31.36
N THR D 104 25.34 27.49 -30.74
CA THR D 104 25.27 26.07 -30.40
C THR D 104 24.13 25.80 -29.43
N ALA D 105 23.99 26.64 -28.41
CA ALA D 105 22.89 26.48 -27.46
C ALA D 105 21.54 26.69 -28.16
N LYS D 106 21.46 27.69 -29.03
CA LYS D 106 20.21 27.93 -29.75
C LYS D 106 19.84 26.74 -30.61
N LYS D 107 20.83 26.09 -31.24
CA LYS D 107 20.55 24.96 -32.11
C LYS D 107 19.90 23.81 -31.37
N LYS D 108 20.03 23.77 -30.03
CA LYS D 108 19.34 22.74 -29.26
C LYS D 108 17.83 22.82 -29.40
N TYR D 109 17.30 23.96 -29.83
CA TYR D 109 15.86 24.17 -29.92
C TYR D 109 15.35 24.26 -31.35
N THR D 110 16.22 24.46 -32.33
CA THR D 110 15.81 24.48 -33.74
C THR D 110 15.85 23.06 -34.28
N VAL D 111 14.89 22.26 -33.82
CA VAL D 111 14.81 20.85 -34.22
C VAL D 111 14.04 20.78 -35.52
N ARG D 112 14.74 20.97 -36.63
CA ARG D 112 14.17 20.94 -37.97
C ARG D 112 14.86 19.88 -38.82
N TYR D 113 15.22 18.77 -38.19
CA TYR D 113 15.89 17.67 -38.88
C TYR D 113 14.86 16.74 -39.51
N GLU D 114 15.29 16.05 -40.56
CA GLU D 114 14.45 15.10 -41.26
C GLU D 114 14.67 13.70 -40.70
N THR D 115 13.58 12.95 -40.57
CA THR D 115 13.65 11.55 -40.16
C THR D 115 14.09 10.71 -41.34
N LEU D 116 15.09 9.87 -41.11
CA LEU D 116 15.65 9.03 -42.16
C LEU D 116 14.98 7.66 -42.15
N PRO D 117 15.15 6.88 -43.23
CA PRO D 117 14.35 5.67 -43.40
C PRO D 117 14.41 4.75 -42.19
N GLY D 118 13.25 4.30 -41.73
CA GLY D 118 13.14 3.32 -40.68
C GLY D 118 13.42 3.84 -39.29
N GLU D 119 13.79 5.12 -39.16
CA GLU D 119 14.26 5.63 -37.87
C GLU D 119 13.16 5.56 -36.81
N GLN D 120 12.11 6.36 -36.97
CA GLN D 120 11.10 6.50 -35.93
C GLN D 120 9.70 6.32 -36.50
N MET D 121 8.80 5.80 -35.67
CA MET D 121 7.39 5.66 -36.00
C MET D 121 6.58 6.47 -35.00
N GLN D 122 5.86 7.48 -35.49
CA GLN D 122 5.06 8.36 -34.67
C GLN D 122 3.65 7.78 -34.52
N VAL D 123 3.19 7.61 -33.29
CA VAL D 123 1.89 7.00 -33.04
C VAL D 123 0.99 8.00 -32.32
N ASP D 124 -0.28 8.05 -32.73
CA ASP D 124 -1.26 8.96 -32.16
C ASP D 124 -2.55 8.21 -31.84
N TRP D 125 -3.26 8.72 -30.83
CA TRP D 125 -4.52 8.18 -30.36
C TRP D 125 -5.66 9.15 -30.67
N LYS D 126 -6.89 8.69 -30.46
CA LYS D 126 -8.06 9.54 -30.70
C LYS D 126 -9.32 8.92 -30.12
N GLU D 127 -10.19 9.75 -29.58
CA GLU D 127 -11.56 9.35 -29.26
C GLU D 127 -12.43 9.65 -30.47
N VAL D 128 -12.85 8.61 -31.19
CA VAL D 128 -13.57 8.85 -32.43
C VAL D 128 -14.92 9.52 -32.13
N GLY D 129 -15.53 9.15 -31.04
CA GLY D 129 -16.83 9.65 -30.67
C GLY D 129 -17.53 8.65 -29.76
N GLU D 130 -18.83 8.49 -29.98
CA GLU D 130 -19.65 7.54 -29.24
C GLU D 130 -20.42 6.68 -30.23
N VAL D 131 -20.30 5.36 -30.07
CA VAL D 131 -21.00 4.40 -30.91
C VAL D 131 -21.65 3.36 -30.00
N VAL D 132 -22.63 2.66 -30.55
CA VAL D 132 -23.39 1.65 -29.81
C VAL D 132 -23.13 0.30 -30.45
N ILE D 133 -22.63 -0.64 -29.65
CA ILE D 133 -22.37 -2.01 -30.09
C ILE D 133 -23.18 -2.94 -29.19
N GLU D 134 -24.06 -3.73 -29.79
CA GLU D 134 -24.92 -4.65 -29.04
C GLU D 134 -25.76 -3.91 -28.00
N GLY D 135 -26.15 -2.67 -28.30
CA GLY D 135 -26.98 -1.90 -27.42
C GLY D 135 -26.26 -1.23 -26.27
N LYS D 136 -24.93 -1.25 -26.25
CA LYS D 136 -24.14 -0.66 -25.18
C LYS D 136 -23.21 0.40 -25.78
N LYS D 137 -23.23 1.59 -25.20
CA LYS D 137 -22.37 2.67 -25.66
C LYS D 137 -20.91 2.34 -25.37
N VAL D 138 -20.03 2.86 -26.21
CA VAL D 138 -18.59 2.64 -26.07
C VAL D 138 -17.85 3.79 -26.74
N LYS D 139 -16.81 4.27 -26.07
CA LYS D 139 -15.99 5.36 -26.63
C LYS D 139 -14.88 4.74 -27.45
N LEU D 140 -15.21 4.39 -28.69
CA LEU D 140 -14.24 3.87 -29.63
C LEU D 140 -13.12 4.87 -29.85
N SER D 141 -11.94 4.36 -30.20
CA SER D 141 -10.76 5.18 -30.34
C SER D 141 -10.01 4.78 -31.61
N LEU D 142 -9.53 5.78 -32.34
CA LEU D 142 -8.66 5.53 -33.47
C LEU D 142 -7.20 5.54 -33.05
N PHE D 143 -6.43 4.66 -33.67
CA PHE D 143 -5.01 4.44 -33.41
C PHE D 143 -4.30 4.57 -34.75
N VAL D 144 -3.39 5.54 -34.85
CA VAL D 144 -2.76 5.88 -36.13
C VAL D 144 -1.26 5.84 -35.95
N ALA D 145 -0.60 4.88 -36.60
CA ALA D 145 0.85 4.87 -36.72
C ALA D 145 1.26 5.55 -38.02
N THR D 146 2.43 6.20 -37.99
CA THR D 146 2.90 7.01 -39.10
C THR D 146 4.40 6.83 -39.23
N LEU D 147 4.85 6.37 -40.39
CA LEU D 147 6.28 6.26 -40.64
C LEU D 147 6.88 7.64 -40.86
N GLY D 148 8.00 7.90 -40.18
CA GLY D 148 8.60 9.22 -40.25
C GLY D 148 9.10 9.55 -41.65
N TYR D 149 9.64 8.56 -42.36
CA TYR D 149 10.21 8.80 -43.68
C TYR D 149 9.15 8.63 -44.78
N SER D 150 8.53 7.46 -44.85
CA SER D 150 7.57 7.19 -45.91
C SER D 150 6.26 7.93 -45.73
N ARG D 151 5.96 8.41 -44.52
CA ARG D 151 4.76 9.17 -44.18
C ARG D 151 3.49 8.34 -44.25
N MET D 152 3.58 7.04 -44.53
CA MET D 152 2.38 6.22 -44.60
C MET D 152 1.69 6.14 -43.25
N LYS D 153 0.37 5.99 -43.28
CA LYS D 153 -0.46 5.95 -42.09
C LYS D 153 -1.20 4.64 -42.01
N TYR D 154 -1.07 3.95 -40.88
CA TYR D 154 -1.84 2.76 -40.57
C TYR D 154 -2.82 3.12 -39.46
N ALA D 155 -4.11 3.01 -39.75
CA ALA D 155 -5.16 3.45 -38.84
C ALA D 155 -6.09 2.28 -38.51
N VAL D 156 -6.52 2.21 -37.25
CA VAL D 156 -7.42 1.14 -36.81
C VAL D 156 -8.28 1.64 -35.66
N PHE D 157 -9.50 1.12 -35.60
CA PHE D 157 -10.44 1.41 -34.51
C PHE D 157 -10.33 0.33 -33.44
N THR D 158 -10.21 0.77 -32.19
CA THR D 158 -10.16 -0.13 -31.04
C THR D 158 -11.04 0.43 -29.93
N THR D 159 -11.73 -0.46 -29.22
CA THR D 159 -12.63 -0.01 -28.15
C THR D 159 -11.85 0.69 -27.04
N SER D 160 -10.73 0.10 -26.62
CA SER D 160 -9.97 0.60 -25.48
C SER D 160 -8.56 0.98 -25.90
N GLN D 161 -8.02 2.00 -25.24
CA GLN D 161 -6.64 2.43 -25.42
C GLN D 161 -5.70 1.80 -24.39
N ASP D 162 -6.04 0.60 -23.91
CA ASP D 162 -5.24 -0.05 -22.89
C ASP D 162 -3.93 -0.55 -23.50
N GLN D 163 -3.06 -1.06 -22.63
CA GLN D 163 -1.74 -1.49 -23.07
C GLN D 163 -1.82 -2.67 -24.03
N GLU D 164 -2.72 -3.63 -23.76
CA GLU D 164 -2.81 -4.80 -24.62
C GLU D 164 -3.28 -4.42 -26.02
N HIS D 165 -4.28 -3.54 -26.12
CA HIS D 165 -4.69 -3.06 -27.43
C HIS D 165 -3.55 -2.34 -28.13
N LEU D 166 -2.77 -1.56 -27.36
CA LEU D 166 -1.63 -0.86 -27.93
C LEU D 166 -0.64 -1.85 -28.54
N MET D 167 -0.32 -2.91 -27.80
CA MET D 167 0.64 -3.90 -28.30
C MET D 167 0.09 -4.63 -29.52
N GLU D 168 -1.19 -5.01 -29.49
CA GLU D 168 -1.77 -5.70 -30.64
C GLU D 168 -1.76 -4.80 -31.88
N CYS D 169 -2.10 -3.52 -31.71
CA CYS D 169 -2.09 -2.61 -32.85
C CYS D 169 -0.68 -2.36 -33.34
N LEU D 170 0.30 -2.33 -32.45
CA LEU D 170 1.69 -2.20 -32.90
C LEU D 170 2.12 -3.42 -33.71
N ILE D 171 1.72 -4.62 -33.26
CA ILE D 171 2.01 -5.83 -34.02
C ILE D 171 1.38 -5.75 -35.40
N GLN D 172 0.11 -5.33 -35.45
CA GLN D 172 -0.58 -5.21 -36.73
C GLN D 172 0.11 -4.19 -37.63
N SER D 173 0.55 -3.06 -37.05
CA SER D 173 1.24 -2.04 -37.84
C SER D 173 2.56 -2.57 -38.39
N PHE D 174 3.31 -3.29 -37.58
CA PHE D 174 4.58 -3.86 -38.06
C PHE D 174 4.33 -4.87 -39.16
N LYS D 175 3.29 -5.69 -39.03
CA LYS D 175 2.94 -6.63 -40.10
C LYS D 175 2.55 -5.89 -41.37
N TYR D 176 1.75 -4.83 -41.24
CA TYR D 176 1.30 -4.08 -42.41
C TYR D 176 2.48 -3.42 -43.12
N PHE D 177 3.40 -2.83 -42.36
CA PHE D 177 4.54 -2.14 -42.95
C PHE D 177 5.66 -3.09 -43.34
N GLY D 178 5.61 -4.36 -42.92
CA GLY D 178 6.62 -5.32 -43.28
C GLY D 178 7.94 -5.10 -42.58
N GLY D 179 7.94 -5.22 -41.26
CA GLY D 179 9.13 -5.08 -40.44
C GLY D 179 8.87 -4.20 -39.25
N VAL D 180 9.95 -3.74 -38.63
CA VAL D 180 9.87 -2.90 -37.43
C VAL D 180 10.82 -1.71 -37.59
N PRO D 181 10.51 -0.55 -37.04
CA PRO D 181 11.45 0.57 -37.07
C PRO D 181 12.31 0.60 -35.80
N LYS D 182 13.36 1.42 -35.86
CA LYS D 182 14.32 1.49 -34.77
C LYS D 182 13.66 1.97 -33.49
N LYS D 183 12.95 3.09 -33.55
CA LYS D 183 12.34 3.71 -32.38
C LYS D 183 10.86 3.98 -32.67
N VAL D 184 10.03 3.87 -31.65
CA VAL D 184 8.61 4.14 -31.76
C VAL D 184 8.26 5.18 -30.71
N LEU D 185 7.73 6.32 -31.15
CA LEU D 185 7.45 7.43 -30.26
C LEU D 185 5.96 7.68 -30.16
N PHE D 186 5.50 7.86 -28.93
CA PHE D 186 4.10 8.00 -28.55
C PHE D 186 3.87 9.37 -27.91
N ASP D 187 2.66 9.58 -27.41
CA ASP D 187 2.35 10.71 -26.54
C ASP D 187 2.30 10.24 -25.10
N ASN D 188 2.73 11.10 -24.18
CA ASN D 188 2.79 10.76 -22.77
C ASN D 188 1.48 10.15 -22.30
N MET D 189 1.53 8.90 -21.84
CA MET D 189 0.33 8.19 -21.43
C MET D 189 0.72 7.09 -20.46
N LYS D 190 -0.28 6.59 -19.72
CA LYS D 190 0.00 5.67 -18.63
C LYS D 190 0.47 4.31 -19.13
N THR D 191 -0.07 3.85 -20.26
CA THR D 191 0.26 2.50 -20.73
C THR D 191 1.71 2.35 -21.13
N VAL D 192 2.44 3.45 -21.31
CA VAL D 192 3.82 3.43 -21.79
C VAL D 192 4.81 3.71 -20.66
N THR D 193 4.72 4.89 -20.05
CA THR D 193 5.64 5.32 -19.00
C THR D 193 4.85 5.66 -17.74
N ASP D 194 5.43 5.32 -16.59
CA ASP D 194 4.82 5.63 -15.29
C ASP D 194 5.32 6.98 -14.79
N GLY D 195 5.11 8.00 -15.62
CA GLY D 195 5.49 9.35 -15.29
C GLY D 195 6.87 9.71 -15.80
N ARG D 196 7.08 11.02 -15.97
CA ARG D 196 8.36 11.56 -16.39
C ARG D 196 8.68 12.80 -15.55
N GLU D 197 9.95 13.19 -15.56
CA GLU D 197 10.44 14.29 -14.73
C GLU D 197 11.31 15.23 -15.57
N GLN D 198 10.82 15.62 -16.74
CA GLN D 198 11.46 16.64 -17.58
C GLN D 198 12.89 16.24 -17.95
N GLY D 199 12.99 15.16 -18.71
CA GLY D 199 14.27 14.72 -19.23
C GLY D 199 14.50 13.23 -19.10
N VAL D 200 13.87 12.61 -18.10
CA VAL D 200 14.00 11.18 -17.86
C VAL D 200 12.61 10.58 -17.74
N VAL D 201 12.51 9.31 -18.11
CA VAL D 201 11.24 8.61 -18.21
C VAL D 201 11.36 7.24 -17.57
N LYS D 202 10.30 6.81 -16.87
CA LYS D 202 10.25 5.51 -16.21
C LYS D 202 9.38 4.58 -17.06
N TRP D 203 10.05 3.72 -17.83
CA TRP D 203 9.34 2.84 -18.73
C TRP D 203 8.64 1.71 -17.98
N ASN D 204 7.60 1.17 -18.59
CA ASN D 204 6.85 0.06 -18.01
C ASN D 204 7.61 -1.25 -18.25
N GLN D 205 7.22 -2.27 -17.48
CA GLN D 205 7.89 -3.56 -17.56
C GLN D 205 7.40 -4.37 -18.76
N ARG D 206 6.09 -4.62 -18.84
CA ARG D 206 5.55 -5.37 -19.97
C ARG D 206 5.81 -4.66 -21.28
N PHE D 207 5.64 -3.34 -21.31
CA PHE D 207 5.88 -2.59 -22.53
C PHE D 207 7.33 -2.73 -22.96
N SER D 208 8.27 -2.69 -22.01
CA SER D 208 9.68 -2.81 -22.36
C SER D 208 10.00 -4.21 -22.86
N GLU D 209 9.40 -5.23 -22.25
CA GLU D 209 9.59 -6.60 -22.73
C GLU D 209 9.09 -6.73 -24.16
N PHE D 210 7.91 -6.16 -24.44
CA PHE D 210 7.36 -6.18 -25.79
C PHE D 210 8.28 -5.47 -26.77
N ALA D 211 8.77 -4.30 -26.38
CA ALA D 211 9.61 -3.50 -27.27
C ALA D 211 10.90 -4.22 -27.59
N SER D 212 11.54 -4.84 -26.59
CA SER D 212 12.77 -5.57 -26.82
C SER D 212 12.54 -6.92 -27.46
N TYR D 213 11.30 -7.43 -27.46
CA TYR D 213 10.98 -8.62 -28.22
C TYR D 213 10.80 -8.33 -29.70
N TYR D 214 10.21 -7.17 -30.03
CA TYR D 214 10.07 -6.73 -31.41
C TYR D 214 11.18 -5.79 -31.84
N GLY D 215 12.21 -5.60 -31.01
CA GLY D 215 13.39 -4.87 -31.42
C GLY D 215 13.17 -3.41 -31.73
N PHE D 216 12.33 -2.72 -30.95
CA PHE D 216 12.18 -1.29 -31.04
C PHE D 216 12.27 -0.70 -29.64
N ILE D 217 12.41 0.62 -29.56
CA ILE D 217 12.61 1.33 -28.30
C ILE D 217 11.50 2.35 -28.17
N PRO D 218 10.78 2.40 -27.04
CA PRO D 218 9.76 3.44 -26.85
C PRO D 218 10.37 4.82 -26.67
N LYS D 219 9.56 5.84 -26.97
CA LYS D 219 9.98 7.23 -26.74
C LYS D 219 8.72 8.09 -26.57
N VAL D 220 8.47 8.52 -25.34
CA VAL D 220 7.43 9.50 -25.07
C VAL D 220 8.08 10.88 -25.01
N CYS D 221 7.84 11.71 -26.02
CA CYS D 221 8.45 13.03 -26.14
C CYS D 221 7.39 14.09 -26.04
N ARG D 222 7.60 15.05 -25.14
CA ARG D 222 6.63 16.12 -24.89
C ARG D 222 5.20 15.58 -24.80
N ARG D 234 -3.25 15.47 -35.95
CA ARG D 234 -3.26 16.06 -37.29
C ARG D 234 -3.61 15.03 -38.34
N ALA D 235 -2.74 14.02 -38.50
CA ALA D 235 -3.10 12.88 -39.35
C ALA D 235 -4.43 12.28 -38.90
N ILE D 236 -4.63 12.22 -37.58
CA ILE D 236 -5.91 11.75 -37.04
C ILE D 236 -7.05 12.59 -37.56
N GLN D 237 -6.92 13.92 -37.50
CA GLN D 237 -8.01 14.79 -37.86
C GLN D 237 -8.30 14.68 -39.36
N TYR D 238 -7.25 14.54 -40.17
CA TYR D 238 -7.44 14.33 -41.60
C TYR D 238 -8.18 13.03 -41.88
N ILE D 239 -7.79 11.95 -41.21
CA ILE D 239 -8.48 10.68 -41.40
C ILE D 239 -9.94 10.81 -41.04
N MET D 240 -10.23 11.45 -39.90
CA MET D 240 -11.62 11.58 -39.48
C MET D 240 -12.43 12.45 -40.43
N ASP D 241 -11.81 13.51 -40.97
CA ASP D 241 -12.51 14.41 -41.88
C ASP D 241 -12.72 13.81 -43.26
N HIS D 242 -11.85 12.89 -43.69
CA HIS D 242 -11.92 12.38 -45.05
C HIS D 242 -12.55 10.99 -45.15
N PHE D 243 -12.56 10.20 -44.07
CA PHE D 243 -13.12 8.86 -44.11
C PHE D 243 -14.31 8.68 -43.18
N TYR D 244 -14.16 9.02 -41.90
CA TYR D 244 -15.20 8.71 -40.93
C TYR D 244 -16.48 9.52 -41.19
N VAL D 245 -16.33 10.78 -41.58
CA VAL D 245 -17.51 11.61 -41.81
C VAL D 245 -18.29 11.05 -43.00
N GLY D 246 -19.59 10.87 -42.81
CA GLY D 246 -20.42 10.32 -43.86
C GLY D 246 -20.07 8.90 -44.26
N THR D 247 -19.77 8.05 -43.29
CA THR D 247 -19.45 6.65 -43.53
C THR D 247 -20.53 5.76 -42.96
N ALA D 248 -20.90 4.72 -43.70
CA ALA D 248 -21.93 3.78 -43.28
C ALA D 248 -21.28 2.49 -42.80
N PHE D 249 -21.63 2.06 -41.59
CA PHE D 249 -21.08 0.84 -41.02
C PHE D 249 -21.93 0.44 -39.83
N GLU D 250 -22.09 -0.88 -39.63
CA GLU D 250 -22.78 -1.42 -38.47
C GLU D 250 -21.90 -2.39 -37.69
N SER D 251 -20.69 -2.67 -38.14
CA SER D 251 -19.77 -3.56 -37.46
C SER D 251 -18.41 -2.91 -37.34
N ILE D 252 -17.72 -3.20 -36.23
CA ILE D 252 -16.37 -2.66 -36.04
C ILE D 252 -15.39 -3.33 -36.98
N GLU D 253 -15.50 -4.65 -37.17
CA GLU D 253 -14.62 -5.34 -38.10
C GLU D 253 -14.79 -4.84 -39.51
N GLU D 254 -16.05 -4.63 -39.94
CA GLU D 254 -16.30 -4.09 -41.27
C GLU D 254 -15.74 -2.68 -41.40
N LEU D 255 -15.86 -1.87 -40.35
CA LEU D 255 -15.32 -0.52 -40.39
C LEU D 255 -13.80 -0.56 -40.53
N ASN D 256 -13.13 -1.44 -39.80
CA ASN D 256 -11.68 -1.58 -39.93
C ASN D 256 -11.31 -2.04 -41.33
N PHE D 257 -12.07 -2.98 -41.88
CA PHE D 257 -11.81 -3.43 -43.24
C PHE D 257 -11.92 -2.27 -44.23
N LEU D 258 -12.97 -1.46 -44.09
CA LEU D 258 -13.15 -0.33 -44.99
C LEU D 258 -12.03 0.69 -44.82
N LEU D 259 -11.60 0.93 -43.58
CA LEU D 259 -10.51 1.87 -43.35
C LEU D 259 -9.22 1.39 -43.98
N HIS D 260 -8.90 0.10 -43.82
CA HIS D 260 -7.69 -0.43 -44.43
C HIS D 260 -7.77 -0.41 -45.96
N ARG D 261 -8.95 -0.67 -46.52
CA ARG D 261 -9.12 -0.58 -47.97
C ARG D 261 -8.90 0.85 -48.45
N TRP D 262 -9.48 1.82 -47.76
CA TRP D 262 -9.29 3.23 -48.11
C TRP D 262 -7.81 3.61 -48.00
N LEU D 263 -7.15 3.14 -46.95
CA LEU D 263 -5.74 3.43 -46.78
C LEU D 263 -4.92 2.86 -47.92
N ASP D 264 -5.23 1.63 -48.32
CA ASP D 264 -4.50 1.00 -49.42
C ASP D 264 -4.77 1.70 -50.74
N GLN D 265 -5.96 2.27 -50.93
CA GLN D 265 -6.30 2.82 -52.23
C GLN D 265 -5.92 4.29 -52.38
N VAL D 266 -6.47 5.17 -51.52
CA VAL D 266 -6.36 6.62 -51.75
C VAL D 266 -5.82 7.36 -50.53
N ALA D 267 -5.13 6.69 -49.63
CA ALA D 267 -4.45 7.36 -48.53
C ALA D 267 -2.95 7.14 -48.58
N ASN D 268 -2.52 5.90 -48.73
CA ASN D 268 -1.11 5.57 -48.88
C ASN D 268 -0.63 5.68 -50.32
N ARG D 269 -1.54 5.94 -51.27
CA ARG D 269 -1.19 6.14 -52.67
C ARG D 269 -1.62 7.52 -53.14
N LYS D 270 -1.62 8.49 -52.23
CA LYS D 270 -2.01 9.87 -52.54
C LYS D 270 -0.75 10.73 -52.60
N PRO D 271 -0.27 11.09 -53.78
CA PRO D 271 1.00 11.84 -53.85
C PRO D 271 0.90 13.17 -53.11
N ASN D 272 1.99 13.55 -52.47
CA ASN D 272 2.10 14.86 -51.85
C ASN D 272 2.37 15.91 -52.92
N ALA D 273 1.75 17.08 -52.77
CA ALA D 273 1.88 18.12 -53.79
C ALA D 273 3.33 18.56 -53.95
N THR D 274 4.06 18.72 -52.85
CA THR D 274 5.44 19.19 -52.93
C THR D 274 6.35 18.11 -53.50
N THR D 275 6.44 16.96 -52.82
CA THR D 275 7.33 15.90 -53.28
C THR D 275 6.89 15.36 -54.63
N GLY D 276 5.60 15.16 -54.82
CA GLY D 276 5.10 14.56 -56.04
C GLY D 276 5.23 13.06 -56.10
N ILE D 277 5.51 12.40 -54.98
CA ILE D 277 5.70 10.95 -54.93
C ILE D 277 4.68 10.37 -53.97
N SER D 278 4.13 9.22 -54.33
CA SER D 278 3.19 8.55 -53.45
C SER D 278 3.93 7.88 -52.29
N PRO D 279 3.25 7.69 -51.15
CA PRO D 279 3.92 7.03 -50.02
C PRO D 279 4.42 5.63 -50.32
N GLN D 280 3.82 4.94 -51.31
CA GLN D 280 4.18 3.55 -51.56
C GLN D 280 5.65 3.42 -51.95
N GLU D 281 6.12 4.27 -52.86
CA GLU D 281 7.52 4.20 -53.27
C GLU D 281 8.46 4.55 -52.13
N ARG D 282 8.10 5.58 -51.34
CA ARG D 282 8.91 5.95 -50.20
C ARG D 282 9.06 4.79 -49.22
N TRP D 283 7.97 4.07 -48.98
CA TRP D 283 8.03 2.87 -48.14
C TRP D 283 8.90 1.81 -48.79
N ALA D 284 8.74 1.60 -50.10
CA ALA D 284 9.55 0.62 -50.80
C ALA D 284 11.04 0.88 -50.58
N GLU D 285 11.43 2.15 -50.59
CA GLU D 285 12.81 2.54 -50.28
C GLU D 285 12.99 2.81 -48.79
N GLU D 286 12.59 1.85 -47.95
CA GLU D 286 12.64 2.00 -46.51
C GLU D 286 13.28 0.76 -45.90
N SER D 287 13.88 0.94 -44.72
CA SER D 287 14.64 -0.10 -44.03
C SER D 287 13.99 -0.39 -42.68
N LEU D 288 13.18 -1.46 -42.64
CA LEU D 288 12.60 -1.96 -41.39
C LEU D 288 13.26 -3.28 -41.05
N LYS D 289 13.73 -3.39 -39.81
CA LYS D 289 14.35 -4.63 -39.36
C LYS D 289 13.30 -5.75 -39.33
N PRO D 290 13.73 -7.00 -39.54
CA PRO D 290 12.76 -8.10 -39.62
C PRO D 290 11.89 -8.24 -38.37
N LEU D 291 10.79 -8.97 -38.50
CA LEU D 291 9.85 -9.25 -37.43
C LEU D 291 10.01 -10.68 -36.94
N PRO D 292 10.01 -10.91 -35.62
CA PRO D 292 10.24 -12.27 -35.11
C PRO D 292 9.29 -13.28 -35.74
N LEU D 293 9.72 -14.54 -35.71
CA LEU D 293 8.93 -15.61 -36.33
C LEU D 293 7.56 -15.73 -35.67
N LYS D 294 7.53 -15.65 -34.34
CA LYS D 294 6.29 -15.73 -33.58
C LYS D 294 5.92 -14.35 -33.04
N ASP D 295 4.71 -14.27 -32.49
CA ASP D 295 4.15 -13.02 -32.00
C ASP D 295 4.08 -13.03 -30.49
N TYR D 296 4.17 -11.84 -29.90
CA TYR D 296 4.07 -11.70 -28.46
C TYR D 296 2.66 -12.04 -27.97
N ASP D 297 2.58 -12.52 -26.73
CA ASP D 297 1.30 -12.84 -26.10
C ASP D 297 0.80 -11.60 -25.38
N THR D 298 -0.10 -10.86 -26.04
CA THR D 298 -0.69 -9.65 -25.49
C THR D 298 -1.97 -9.92 -24.72
N SER D 299 -2.12 -11.13 -24.19
CA SER D 299 -3.30 -11.49 -23.41
C SER D 299 -3.29 -10.69 -22.11
N TYR D 300 -4.44 -10.12 -21.76
CA TYR D 300 -4.59 -9.44 -20.48
C TYR D 300 -4.07 -10.34 -19.37
N LEU D 301 -3.09 -9.83 -18.62
CA LEU D 301 -2.47 -10.53 -17.50
C LEU D 301 -3.13 -10.06 -16.21
N SER D 302 -3.83 -10.97 -15.54
CA SER D 302 -4.60 -10.62 -14.35
C SER D 302 -4.46 -11.76 -13.34
N TYR D 303 -3.96 -11.44 -12.15
CA TYR D 303 -3.93 -12.40 -11.07
C TYR D 303 -5.26 -12.40 -10.34
N ARG D 304 -5.78 -13.60 -10.08
CA ARG D 304 -7.10 -13.77 -9.49
C ARG D 304 -7.01 -14.80 -8.38
N LYS D 305 -7.44 -14.43 -7.19
CA LYS D 305 -7.53 -15.37 -6.09
C LYS D 305 -8.73 -16.28 -6.31
N VAL D 306 -8.51 -17.58 -6.17
CA VAL D 306 -9.57 -18.58 -6.31
C VAL D 306 -10.12 -18.88 -4.92
N HIS D 307 -11.39 -18.59 -4.71
CA HIS D 307 -12.03 -18.89 -3.44
C HIS D 307 -11.93 -20.37 -3.13
N TRP D 308 -12.11 -20.71 -1.86
CA TRP D 308 -11.95 -22.09 -1.42
C TRP D 308 -13.01 -23.03 -1.96
N ASP D 309 -14.05 -22.50 -2.58
CA ASP D 309 -15.03 -23.32 -3.30
C ASP D 309 -14.66 -23.48 -4.78
N GLY D 310 -13.54 -22.91 -5.21
CA GLY D 310 -13.12 -22.98 -6.59
C GLY D 310 -13.68 -21.91 -7.49
N SER D 311 -14.56 -21.06 -6.98
CA SER D 311 -15.22 -20.03 -7.79
C SER D 311 -14.36 -18.78 -7.81
N PHE D 312 -13.73 -18.53 -8.95
CA PHE D 312 -12.97 -17.30 -9.16
C PHE D 312 -13.60 -16.52 -10.30
N SER D 313 -13.72 -15.21 -10.11
CA SER D 313 -14.47 -14.34 -11.01
C SER D 313 -13.54 -13.49 -11.85
N TYR D 314 -13.88 -13.35 -13.13
CA TYR D 314 -13.13 -12.52 -14.06
C TYR D 314 -14.11 -11.78 -14.96
N LYS D 315 -14.11 -10.46 -14.87
CA LYS D 315 -14.97 -9.59 -15.68
C LYS D 315 -16.41 -10.09 -15.65
N GLY D 316 -16.89 -10.41 -14.46
CA GLY D 316 -18.27 -10.79 -14.26
C GLY D 316 -18.59 -12.25 -14.50
N GLU D 317 -17.63 -13.05 -14.96
CA GLU D 317 -17.85 -14.47 -15.22
C GLU D 317 -17.16 -15.27 -14.13
N GLN D 318 -17.92 -16.09 -13.42
CA GLN D 318 -17.43 -16.88 -12.31
C GLN D 318 -17.14 -18.30 -12.78
N TRP D 319 -15.87 -18.66 -12.87
CA TRP D 319 -15.46 -19.99 -13.28
C TRP D 319 -15.15 -20.85 -12.06
N LEU D 320 -15.41 -22.14 -12.19
CA LEU D 320 -15.17 -23.12 -11.14
C LEU D 320 -14.01 -24.01 -11.55
N LEU D 321 -13.09 -24.26 -10.61
CA LEU D 321 -11.94 -25.12 -10.82
C LEU D 321 -12.00 -26.29 -9.85
N SER D 322 -10.97 -27.13 -9.90
CA SER D 322 -10.88 -28.30 -9.05
C SER D 322 -10.18 -27.96 -7.73
N ALA D 323 -10.31 -28.88 -6.77
CA ALA D 323 -9.74 -28.67 -5.45
C ALA D 323 -8.23 -28.56 -5.48
N GLU D 324 -7.59 -29.04 -6.53
CA GLU D 324 -6.12 -29.02 -6.58
C GLU D 324 -5.59 -27.59 -6.51
N TYR D 325 -6.31 -26.64 -7.12
CA TYR D 325 -5.85 -25.26 -7.20
C TYR D 325 -6.79 -24.31 -6.45
N ALA D 326 -7.56 -24.82 -5.49
CA ALA D 326 -8.45 -23.97 -4.71
C ALA D 326 -7.68 -23.22 -3.63
N GLY D 327 -8.03 -21.95 -3.45
CA GLY D 327 -7.39 -21.11 -2.45
C GLY D 327 -6.14 -20.42 -2.91
N LYS D 328 -5.66 -20.71 -4.12
CA LYS D 328 -4.45 -20.09 -4.65
C LYS D 328 -4.81 -18.99 -5.64
N GLU D 329 -3.80 -18.21 -6.00
CA GLU D 329 -3.94 -17.14 -6.98
C GLU D 329 -3.36 -17.60 -8.31
N ILE D 330 -4.11 -17.39 -9.39
CA ILE D 330 -3.72 -17.86 -10.71
C ILE D 330 -3.70 -16.71 -11.68
N LEU D 331 -2.84 -16.81 -12.70
CA LEU D 331 -2.75 -15.81 -13.74
C LEU D 331 -3.69 -16.20 -14.88
N VAL D 332 -4.66 -15.34 -15.15
CA VAL D 332 -5.69 -15.60 -16.14
C VAL D 332 -5.36 -14.75 -17.36
N LYS D 333 -4.62 -15.34 -18.31
CA LYS D 333 -4.27 -14.63 -19.53
C LYS D 333 -5.45 -14.68 -20.48
N GLU D 334 -5.99 -13.53 -20.83
CA GLU D 334 -7.14 -13.44 -21.74
C GLU D 334 -6.66 -12.94 -23.09
N ARG D 335 -6.71 -13.81 -24.10
CA ARG D 335 -6.41 -13.37 -25.45
C ARG D 335 -7.49 -12.42 -25.95
N LEU D 336 -7.08 -11.50 -26.82
CA LEU D 336 -8.02 -10.50 -27.32
C LEU D 336 -9.20 -11.14 -28.04
N ASN D 337 -9.01 -12.33 -28.61
CA ASN D 337 -10.11 -13.02 -29.27
C ASN D 337 -11.21 -13.35 -28.27
N GLY D 338 -10.83 -13.79 -27.08
CA GLY D 338 -11.80 -14.11 -26.04
C GLY D 338 -11.43 -15.34 -25.24
N ASP D 339 -10.49 -16.12 -25.75
CA ASP D 339 -10.06 -17.33 -25.06
C ASP D 339 -9.35 -16.98 -23.76
N ILE D 340 -9.58 -17.81 -22.75
CA ILE D 340 -9.01 -17.61 -21.42
C ILE D 340 -8.09 -18.79 -21.12
N ARG D 341 -6.87 -18.50 -20.69
CA ARG D 341 -5.90 -19.52 -20.32
C ARG D 341 -5.45 -19.28 -18.88
N LEU D 342 -5.62 -20.29 -18.04
CA LEU D 342 -5.30 -20.18 -16.63
C LEU D 342 -3.96 -20.85 -16.35
N TYR D 343 -3.04 -20.11 -15.74
CA TYR D 343 -1.72 -20.61 -15.37
C TYR D 343 -1.58 -20.52 -13.85
N PHE D 344 -1.25 -21.65 -13.23
CA PHE D 344 -1.06 -21.73 -11.79
C PHE D 344 0.41 -22.00 -11.51
N ARG D 345 1.13 -20.96 -11.10
CA ARG D 345 2.55 -21.08 -10.77
C ARG D 345 3.34 -21.67 -11.93
N GLY D 346 2.99 -21.25 -13.15
CA GLY D 346 3.64 -21.70 -14.36
C GLY D 346 3.01 -22.94 -14.98
N GLU D 347 2.42 -23.81 -14.18
CA GLU D 347 1.81 -25.03 -14.68
C GLU D 347 0.42 -24.71 -15.20
N GLU D 348 0.26 -24.73 -16.52
CA GLU D 348 -1.02 -24.43 -17.12
C GLU D 348 -2.05 -25.47 -16.71
N ILE D 349 -3.29 -25.02 -16.50
CA ILE D 349 -4.39 -25.89 -16.11
C ILE D 349 -5.28 -26.10 -17.32
N SER D 350 -6.04 -27.20 -17.30
CA SER D 350 -6.93 -27.52 -18.41
C SER D 350 -7.85 -26.36 -18.73
N HIS D 351 -7.95 -26.05 -20.02
CA HIS D 351 -8.77 -24.94 -20.48
C HIS D 351 -10.24 -25.27 -20.23
N VAL D 352 -10.84 -24.61 -19.24
CA VAL D 352 -12.24 -24.85 -18.89
C VAL D 352 -13.13 -24.32 -20.01
N ASP D 353 -14.42 -24.66 -19.96
CA ASP D 353 -15.33 -24.25 -21.01
C ASP D 353 -15.29 -22.73 -21.19
N GLN D 354 -15.20 -22.31 -22.44
CA GLN D 354 -15.09 -20.90 -22.79
C GLN D 354 -16.06 -20.56 -23.92
N GLN D 355 -17.32 -20.99 -23.78
CA GLN D 355 -18.35 -20.58 -24.73
C GLN D 355 -18.60 -19.09 -24.60
N LYS D 356 -18.63 -18.39 -25.74
CA LYS D 356 -18.75 -16.93 -25.75
C LYS D 356 -20.20 -16.51 -25.58
N LYS D 357 -20.79 -16.95 -24.48
CA LYS D 357 -22.14 -16.55 -24.09
C LYS D 357 -22.19 -16.52 -22.57
N VAL D 358 -22.19 -15.32 -22.00
CA VAL D 358 -22.18 -15.15 -20.55
C VAL D 358 -23.34 -15.95 -19.96
N ILE D 359 -23.03 -16.89 -19.08
CA ILE D 359 -24.02 -17.80 -18.51
C ILE D 359 -23.97 -17.68 -17.00
N SER D 360 -25.12 -17.95 -16.36
CA SER D 360 -25.22 -17.79 -14.92
C SER D 360 -24.34 -18.80 -14.20
N PHE D 361 -23.92 -18.43 -12.98
CA PHE D 361 -23.02 -19.28 -12.22
C PHE D 361 -23.67 -20.60 -11.82
N ALA D 362 -24.98 -20.60 -11.58
CA ALA D 362 -25.66 -21.85 -11.25
C ALA D 362 -25.56 -22.85 -12.38
N GLU D 363 -25.56 -22.38 -13.63
CA GLU D 363 -25.38 -23.29 -14.76
C GLU D 363 -24.01 -23.96 -14.70
N LYS D 364 -22.96 -23.20 -14.35
CA LYS D 364 -21.64 -23.80 -14.22
C LYS D 364 -21.57 -24.75 -13.03
N ILE D 365 -22.26 -24.42 -11.94
CA ILE D 365 -22.36 -25.35 -10.82
C ILE D 365 -22.94 -26.67 -11.29
N LYS D 366 -24.06 -26.61 -12.03
CA LYS D 366 -24.67 -27.82 -12.55
C LYS D 366 -23.73 -28.57 -13.49
N LYS D 367 -23.05 -27.83 -14.37
CA LYS D 367 -22.15 -28.44 -15.33
C LYS D 367 -21.06 -29.24 -14.62
N LYS D 368 -20.39 -28.61 -13.65
CA LYS D 368 -19.32 -29.30 -12.93
C LYS D 368 -19.88 -30.44 -12.08
N GLN D 369 -21.05 -30.25 -11.47
CA GLN D 369 -21.63 -31.28 -10.64
C GLN D 369 -21.94 -32.54 -11.45
N THR D 370 -22.45 -32.36 -12.67
CA THR D 370 -22.74 -33.50 -13.52
C THR D 370 -21.47 -34.07 -14.14
N GLU D 371 -20.48 -33.23 -14.44
CA GLU D 371 -19.24 -33.71 -15.05
C GLU D 371 -18.43 -34.55 -14.09
N MET D 372 -18.32 -34.11 -12.83
CA MET D 372 -17.50 -34.85 -11.87
C MET D 372 -18.05 -36.25 -11.63
N ALA D 373 -19.37 -36.38 -11.55
CA ALA D 373 -20.01 -37.66 -11.31
C ALA D 373 -20.45 -38.29 -12.64
#